data_2FL9
#
_entry.id   2FL9
#
_cell.length_a   1.0
_cell.length_b   1.0
_cell.length_c   1.0
_cell.angle_alpha   90.0
_cell.angle_beta   90.0
_cell.angle_gamma   90.0
#
_symmetry.space_group_name_H-M   'P 1'
#
_entity_poly.entity_id   1
_entity_poly.type   'polypeptide(L)'
_entity_poly.pdbx_seq_one_letter_code
;MKQNINIGNVVDDGTGDYLRKGGIKINENFDELYYELGDGDVPYSAGAWKTYNASSGQTLTAEWGKSYAINTSSGRVTIN
LPKGTVNDYNKVIRARDVFATWNVNPVTLVAASGDTIKGSAVPVEINVRFSDLELVYCAPGRWEYVKNKQIDKITSSDIS
NVARKEFLVEVQGQTDFLDVFRGTSYNVNNIRVKHRGNELYYGDVFSENSDFGSPGENEGELVPLDGFNIRLRQPCNIGD
TVQIETFMDGVSQWRSSYTRRQIRLLDSKLTSKTSLEGSIYVTDLSTMKSIPFSAFGLIPGEPINPNSLEVRFNGILQEL
AGTVGMPLFHCVGADSDDEVECSVLGGTWEQSHTDYSVETDENGIPEILHFDSVFEHGDIINITWFNNDLGTLLTKDEII
DETDNLYVSQGPGVDISGDVNLTDFDKIGWPNVEAVQSYQREFNAVSNIFDTIYPIGTIYENAVNPNNPVTYMGFGSWKL
FGQGKVLVGWNEDISDPNFALNNNDLDSGGNPSHTAGGTGGSTSVTLENTNLPATETDEEVLIVDENGSVIVGGCQYDPD
ESGPIYTKYREAKASTNSTHTPPTSITNIQPYITVYRWIRIA
;
_entity_poly.pdbx_strand_id   A,B,C,D,E,F,G,H,I,J,K,L,M,N,O,P,Q,R
#
# COMPACT_ATOMS: atom_id res chain seq x y z
CA MET A 1 236.29 70.95 -14.29
CA LYS A 2 236.48 67.28 -14.97
CA GLN A 3 238.18 66.27 -18.17
CA ASN A 4 237.43 63.15 -20.15
CA ILE A 5 239.58 61.26 -22.62
CA ASN A 6 238.46 61.77 -26.17
CA ILE A 7 238.14 58.20 -27.34
CA GLY A 8 236.74 59.51 -30.58
CA ASN A 9 240.23 60.32 -31.74
CA VAL A 10 242.83 57.58 -31.65
CA VAL A 11 243.99 56.09 -34.88
CA ASP A 12 243.56 59.53 -36.28
CA ASP A 13 245.92 61.20 -33.78
CA GLY A 14 249.41 59.89 -33.19
CA THR A 15 250.34 58.31 -29.89
CA GLY A 16 252.45 61.26 -28.94
CA ASP A 17 249.56 63.71 -28.90
CA TYR A 18 247.03 61.35 -27.39
CA LEU A 19 249.23 60.49 -24.46
CA ARG A 20 250.15 64.07 -23.74
CA LYS A 21 246.61 65.34 -24.01
CA GLY A 22 245.30 62.32 -22.19
CA GLY A 23 247.90 62.24 -19.46
CA ILE A 24 247.43 65.84 -18.54
CA LYS A 25 243.75 65.21 -18.27
CA ILE A 26 244.36 62.23 -16.03
CA ASN A 27 246.61 64.19 -13.74
CA GLU A 28 244.26 67.15 -13.63
CA ASN A 29 241.30 65.12 -12.46
CA PHE A 30 243.13 63.16 -9.83
CA ASP A 31 244.68 66.30 -8.48
CA GLU A 32 241.26 67.78 -8.04
CA LEU A 33 240.13 64.69 -6.17
CA TYR A 34 243.23 64.39 -4.02
CA TYR A 35 243.15 68.00 -2.94
CA GLU A 36 239.56 67.77 -1.83
CA LEU A 37 240.11 64.45 0.02
CA GLY A 38 243.55 65.09 1.38
CA ASP A 39 245.39 67.87 3.07
CA GLY A 40 247.80 68.01 0.30
CA ASP A 41 247.90 64.36 1.37
CA VAL A 42 246.37 61.00 0.28
CA PRO A 43 242.67 60.30 0.22
CA TYR A 44 240.91 60.16 3.55
CA SER A 45 237.57 58.42 3.77
CA ALA A 46 236.62 60.66 6.64
CA GLY A 47 237.47 63.52 4.37
CA ALA A 48 239.84 66.31 5.15
CA TRP A 49 239.89 69.80 6.61
CA LYS A 50 242.43 71.93 4.78
CA THR A 51 244.86 73.87 6.88
CA TYR A 52 246.00 77.07 5.29
CA ASN A 53 247.52 80.30 6.44
CA ALA A 54 245.96 83.73 6.60
CA SER A 55 247.72 84.56 3.38
CA SER A 56 245.84 81.68 1.84
CA GLY A 57 243.08 82.43 -0.58
CA GLN A 58 242.97 82.46 -4.32
CA THR A 59 241.30 85.74 -3.67
CA LEU A 60 240.17 87.35 -0.49
CA THR A 61 237.23 85.00 -0.55
CA ALA A 62 237.62 81.25 -0.35
CA GLU A 63 236.15 78.71 -2.73
CA TRP A 64 232.95 77.05 -1.78
CA GLY A 65 232.80 73.33 -1.11
CA LYS A 66 236.07 73.57 0.77
CA SER A 67 236.78 72.54 4.34
CA TYR A 68 238.84 74.49 6.83
CA ALA A 69 240.69 73.50 9.92
CA ILE A 70 241.30 76.83 11.56
CA ASN A 71 243.96 77.73 13.99
CA THR A 72 243.71 81.08 15.59
CA SER A 73 246.56 80.50 17.97
CA SER A 74 248.47 83.50 16.71
CA GLY A 75 245.43 85.56 15.87
CA ARG A 76 241.69 85.37 15.27
CA VAL A 77 241.64 84.78 11.50
CA THR A 78 238.89 85.96 9.20
CA ILE A 79 237.46 83.83 6.46
CA ASN A 80 235.40 85.15 3.56
CA LEU A 81 233.00 82.93 1.70
CA PRO A 82 232.51 83.32 -1.97
CA LYS A 83 229.14 84.05 -3.45
CA GLY A 84 227.44 80.72 -3.67
CA THR A 85 224.64 78.80 -5.23
CA VAL A 86 221.97 76.59 -3.66
CA ASN A 87 223.23 74.17 -1.02
CA ASP A 88 223.90 71.26 -3.30
CA TYR A 89 226.15 73.77 -4.88
CA ASN A 90 227.22 75.37 -1.70
CA LYS A 91 228.42 73.94 1.57
CA VAL A 92 231.51 74.97 3.50
CA ILE A 93 232.65 73.42 6.75
CA ARG A 94 235.08 74.47 9.43
CA ALA A 95 236.65 72.71 12.40
CA ARG A 96 238.93 73.69 15.24
CA ASP A 97 241.14 70.70 16.00
CA VAL A 98 243.87 72.83 17.56
CA PHE A 99 241.40 74.21 20.08
CA ALA A 100 242.64 77.69 19.24
CA THR A 101 239.25 79.39 18.93
CA TRP A 102 238.37 81.59 21.84
CA ASN A 103 237.02 85.03 22.63
CA VAL A 104 240.54 86.35 22.32
CA ASN A 105 241.15 84.73 18.97
CA PRO A 106 237.81 84.09 17.43
CA VAL A 107 237.14 82.98 13.95
CA THR A 108 235.00 85.37 12.03
CA LEU A 109 232.99 84.31 9.05
CA VAL A 110 233.02 87.00 6.43
CA ALA A 111 230.55 89.69 7.31
CA ALA A 112 227.49 87.93 6.10
CA SER A 113 229.46 85.71 3.78
CA GLY A 114 229.14 86.53 0.13
CA ASP A 115 226.11 88.71 0.97
CA THR A 116 224.16 87.86 4.05
CA ILE A 117 223.58 85.12 6.57
CA LYS A 118 220.06 84.46 7.80
CA GLY A 119 218.92 85.24 11.26
CA SER A 120 220.22 88.62 10.19
CA ALA A 121 223.72 88.26 11.32
CA VAL A 122 226.59 90.68 11.52
CA PRO A 123 229.83 88.87 10.79
CA VAL A 124 229.30 85.63 12.52
CA GLU A 125 231.83 85.46 15.26
CA ILE A 126 232.48 82.15 16.79
CA ASN A 127 234.46 81.83 19.95
CA VAL A 128 233.31 78.33 20.70
CA ARG A 129 236.17 76.00 21.32
CA PHE A 130 236.54 72.78 19.31
CA SER A 131 233.60 73.81 17.24
CA ASP A 132 232.36 72.67 13.88
CA LEU A 133 230.71 75.30 11.76
CA GLU A 134 228.71 74.54 8.69
CA LEU A 135 227.50 77.19 6.32
CA VAL A 136 224.96 76.37 3.68
CA TYR A 137 223.65 78.46 0.87
CA CYS A 138 219.87 78.63 1.23
CA ALA A 139 219.16 80.53 -1.94
CA PRO A 140 221.07 81.87 -4.89
CA GLY A 141 218.33 83.58 -6.88
CA ARG A 142 220.30 86.47 -8.29
CA TRP A 143 221.32 88.81 -5.49
CA GLU A 144 219.38 86.30 -3.44
CA TYR A 145 222.62 84.80 -2.04
CA VAL A 146 221.57 83.83 1.45
CA LYS A 147 223.44 81.61 3.87
CA ASN A 148 222.53 80.02 7.16
CA LYS A 149 224.72 78.17 9.60
CA GLN A 150 224.91 75.73 12.46
CA ILE A 151 227.48 75.27 15.19
CA ASP A 152 228.22 71.98 16.87
CA LYS A 153 230.86 70.78 19.27
CA ILE A 154 233.35 68.45 17.68
CA THR A 155 233.81 66.52 20.88
CA SER A 156 231.29 65.81 23.49
CA SER A 157 230.86 63.50 26.32
CA ASP A 158 228.25 61.38 24.64
CA ILE A 159 225.44 63.26 23.09
CA SER A 160 223.89 59.96 22.14
CA LEU A 406 214.34 29.81 52.26
CA TYR A 407 214.56 26.09 51.38
CA VAL A 408 214.21 22.93 53.44
CA SER A 409 217.65 21.36 54.17
CA GLN A 410 218.12 17.65 53.40
CA GLY A 411 219.78 17.39 56.82
CA PRO A 412 222.12 14.60 57.64
CA GLY A 413 221.05 11.46 56.06
CA VAL A 414 219.76 8.61 58.21
CA ASP A 415 220.88 5.02 58.51
CA ILE A 416 217.83 2.89 57.68
CA SER A 417 218.78 -0.34 59.38
CA GLY A 418 215.33 -1.82 60.07
CA ASP A 419 213.47 -1.69 56.76
CA VAL A 420 211.60 -4.70 55.38
CA ASN A 421 210.22 -5.75 52.02
CA LEU A 422 207.41 -8.12 51.16
CA THR A 423 208.17 -11.27 49.19
CA ASP A 424 204.48 -12.05 48.45
CA PHE A 425 201.97 -9.43 47.33
CA ASP A 426 199.03 -11.83 47.07
CA LYS A 427 198.95 -13.33 50.57
CA ILE A 428 200.46 -10.52 52.64
CA GLY A 429 202.53 -11.00 55.79
CA TRP A 430 204.91 -13.22 57.64
CA PRO A 431 206.53 -15.54 56.65
CA ASN A 432 206.89 -13.68 53.29
CA VAL A 433 208.75 -10.64 54.63
CA GLU A 434 212.49 -10.02 54.40
CA ALA A 435 214.91 -7.76 56.17
CA VAL A 436 216.64 -5.06 54.07
CA GLN A 437 220.35 -4.54 54.77
CA SER A 438 221.18 -1.17 56.26
CA TYR A 439 221.30 1.67 53.78
CA GLN A 440 221.67 5.45 53.94
CA ARG A 441 218.62 7.51 53.14
CA GLU A 442 219.37 11.02 51.91
CA PHE A 443 216.38 13.33 51.51
CA ASN A 444 217.17 14.29 47.93
CA ALA A 445 213.50 14.79 47.01
CA VAL A 446 209.99 14.62 48.36
CA SER A 447 209.81 10.92 47.49
CA ASN A 448 212.50 10.18 50.05
CA ILE A 449 210.56 12.09 52.75
CA PHE A 450 207.46 10.08 51.83
CA ASP A 451 209.40 6.83 52.36
CA THR A 452 210.41 8.01 55.85
CA ILE A 453 206.80 8.82 56.78
CA TYR A 454 205.10 5.85 55.13
CA PRO A 455 207.64 3.04 55.00
CA ILE A 456 206.63 -0.35 53.58
CA GLY A 457 204.07 -2.02 55.84
CA THR A 458 202.54 1.27 57.04
CA ILE A 459 198.82 1.18 57.64
CA TYR A 460 196.92 4.20 56.29
CA GLU A 461 193.23 4.89 56.80
CA ASN A 462 190.89 7.34 55.08
CA ALA A 463 187.26 7.69 56.13
CA VAL A 464 185.83 8.79 52.78
CA ASN A 465 188.23 8.54 49.87
CA PRO A 466 187.62 5.16 48.12
CA ASN A 467 190.51 5.45 45.68
CA ASN A 468 193.93 3.84 45.87
CA PRO A 469 196.16 6.22 47.94
CA VAL A 470 198.76 6.58 45.15
CA THR A 471 196.12 8.55 43.18
CA TYR A 472 195.82 11.18 45.93
CA MET A 473 199.21 11.03 47.63
CA GLY A 474 201.43 10.60 44.57
CA PHE A 475 203.70 7.88 45.98
CA GLY A 476 203.81 4.23 47.06
CA SER A 477 202.05 1.00 46.11
CA TRP A 478 199.05 0.26 48.30
CA LYS A 479 196.58 -2.61 48.89
CA LEU A 480 193.44 -2.80 51.01
CA PHE A 481 194.29 -4.30 54.40
CA GLY A 482 192.31 -5.94 57.18
CA GLN A 483 188.96 -5.83 55.38
CA GLY A 484 186.22 -6.65 57.86
CA LYS A 485 188.74 -6.53 60.75
CA VAL A 486 189.64 -4.35 63.70
CA LEU A 487 193.36 -3.87 64.31
CA VAL A 488 194.73 -5.17 67.62
CA GLY A 489 198.16 -4.20 68.85
CA TRP A 490 200.57 -7.10 68.63
CA ASN A 491 201.82 -8.15 72.03
CA GLU A 492 205.53 -8.62 72.77
CA ASP A 493 204.32 -10.74 75.76
CA ILE A 494 204.24 -14.21 74.31
CA SER A 495 201.80 -15.41 76.93
CA ASP A 496 198.99 -13.37 75.32
CA PRO A 497 196.71 -16.15 74.05
CA ASN A 498 195.21 -14.08 71.21
CA PHE A 499 197.50 -11.26 70.12
CA ALA A 500 201.10 -12.48 70.27
CA LEU A 501 201.37 -15.61 68.13
CA ASN A 502 200.60 -15.66 64.43
CA ASN A 503 198.25 -18.53 63.44
CA ASN A 504 198.90 -17.60 59.79
CA ASP A 505 202.66 -18.34 60.03
CA LEU A 506 203.25 -21.80 61.43
CA ASP A 507 206.51 -23.72 61.50
CA SER A 508 206.85 -27.35 60.53
CA GLY A 509 205.47 -28.51 63.90
CA GLY A 510 202.40 -26.26 63.50
CA ASN A 511 203.76 -23.67 65.98
CA PRO A 512 202.91 -20.02 65.33
CA SER A 513 205.59 -17.34 65.06
CA HIS A 514 205.81 -14.41 67.45
CA THR A 515 204.90 -11.88 64.75
CA ALA A 516 202.07 -9.54 63.87
CA GLY A 517 199.47 -10.79 61.41
CA GLY A 518 197.62 -13.27 63.59
CA THR A 519 193.86 -13.27 62.95
CA GLY A 520 190.80 -14.50 64.81
CA GLY A 521 187.51 -13.38 66.29
CA SER A 522 183.92 -13.82 65.34
CA THR A 523 181.04 -11.58 64.32
CA SER A 524 178.48 -13.52 66.43
CA VAL A 525 178.16 -16.25 69.00
CA THR A 526 175.59 -19.00 69.23
CA LEU A 527 175.22 -20.29 72.76
CA GLU A 528 175.51 -23.98 73.46
CA ASN A 529 174.55 -25.93 76.59
CA THR A 530 178.19 -26.03 77.72
CA ASN A 531 178.13 -22.20 78.03
CA LEU A 532 175.18 -22.15 80.45
CA PRO A 533 175.63 -21.93 84.24
CA ALA A 534 173.76 -24.13 86.65
CA THR A 535 170.15 -23.18 87.19
CA GLU A 536 167.18 -24.60 89.07
CA THR A 537 163.42 -24.24 88.93
CA ASP A 538 161.91 -21.37 90.88
CA GLU A 539 159.53 -23.78 92.74
CA GLU A 540 159.90 -27.31 93.99
CA VAL A 541 158.73 -30.10 91.69
CA LEU A 542 158.52 -33.90 92.09
CA ILE A 543 161.85 -35.42 91.13
CA VAL A 544 162.50 -39.12 90.67
CA ASP A 545 164.79 -40.25 93.46
CA GLU A 546 165.74 -43.78 94.41
CA ASN A 547 166.69 -42.26 97.80
CA GLY A 548 163.42 -40.27 97.98
CA SER A 549 160.75 -40.18 100.73
CA VAL A 550 157.74 -39.27 98.68
CA ILE A 551 155.57 -42.05 97.30
CA VAL A 552 153.59 -41.50 94.17
CA TYR A 566 142.60 -36.14 82.94
CA THR A 567 146.16 -37.12 82.00
CA LYS A 568 148.74 -39.57 82.92
CA TYR A 569 152.35 -38.54 83.43
CA ARG A 570 155.68 -39.77 82.33
CA GLU A 571 158.93 -39.93 84.23
CA ALA A 572 161.51 -38.06 82.16
CA LYS A 573 163.91 -35.16 82.13
CA ALA A 574 161.87 -32.07 81.26
CA SER A 575 163.12 -30.04 78.30
CA THR A 576 163.25 -26.30 77.94
CA ASN A 577 163.54 -24.67 74.50
CA SER A 578 163.69 -28.07 72.76
CA THR A 579 163.03 -26.41 69.37
CA HIS A 580 166.07 -24.10 69.63
CA THR A 581 168.27 -26.09 67.32
CA PRO A 582 170.06 -23.83 66.96
CA PRO A 583 169.09 -20.78 68.94
CA THR A 584 169.30 -17.23 67.58
CA SER A 585 172.89 -15.97 67.48
CA ILE A 586 173.98 -12.88 69.37
CA THR A 587 176.15 -10.07 68.03
CA ASN A 588 179.78 -10.04 69.01
CA ILE A 589 180.55 -6.66 67.37
CA GLN A 590 181.19 -3.57 69.50
CA PRO A 591 180.37 -0.06 68.18
CA TYR A 592 182.24 0.58 64.94
CA ILE A 593 182.59 2.73 61.89
CA THR A 594 184.22 1.41 58.72
CA VAL A 595 187.11 3.20 56.96
CA TYR A 596 189.17 2.57 53.84
CA ARG A 597 192.31 0.89 55.27
CA TRP A 598 195.43 0.25 53.24
CA ILE A 599 198.92 -1.20 53.62
CA ARG A 600 201.89 0.16 51.69
CA ILE A 601 203.25 -2.93 49.94
CA ALA A 602 206.13 -1.37 47.99
CA MET B 1 250.23 58.23 -2.09
CA LYS B 2 248.90 59.77 -5.23
CA GLN B 3 250.96 59.29 -8.34
CA ASN B 4 250.71 61.21 -11.56
CA ILE B 5 251.60 60.45 -15.13
CA ASN B 6 254.89 61.91 -16.14
CA ILE B 7 253.88 63.79 -19.26
CA GLY B 8 257.36 65.22 -19.42
CA ASN B 9 258.42 61.90 -20.87
CA VAL B 10 256.77 59.80 -23.58
CA VAL B 11 258.68 61.45 -26.32
CA ASP B 12 261.63 59.76 -24.71
CA ASP B 13 260.09 56.42 -23.83
CA GLY B 14 258.32 54.04 -26.17
CA THR B 15 254.64 53.34 -25.73
CA GLY B 16 255.27 50.00 -24.19
CA ASP B 17 256.92 51.45 -21.10
CA TYR B 18 254.72 54.50 -20.69
CA LEU B 19 251.54 52.48 -20.81
CA ARG B 20 252.83 50.02 -18.25
CA LYS B 21 254.15 52.72 -15.97
CA GLY B 22 251.09 54.84 -16.57
CA GLY B 23 248.52 52.10 -16.24
CA ILE B 24 249.80 50.93 -12.91
CA LYS B 25 249.72 54.53 -11.82
CA ILE B 26 246.10 54.90 -12.86
CA ASN B 27 245.15 51.64 -11.24
CA GLU B 28 246.83 52.62 -8.00
CA ASN B 29 245.15 56.00 -7.64
CA PHE B 30 241.67 54.79 -8.42
CA ASP B 31 242.08 51.92 -6.03
CA GLU B 32 242.92 54.50 -3.43
CA LEU B 33 239.74 56.42 -4.17
CA TYR B 34 237.47 53.43 -4.50
CA TYR B 35 238.59 51.92 -1.23
CA GLU B 36 237.95 55.11 0.65
CA LEU B 37 234.56 55.68 -1.00
CA GLY B 38 233.36 52.12 -1.26
CA ASP B 39 233.24 49.03 0.84
CA GLY B 40 235.29 47.25 -1.64
CA ASP B 41 232.32 48.51 -3.69
CA VAL B 42 231.57 51.47 -6.00
CA PRO B 43 231.82 55.08 -4.96
CA TYR B 44 229.19 56.21 -2.51
CA SER B 45 228.39 59.89 -2.22
CA ALA B 46 227.37 59.32 1.35
CA GLY B 47 230.79 57.85 1.81
CA ALA B 48 231.37 54.42 3.19
CA TRP B 49 232.12 52.63 6.43
CA LYS B 50 234.41 49.68 5.84
CA THR B 51 233.65 46.31 7.31
CA TYR B 52 236.73 44.60 8.64
CA ASN B 53 237.37 41.23 10.18
CA ALA B 54 238.60 40.86 13.70
CA SER B 55 241.96 40.27 12.21
CA SER B 56 242.85 43.21 10.08
CA GLY B 57 245.89 44.20 8.11
CA GLN B 58 248.16 45.32 10.88
CA THR B 59 245.60 44.71 13.55
CA LEU B 60 247.72 46.88 15.73
CA THR B 61 247.57 49.71 13.24
CA ALA B 62 244.49 51.33 11.86
CA GLU B 63 245.20 53.90 9.21
CA TRP B 64 243.92 57.29 10.11
CA GLY B 65 241.23 58.84 7.93
CA LYS B 66 239.51 55.47 7.69
CA SER B 67 235.89 54.69 8.48
CA TYR B 68 234.64 51.56 10.18
CA ALA B 69 231.30 49.86 10.54
CA ILE B 70 231.75 47.74 13.59
CA ASN B 71 230.05 44.50 14.31
CA THR B 72 230.43 43.02 17.73
CA SER B 73 227.66 40.51 17.39
CA SER B 74 230.01 37.62 17.88
CA GLY B 75 232.00 39.40 20.51
CA ARG B 76 233.59 42.67 21.56
CA VAL B 77 235.97 44.11 19.03
CA THR B 78 239.01 46.24 19.67
CA ILE B 79 240.38 48.74 17.20
CA ASN B 80 243.69 50.54 17.54
CA LEU B 81 244.34 53.92 16.00
CA PRO B 82 247.91 54.73 15.36
CA LYS B 83 249.83 57.92 15.99
CA GLY B 84 248.35 60.88 14.24
CA THR B 85 249.10 64.48 13.43
CA VAL B 86 247.13 67.57 14.34
CA ASN B 87 243.78 67.43 12.62
CA ASP B 88 245.65 66.91 9.30
CA TYR B 89 243.58 64.29 8.33
CA ASN B 90 243.55 62.77 11.69
CA LYS B 91 239.98 61.74 11.80
CA VAL B 92 238.61 58.25 12.26
CA ILE B 93 234.92 57.55 12.21
CA ARG B 94 232.96 54.56 13.40
CA ALA B 95 229.35 53.50 13.08
CA ARG B 96 227.32 50.50 14.13
CA ASP B 97 224.59 49.73 11.63
CA VAL B 98 224.02 46.27 13.07
CA PHE B 99 223.57 47.85 16.51
CA ALA B 100 225.62 44.97 17.87
CA THR B 101 227.44 47.23 20.30
CA TRP B 102 226.33 46.64 23.84
CA ASN B 103 227.72 46.23 27.33
CA VAL B 104 228.37 42.58 26.64
CA ASN B 105 230.16 43.18 23.38
CA PRO B 106 231.39 46.68 23.39
CA VAL B 107 233.62 48.48 20.95
CA THR B 108 236.90 49.38 22.50
CA LEU B 109 239.19 51.80 20.82
CA VAL B 110 242.88 51.37 21.58
CA ALA B 111 243.82 52.90 24.89
CA ALA B 112 242.43 56.24 23.98
CA SER B 113 244.09 56.10 20.56
CA GLY B 114 247.82 55.64 20.20
CA ASP B 115 248.71 57.63 23.31
CA THR B 116 245.66 59.05 24.96
CA ILE B 117 242.31 60.77 24.67
CA LYS B 118 241.77 63.92 26.66
CA GLY B 119 239.06 64.24 29.24
CA SER B 120 238.14 60.93 30.66
CA ALA B 121 241.13 59.25 29.20
CA VAL B 122 240.83 55.53 29.10
CA PRO B 123 240.47 52.97 26.47
CA VAL B 124 237.35 54.20 24.86
CA GLU B 125 234.68 51.68 25.49
CA ILE B 126 231.46 52.28 23.67
CA ASN B 127 228.37 50.61 25.07
CA VAL B 128 225.83 52.57 23.05
CA ARG B 129 224.14 50.69 20.23
CA PHE B 130 223.71 52.33 16.86
CA SER B 131 226.30 54.86 17.77
CA ASP B 132 228.59 57.07 15.74
CA LEU B 133 232.03 57.73 17.14
CA GLU B 134 234.41 60.31 15.80
CA LEU B 135 237.99 60.69 16.91
CA VAL B 136 240.10 63.70 16.07
CA TYR B 137 243.74 64.35 16.70
CA CYS B 138 243.92 67.55 18.73
CA ALA B 139 247.67 67.67 19.31
CA PRO B 140 250.66 66.16 17.66
CA GLY B 141 254.34 66.88 17.96
CA ARG B 142 256.16 64.28 19.95
CA TRP B 143 254.42 62.17 22.56
CA GLU B 144 251.83 64.93 22.60
CA TYR B 145 249.57 62.83 20.32
CA VAL B 146 246.25 63.54 21.91
CA LYS B 147 242.84 62.76 20.61
CA ASN B 148 239.37 63.72 21.67
CA LYS B 149 236.15 62.05 20.69
CA GLN B 150 232.42 62.53 20.37
CA ILE B 151 229.71 59.90 20.47
CA ASP B 152 226.24 60.39 19.07
CA LYS B 153 223.30 58.29 18.04
CA ILE B 154 223.14 57.50 14.37
CA THR B 155 219.44 57.18 14.26
CA SER B 156 216.05 57.94 15.68
CA SER B 157 217.46 61.30 16.50
CA ASP B 158 214.54 63.42 15.67
CA ILE B 159 216.67 66.11 17.02
CA SER B 160 215.32 68.66 14.65
CA LEU B 406 213.66 23.40 42.13
CA TYR B 407 213.69 23.16 45.94
CA VAL B 408 210.95 22.86 48.54
CA SER B 409 210.32 26.22 50.30
CA GLN B 410 210.29 26.24 54.12
CA GLY B 411 207.13 28.36 53.84
CA PRO B 412 206.00 30.54 56.66
CA GLY B 413 206.69 28.99 59.92
CA VAL B 414 203.80 27.78 62.07
CA ASP B 415 202.84 28.61 65.62
CA ILE B 416 202.79 25.30 67.50
CA SER B 417 200.53 26.21 70.40
CA GLY B 418 199.10 22.78 71.27
CA ASP B 419 202.10 20.48 71.64
CA VAL B 420 202.52 18.17 74.63
CA ASN B 421 205.36 16.22 76.18
CA LEU B 422 205.30 13.12 78.36
CA THR B 423 206.58 13.31 81.91
CA ASP B 424 206.67 9.50 82.40
CA PHE B 425 208.04 7.08 79.79
CA ASP B 426 207.36 3.93 81.83
CA LYS B 427 203.65 4.25 82.54
CA ILE B 428 202.46 6.28 79.56
CA GLY B 429 199.57 8.74 79.59
CA TRP B 430 197.58 11.18 81.64
CA PRO B 431 198.21 12.42 84.29
CA ASN B 432 201.92 12.43 83.23
CA VAL B 433 201.54 14.73 80.21
CA GLU B 434 202.38 18.44 80.10
CA ALA B 435 201.47 21.28 77.82
CA VAL B 436 204.33 22.91 75.85
CA GLN B 437 204.24 26.70 75.63
CA SER B 438 203.65 28.04 72.14
CA TYR B 439 206.71 28.04 69.92
CA GLN B 440 207.45 28.76 66.26
CA ARG B 441 208.32 25.81 64.07
CA GLU B 442 210.38 26.68 61.02
CA PHE B 443 210.92 23.86 58.51
CA ASN B 444 214.70 24.20 58.44
CA ALA B 445 215.24 20.50 57.71
CA VAL B 446 213.46 17.22 57.19
CA SER B 447 213.44 16.60 60.94
CA ASN B 448 211.13 19.56 61.42
CA ILE B 449 208.72 18.21 58.76
CA PHE B 450 208.77 14.84 60.55
CA ASP B 451 207.76 16.55 63.82
CA THR B 452 204.78 18.17 62.05
CA ILE B 453 203.62 14.82 60.66
CA TYR B 454 204.32 12.64 63.68
CA PRO B 455 204.14 14.88 66.74
CA ILE B 456 204.62 13.39 70.20
CA GLY B 457 201.74 11.06 71.05
CA THR B 458 201.13 10.00 67.43
CA ILE B 459 200.06 6.42 66.95
CA TYR B 460 201.82 4.62 64.08
CA GLU B 461 201.02 1.11 62.87
CA ASN B 462 202.94 -1.24 60.59
CA ALA B 463 201.55 -4.63 59.60
CA VAL B 464 204.86 -6.44 59.08
CA ASN B 465 207.92 -4.51 60.22
CA PRO B 466 208.76 -5.66 63.79
CA ASN B 467 211.54 -3.16 64.36
CA ASN B 468 211.43 0.10 66.28
CA PRO B 469 210.24 2.80 63.81
CA VAL B 470 213.34 4.99 64.35
CA THR B 471 215.36 2.27 62.54
CA TYR B 472 213.27 2.60 59.38
CA MET B 473 212.00 6.18 59.55
CA GLY B 474 215.13 7.89 60.89
CA PHE B 475 213.44 10.08 63.48
CA GLY B 476 211.60 10.04 66.81
CA SER B 477 211.57 7.89 69.94
CA TRP B 478 208.92 5.18 69.84
CA LYS B 479 207.38 2.60 72.21
CA LEU B 480 204.90 -0.20 71.59
CA PHE B 481 201.40 1.00 72.42
CA GLY B 482 198.08 -0.68 73.20
CA GLN B 483 199.43 -4.24 73.07
CA GLY B 484 196.51 -6.64 73.02
CA LYS B 485 194.07 -3.72 72.58
CA VAL B 486 191.82 -2.21 69.96
CA LEU B 487 191.80 1.59 69.80
CA VAL B 488 188.48 3.32 70.52
CA GLY B 489 187.93 6.96 69.72
CA TRP B 490 187.79 9.05 72.86
CA ASN B 491 184.44 10.69 73.30
CA GLU B 492 184.07 14.41 74.03
CA ASP B 493 180.55 13.48 75.32
CA ILE B 494 181.17 12.89 78.99
CA SER B 495 178.07 10.76 79.32
CA ASP B 496 179.72 7.95 77.35
CA PRO B 497 180.04 5.26 80.05
CA ASN B 498 183.05 3.55 78.47
CA PHE B 499 185.04 5.89 76.23
CA ALA B 500 185.06 9.35 77.81
CA LEU B 501 186.46 9.02 81.31
CA ASN B 502 189.93 7.71 82.07
CA ASN B 503 189.95 5.01 84.77
CA ASN B 504 193.76 5.19 84.72
CA ASP B 505 193.83 8.87 85.83
CA LEU B 506 191.76 9.36 88.97
CA ASP B 507 191.67 12.40 91.19
CA SER B 508 191.84 12.28 94.97
CA GLY B 509 188.15 11.32 95.21
CA GLY B 510 188.66 8.43 92.76
CA ASN B 511 187.02 10.36 89.87
CA PRO B 512 188.37 9.75 86.37
CA SER B 513 189.57 12.58 84.14
CA HIS B 514 187.94 13.39 80.82
CA THR B 515 191.01 12.32 78.82
CA ALA B 516 192.03 9.61 76.42
CA GLY B 517 193.80 6.58 77.84
CA GLY B 518 190.90 4.86 79.57
CA THR B 519 191.06 1.07 79.27
CA GLY B 520 188.60 -1.78 79.71
CA GLY B 521 187.01 -4.71 77.92
CA SER B 522 187.37 -8.42 78.13
CA THR B 523 188.51 -11.21 75.83
CA SER B 524 185.72 -13.59 76.97
CA VAL B 525 182.58 -13.76 79.04
CA THR B 526 181.42 -16.51 81.36
CA LEU B 527 177.67 -16.46 81.82
CA GLU B 528 176.19 -16.39 85.28
CA ASN B 529 172.62 -17.04 86.41
CA THR B 530 171.95 -13.31 86.68
CA ASN B 531 172.50 -12.99 82.90
CA LEU B 532 169.82 -15.52 81.99
CA PRO B 533 166.26 -14.51 81.03
CA ALA B 534 163.20 -16.18 82.43
CA THR B 535 162.44 -19.58 80.98
CA GLU B 536 159.93 -22.35 81.61
CA THR B 537 159.67 -26.05 80.85
CA ASP B 538 158.25 -26.99 77.47
CA GLU B 539 155.62 -29.28 79.13
CA GLU B 540 153.65 -29.03 82.34
CA VAL B 541 155.10 -30.76 85.40
CA LEU B 542 153.83 -31.24 88.98
CA ILE B 543 154.84 -28.23 91.04
CA VAL B 544 154.52 -27.99 94.82
CA ASP B 545 151.86 -25.41 95.58
CA GLU B 546 150.27 -24.65 98.92
CA ASN B 547 147.45 -23.08 96.84
CA GLY B 548 147.31 -26.11 94.48
CA SER B 549 144.34 -28.31 93.51
CA VAL B 550 146.15 -31.51 92.70
CA ILE B 551 146.60 -34.09 95.44
CA VAL B 552 149.50 -36.45 95.34
CA TYR B 566 160.19 -48.47 91.23
CA THR B 567 161.31 -45.19 92.79
CA LYS B 568 160.20 -42.73 95.28
CA TYR B 569 160.39 -39.01 94.59
CA ARG B 570 161.59 -35.99 96.41
CA GLU B 571 160.11 -32.53 96.55
CA ALA B 572 162.85 -30.13 95.47
CA LYS B 573 163.85 -27.51 92.94
CA ALA B 574 165.13 -29.38 89.89
CA SER B 575 168.60 -28.40 88.69
CA THR B 576 169.81 -28.02 85.15
CA ASN B 577 173.53 -28.08 84.33
CA SER B 578 174.47 -28.50 88.02
CA THR B 579 178.03 -29.50 87.04
CA HIS B 580 178.69 -26.27 85.10
CA THR B 581 180.74 -24.62 87.79
CA PRO B 582 181.83 -22.71 85.88
CA PRO B 583 180.47 -23.10 82.39
CA THR B 584 182.62 -22.79 79.25
CA SER B 585 183.45 -19.17 78.47
CA ILE B 586 182.46 -17.54 75.20
CA THR B 587 184.65 -15.35 73.01
CA ASN B 588 184.18 -11.63 73.21
CA ILE B 589 186.61 -10.81 70.36
CA GLN B 590 185.34 -9.61 66.98
CA PRO B 591 187.30 -10.31 63.76
CA TYR B 592 190.80 -8.89 64.05
CA ILE B 593 194.28 -8.81 62.65
CA THR B 594 197.25 -7.78 64.78
CA VAL B 595 199.71 -5.04 63.75
CA TYR B 596 202.84 -3.52 65.28
CA ARG B 597 201.47 -0.37 66.98
CA TRP B 598 203.68 2.34 68.39
CA ILE B 599 203.43 5.71 70.12
CA ARG B 600 205.97 8.48 69.56
CA ILE B 601 207.13 9.30 73.07
CA ALA B 602 209.73 11.98 72.32
CA MET C 1 231.78 49.25 -10.86
CA LYS C 2 235.35 50.36 -10.84
CA GLN C 3 237.35 49.27 -13.84
CA ASN C 4 241.09 48.83 -13.94
CA ILE C 5 243.53 48.97 -16.82
CA ASN C 6 244.74 45.57 -17.84
CA ILE C 7 248.47 46.10 -17.68
CA GLY C 8 249.00 42.43 -18.30
CA ASN C 9 248.27 43.09 -21.95
CA VAL C 10 249.61 45.87 -24.14
CA VAL C 11 252.57 43.86 -25.22
CA ASP C 12 250.02 41.70 -26.93
CA ASP C 13 247.64 44.32 -28.26
CA GLY C 14 248.40 47.31 -30.42
CA THR C 15 248.13 50.82 -29.12
CA GLY C 16 244.85 51.39 -30.85
CA ASP C 17 242.95 48.79 -28.85
CA TYR C 18 244.62 49.52 -25.54
CA LEU C 19 243.87 53.21 -25.71
CA ARG C 20 240.26 52.74 -26.60
CA LYS C 21 239.72 50.06 -24.03
CA GLY C 22 241.72 51.98 -21.48
CA GLY C 23 240.24 55.37 -22.18
CA ILE C 24 236.70 54.19 -21.76
CA LYS C 25 237.73 52.71 -18.46
CA ILE C 26 239.25 55.97 -17.30
CA ASN C 27 236.21 57.89 -18.42
CA GLU C 28 233.88 55.55 -16.60
CA ASN C 29 235.65 55.66 -13.27
CA PHE C 30 236.07 59.40 -13.11
CA ASP C 31 232.49 59.91 -14.11
CA GLU C 32 231.52 57.77 -11.19
CA LEU C 33 233.62 59.85 -8.83
CA TYR C 34 232.63 63.24 -10.17
CA TYR C 35 228.96 62.46 -10.08
CA GLU C 36 229.15 61.41 -6.48
CA LEU C 37 231.26 64.42 -5.44
CA GLY C 38 229.71 67.04 -7.66
CA ASP C 39 226.20 67.93 -8.56
CA GLY C 40 227.31 67.99 -12.05
CA ASP C 41 230.24 70.26 -11.54
CA VAL C 42 233.61 69.85 -9.74
CA PRO C 43 234.54 67.81 -6.76
CA TYR C 44 233.33 69.23 -3.47
CA SER C 45 235.26 68.55 -0.31
CA ALA C 46 232.05 69.20 1.53
CA GLY C 47 230.52 66.64 -0.74
CA ALA C 48 227.44 67.31 -2.74
CA TRP C 49 223.74 66.67 -2.60
CA LYS C 50 222.30 65.90 -6.01
CA THR C 51 219.41 67.95 -7.28
CA TYR C 52 217.00 65.96 -9.37
CA ASN C 53 213.64 66.68 -10.87
CA ALA C 54 210.58 64.82 -9.75
CA SER C 55 210.62 62.14 -12.39
CA SER C 56 213.46 59.76 -12.24
CA GLY C 57 216.89 59.90 -10.76
CA GLN C 58 219.43 58.01 -12.71
CA THR C 59 216.39 55.82 -12.67
CA LEU C 60 213.43 55.37 -10.41
CA THR C 61 214.25 53.90 -7.02
CA ALA C 62 217.33 55.96 -6.43
CA GLU C 63 220.56 54.14 -5.85
CA TRP C 64 222.05 53.29 -2.50
CA GLY C 65 224.79 55.67 -1.38
CA LYS C 66 223.37 58.72 -3.11
CA SER C 67 222.58 62.09 -1.59
CA TYR C 68 219.77 64.43 -2.51
CA ALA C 69 218.85 68.03 -1.95
CA ILE C 70 215.08 68.02 -2.00
CA ASN C 71 212.99 70.77 -3.48
CA THR C 72 209.30 70.59 -2.73
CA SER C 73 208.42 74.19 -3.41
CA SER C 74 206.23 73.24 -6.33
CA GLY C 75 204.76 70.29 -4.54
CA ARG C 76 205.62 67.38 -2.29
CA VAL C 77 208.16 64.97 -3.67
CA THR C 78 208.37 61.22 -3.19
CA ILE C 79 211.64 59.37 -3.24
CA ASN C 80 212.15 55.64 -3.24
CA LEU C 81 215.24 53.67 -2.38
CA PRO C 82 216.18 50.26 -3.46
CA LYS C 83 216.63 47.46 -1.00
CA GLY C 84 220.04 47.61 0.55
CA THR C 85 222.45 45.52 2.54
CA VAL C 86 223.56 46.25 6.04
CA ASN C 87 225.55 49.37 6.10
CA ASP C 88 227.51 48.35 2.99
CA TYR C 89 226.33 51.31 1.52
CA ASN C 90 223.48 51.50 3.86
CA LYS C 91 223.35 55.24 3.70
CA VAL C 92 221.26 57.60 1.67
CA ILE C 93 221.13 61.16 2.88
CA ARG C 94 218.91 64.11 2.09
CA ALA C 95 219.01 67.79 2.92
CA ARG C 96 216.70 70.68 2.28
CA ASP C 97 218.66 73.76 1.33
CA VAL C 98 215.61 75.51 -0.06
CA PHE C 99 213.66 75.02 3.14
CA ALA C 100 210.81 73.97 0.86
CA THR C 101 209.60 71.14 3.07
CA TRP C 102 206.48 71.86 4.99
CA ASN C 103 203.26 70.13 5.90
CA VAL C 104 201.79 71.20 2.59
CA ASN C 105 204.69 69.95 0.51
CA PRO C 106 206.32 67.25 2.50
CA VAL C 107 209.06 64.93 1.48
CA THR C 108 207.65 61.47 1.49
CA LEU C 109 210.45 59.13 1.82
CA VAL C 110 209.94 55.60 1.22
CA ALA C 111 213.54 56.70 0.88
CA ALA C 112 215.62 53.80 1.74
CA SER C 113 212.47 51.75 1.78
CA GLY C 114 211.87 48.75 -0.24
CA ASP C 115 210.59 47.05 2.86
CA THR C 116 210.24 48.82 6.13
CA ILE C 117 211.64 51.63 8.19
CA LYS C 118 212.21 51.22 11.89
CA GLY C 119 209.26 51.85 14.10
CA SER C 120 205.77 51.22 12.86
CA ALA C 121 206.88 53.81 10.36
CA VAL C 122 205.89 53.23 6.78
CA PRO C 123 207.13 55.66 4.24
CA VAL C 124 208.34 58.51 6.36
CA GLU C 125 206.80 61.91 5.97
CA ILE C 126 209.16 64.77 6.62
CA ASN C 127 207.45 68.01 7.61
CA VAL C 128 210.51 69.74 9.04
CA ARG C 129 211.97 72.50 6.92
CA PHE C 130 215.73 72.76 6.49
CA SER C 131 216.11 69.24 7.76
CA ASP C 132 218.69 66.56 7.16
CA LEU C 133 217.48 63.00 6.92
CA GLU C 134 219.82 60.07 7.00
CA LEU C 135 218.71 56.53 6.24
CA VAL C 136 220.79 53.54 7.20
CA TYR C 137 220.34 49.89 6.44
CA CYS C 138 220.22 48.07 9.78
CA ALA C 139 219.68 44.52 8.58
CA PRO C 140 219.71 42.75 5.25
CA GLY C 141 218.73 39.19 6.11
CA ARG C 142 216.77 38.21 3.05
CA TRP C 143 213.39 39.97 3.23
CA GLU C 144 214.97 41.40 6.35
CA TYR C 145 215.74 44.74 4.61
CA VAL C 146 215.29 47.13 7.49
CA LYS C 147 216.06 50.81 7.53
CA ASN C 148 216.52 53.21 10.42
CA LYS C 149 216.42 56.99 10.20
CA GLN C 150 217.50 60.15 11.97
CA ILE C 151 216.36 63.69 11.33
CA ASP C 152 218.24 66.79 12.37
CA LYS C 153 218.14 70.50 11.70
CA ILE C 154 220.64 71.75 9.16
CA THR C 155 220.84 75.06 10.93
CA SER C 156 221.19 75.12 14.61
CA SER C 157 221.22 78.23 16.63
CA ASP C 158 224.49 77.37 18.26
CA ILE C 159 223.92 73.84 19.37
CA SER C 160 227.45 73.72 20.71
CA LEU C 406 221.92 20.68 50.41
CA TYR C 407 218.18 21.26 49.83
CA VAL C 408 215.26 18.91 49.27
CA SER C 409 214.23 18.84 45.56
CA GLN C 410 210.55 19.37 44.71
CA GLY C 411 210.91 16.41 42.36
CA PRO C 412 208.54 15.90 39.51
CA GLY C 413 205.13 16.92 40.40
CA VAL C 414 202.42 14.29 40.79
CA ASP C 415 199.05 13.94 39.12
CA ILE C 416 196.48 13.87 41.92
CA SER C 417 193.60 12.17 40.16
CA GLY C 418 191.80 10.58 43.14
CA ASP C 419 191.30 13.39 45.64
CA VAL C 420 187.95 14.04 47.30
CA ASN C 421 186.36 16.90 49.20
CA LEU C 422 183.55 16.89 51.73
CA THR C 423 180.32 18.70 50.96
CA ASP C 424 179.00 18.53 54.56
CA PHE C 425 181.15 19.28 57.62
CA ASP C 426 178.38 18.65 60.16
CA LYS C 427 177.30 15.12 59.27
CA ILE C 428 180.50 13.68 57.78
CA GLY C 429 180.66 11.06 55.05
CA TRP C 430 178.98 9.61 52.03
CA PRO C 431 176.78 10.73 50.33
CA ASN C 432 178.26 14.22 50.98
CA VAL C 433 181.66 13.61 49.34
CA GLU C 434 182.70 14.74 45.86
CA ALA C 435 185.44 13.76 43.49
CA VAL C 436 188.06 16.42 42.65
CA GLN C 437 189.12 16.62 39.02
CA SER C 438 192.72 15.66 38.39
CA TYR C 439 195.25 18.33 39.21
CA GLN C 440 199.04 18.59 39.38
CA ARG C 441 200.59 18.87 42.80
CA GLU C 442 203.99 20.52 42.84
CA PHE C 443 205.86 20.43 46.17
CA ASN C 444 206.47 24.19 46.29
CA ALA C 445 206.41 24.28 50.11
CA VAL C 446 205.95 22.17 53.19
CA SER C 447 202.18 22.66 53.00
CA ASN C 448 202.10 20.70 49.75
CA ILE C 449 204.05 17.82 51.35
CA PHE C 450 201.58 17.83 54.24
CA ASP C 451 198.68 17.47 51.77
CA THR C 452 200.38 14.42 50.22
CA ILE C 453 200.83 12.78 53.64
CA TYR C 454 197.50 13.74 55.19
CA PRO C 455 195.04 14.19 52.35
CA ILE C 456 191.41 15.05 53.12
CA GLY C 457 189.71 12.14 54.87
CA THR C 458 192.89 10.91 56.60
CA ILE C 459 192.41 9.48 60.05
CA TYR C 460 194.99 10.61 62.60
CA GLU C 461 195.28 9.35 66.17
CA ASN C 462 197.18 10.70 69.16
CA ALA C 463 197.22 8.90 72.49
CA VAL C 464 197.71 11.91 74.75
CA ASN C 465 197.43 15.28 72.99
CA PRO C 466 193.82 16.53 73.45
CA ASN C 467 194.18 19.57 71.23
CA ASN C 468 193.05 20.03 67.65
CA PRO C 469 195.90 18.72 65.40
CA VAL C 470 196.26 22.05 63.53
CA THR C 471 197.64 23.53 66.79
CA TYR C 472 200.51 21.03 66.90
CA MET C 473 200.99 20.12 63.23
CA GLY C 474 200.48 23.56 61.67
CA PHE C 475 198.26 22.46 58.77
CA GLY C 476 194.80 21.13 57.90
CA SER C 477 191.29 21.38 59.32
CA TRP C 478 190.44 18.52 61.66
CA LYS C 479 187.38 17.14 63.50
CA LEU C 480 187.03 14.34 66.05
CA PHE C 481 186.07 11.12 64.30
CA GLY C 482 184.52 7.83 65.38
CA GLN C 483 184.01 8.83 69.01
CA GLY C 484 183.15 5.74 71.01
CA LYS C 485 183.93 3.52 67.99
CA VAL C 486 186.53 1.05 66.82
CA LEU C 487 187.53 1.33 63.16
CA VAL C 488 186.81 -1.67 60.94
CA GLY C 489 188.34 -2.01 57.51
CA TRP C 490 185.76 -1.51 54.80
CA ASN C 491 185.29 -4.61 52.73
CA GLU C 492 185.37 -4.54 48.92
CA ASP C 493 183.48 -7.89 49.13
CA ILE C 494 179.87 -6.80 49.00
CA SER C 495 178.70 -10.00 50.63
CA ASP C 496 180.16 -8.90 53.98
CA PRO C 497 176.99 -8.43 56.05
CA ASN C 498 178.50 -5.83 58.39
CA PHE C 499 181.45 -4.01 56.83
CA ALA C 500 180.70 -3.45 53.15
CA LEU C 501 177.42 -1.59 52.88
CA ASN C 502 176.84 1.83 54.40
CA ASN C 503 173.60 2.01 56.46
CA ASN C 504 174.18 5.78 56.73
CA ASP C 505 173.94 6.33 52.95
CA LEU C 506 170.77 4.80 51.56
CA ASP C 507 169.30 5.30 48.12
CA SER C 508 165.64 6.01 47.46
CA GLY C 509 164.72 2.33 47.91
CA GLY C 510 166.50 2.21 51.29
CA ASN C 511 169.52 0.34 49.85
CA PRO C 512 172.94 1.11 51.32
CA SER C 513 175.88 2.20 49.20
CA HIS C 514 179.07 0.18 48.91
CA THR C 515 181.13 2.82 50.74
CA ALA C 516 182.98 3.23 54.00
CA GLY C 517 181.15 4.93 56.84
CA GLY C 518 178.72 2.17 57.81
CA THR C 519 178.18 1.96 61.57
CA GLY C 520 176.80 -0.64 63.95
CA GLY C 521 177.67 -2.73 66.98
CA SER C 522 176.67 -2.67 70.60
CA THR C 523 178.41 -2.13 73.93
CA SER C 524 176.41 -4.91 75.66
CA VAL C 525 173.99 -7.71 75.02
CA THR C 526 170.98 -8.75 77.05
CA LEU C 527 170.08 -12.38 76.48
CA GLU C 528 166.57 -13.32 75.50
CA ASN C 529 164.89 -16.73 75.48
CA THR C 530 165.38 -17.02 71.71
CA ASN C 531 169.17 -17.01 72.27
CA LEU C 532 169.15 -20.01 74.61
CA PRO C 533 169.86 -23.56 73.41
CA ALA C 534 167.74 -26.51 74.37
CA THR C 535 168.29 -27.78 77.90
CA GLU C 536 166.75 -30.39 80.16
CA THR C 537 166.61 -31.08 83.87
CA ASP C 538 169.48 -33.07 85.34
CA GLU C 539 167.03 -35.61 86.90
CA GLU C 540 163.74 -37.05 85.75
CA VAL C 541 160.59 -35.32 86.95
CA LEU C 542 156.85 -36.09 86.51
CA ILE C 543 155.67 -34.54 83.27
CA VAL C 544 152.03 -34.26 82.20
CA ASP C 545 151.54 -36.55 79.22
CA GLU C 546 148.29 -37.57 77.59
CA ASN C 547 150.31 -40.51 76.18
CA GLY C 548 151.88 -41.26 79.61
CA SER C 549 151.95 -44.51 81.61
CA VAL C 550 152.24 -43.12 85.09
CA ILE C 551 149.07 -42.52 87.06
CA VAL C 552 148.99 -39.88 89.71
CA TYR C 566 151.58 -30.99 103.50
CA THR C 567 150.95 -29.36 100.12
CA LYS C 568 148.97 -29.89 97.07
CA TYR C 569 150.49 -29.48 93.63
CA ARG C 570 149.57 -27.77 90.46
CA GLU C 571 150.04 -28.90 86.90
CA ALA C 572 151.96 -26.15 85.12
CA LYS C 573 155.12 -25.32 83.22
CA ALA C 574 157.81 -24.67 85.84
CA SER C 575 159.62 -21.33 85.55
CA THR C 576 163.28 -20.64 86.07
CA ASN C 577 164.51 -17.09 86.74
CA SER C 578 160.98 -15.66 86.47
CA THR C 579 162.13 -12.38 88.06
CA HIS C 580 164.82 -11.73 85.41
CA THR C 581 162.86 -9.17 83.49
CA PRO C 582 165.26 -8.22 82.16
CA PRO C 583 168.39 -10.11 83.13
CA THR C 584 171.75 -8.43 83.74
CA SER C 585 173.42 -7.41 80.49
CA ILE C 586 176.83 -8.74 79.48
CA THR C 587 179.71 -6.70 78.09
CA ASN C 588 180.30 -6.81 74.38
CA ILE C 589 183.54 -4.77 74.46
CA GLN C 590 186.92 -6.42 73.87
CA PRO C 591 190.12 -5.02 75.45
CA TYR C 592 190.61 -1.41 74.43
CA ILE C 593 192.40 1.82 75.05
CA THR C 594 190.94 5.16 73.95
CA VAL C 595 192.87 7.67 71.80
CA TYR C 596 192.13 11.11 70.36
CA ARG C 597 191.02 10.28 66.79
CA TRP C 598 190.56 12.90 64.12
CA ILE C 599 189.60 13.20 60.45
CA ARG C 600 191.09 15.86 58.17
CA ILE C 601 188.02 17.60 56.78
CA ALA C 602 189.69 20.27 54.65
CA MET D 1 62.78 202.20 -127.47
CA LYS D 2 65.59 199.84 -128.19
CA GLN D 3 66.31 199.19 -131.83
CA ASN D 4 67.80 196.03 -133.23
CA ILE D 5 69.67 195.42 -136.46
CA ASN D 6 67.59 193.59 -138.99
CA ILE D 7 69.91 190.76 -139.90
CA GLY D 8 67.15 189.33 -142.02
CA ASN D 9 67.97 191.80 -144.73
CA VAL D 10 71.54 192.00 -145.96
CA VAL D 11 72.35 190.65 -149.36
CA ASP D 12 68.96 191.91 -150.33
CA ASP D 13 69.62 195.52 -149.29
CA GLY D 14 72.68 197.39 -150.50
CA THR D 15 75.42 198.34 -148.10
CA GLY D 16 74.47 201.96 -148.27
CA ASP D 17 71.03 201.45 -146.79
CA TYR D 18 72.03 198.83 -144.26
CA LEU D 19 74.77 200.97 -142.80
CA ARG D 20 72.61 204.06 -142.58
CA LYS D 21 69.67 202.26 -141.06
CA GLY D 22 71.95 200.22 -138.87
CA GLY D 23 74.21 203.03 -137.76
CA ILE D 24 71.37 205.24 -136.69
CA LYS D 25 70.03 202.39 -134.66
CA ILE D 26 73.41 201.87 -133.04
CA ASN D 27 73.72 205.51 -132.13
CA GLU D 28 70.17 205.71 -130.85
CA ASN D 29 70.59 202.85 -128.40
CA PHE D 30 73.92 203.96 -127.03
CA ASP D 31 72.64 207.45 -126.57
CA GLU D 32 69.80 206.14 -124.50
CA LEU D 33 72.25 204.20 -122.34
CA TYR D 34 74.77 207.00 -121.99
CA TYR D 35 72.16 209.55 -120.98
CA GLU D 36 70.81 207.33 -118.25
CA LEU D 37 74.30 206.42 -116.95
CA GLY D 38 76.02 209.73 -117.45
CA ASP D 39 75.30 213.34 -116.84
CA GLY D 40 75.59 214.05 -120.44
CA ASP D 41 78.88 212.30 -119.59
CA VAL D 42 80.42 208.79 -119.83
CA PRO D 43 79.01 205.77 -118.08
CA TYR D 44 79.23 205.73 -114.31
CA SER D 45 78.93 202.43 -112.50
CA ALA D 46 77.53 204.23 -109.51
CA GLY D 47 75.00 205.68 -111.87
CA ALA D 48 74.25 209.33 -112.33
CA TRP D 49 71.96 212.03 -111.03
CA LYS D 50 71.03 214.39 -113.85
CA THR D 51 71.40 218.06 -113.19
CA TYR D 52 68.96 220.18 -115.09
CA ASN D 53 67.53 223.64 -114.80
CA ALA D 54 64.04 224.69 -113.86
CA SER D 55 63.32 225.18 -117.51
CA SER D 56 64.15 221.55 -117.97
CA GLY D 57 61.37 219.14 -118.71
CA GLN D 58 60.15 217.65 -121.92
CA THR D 59 56.87 218.72 -120.49
CA LEU D 60 55.97 220.13 -117.15
CA THR D 61 56.29 216.63 -115.79
CA ALA D 62 59.53 214.71 -115.85
CA GLU D 63 60.06 211.24 -117.23
CA TRP D 64 60.00 208.36 -114.85
CA GLY D 65 63.08 206.27 -114.25
CA LYS D 66 65.17 209.41 -114.20
CA SER D 67 67.45 210.65 -111.46
CA TYR D 68 67.74 214.22 -110.27
CA ALA D 69 70.44 216.10 -108.50
CA ILE D 70 68.61 219.17 -107.33
CA ASN D 71 70.03 222.50 -106.50
CA THR D 72 67.72 224.97 -104.95
CA SER D 73 70.39 227.52 -104.28
CA SER D 74 68.62 230.18 -106.28
CA GLY D 75 65.13 228.98 -105.49
CA ARG D 76 63.15 226.04 -104.18
CA VAL D 77 62.43 224.19 -107.45
CA THR D 78 59.36 222.12 -108.10
CA ILE D 79 59.46 218.78 -109.81
CA ASN D 80 56.46 217.02 -111.30
CA LEU D 81 56.40 213.29 -111.78
CA PRO D 82 54.72 211.78 -114.73
CA LYS D 83 51.91 209.29 -114.36
CA GLY D 84 53.62 206.02 -113.76
CA THR D 85 53.21 202.30 -113.77
CA VAL D 86 54.04 199.70 -111.11
CA ASN D 87 57.45 200.14 -109.46
CA ASP D 88 59.40 197.98 -111.81
CA TYR D 89 58.09 200.44 -114.27
CA ASN D 90 58.36 203.39 -112.00
CA LYS D 91 61.12 204.60 -109.75
CA VAL D 92 62.50 208.12 -109.57
CA ILE D 93 65.32 209.24 -107.32
CA ARG D 94 66.59 212.59 -106.16
CA ALA D 95 69.70 213.74 -104.36
CA ARG D 96 70.99 217.03 -103.00
CA ASP D 97 74.75 217.05 -103.45
CA VAL D 98 74.96 220.84 -103.41
CA PHE D 99 73.34 220.93 -99.99
CA ALA D 100 70.96 223.57 -101.28
CA THR D 101 67.75 222.12 -99.87
CA TRP D 102 66.42 223.97 -96.88
CA ASN D 103 63.22 225.40 -95.48
CA VAL D 104 63.91 228.53 -97.47
CA ASN D 105 64.50 226.70 -100.70
CA PRO D 106 62.80 223.39 -100.41
CA VAL D 107 62.26 220.91 -103.13
CA THR D 108 58.65 220.14 -103.74
CA LEU D 109 57.54 216.94 -105.35
CA VAL D 110 54.62 217.59 -107.62
CA ALA D 111 51.45 217.82 -105.61
CA ALA D 112 50.87 214.17 -105.19
CA SER D 113 52.97 213.30 -108.19
CA GLY D 114 51.04 212.17 -111.20
CA ASP D 115 47.98 211.71 -108.97
CA THR D 116 48.58 211.02 -105.33
CA ILE D 117 51.21 209.92 -102.89
CA LYS D 118 50.27 207.54 -100.10
CA GLY D 119 50.12 208.55 -96.51
CA SER D 120 47.78 211.08 -98.05
CA ALA D 121 50.24 213.75 -98.78
CA VAL D 122 49.88 217.29 -99.98
CA PRO D 123 52.78 218.16 -102.23
CA VAL D 124 55.62 216.50 -100.50
CA GLU D 125 57.92 219.22 -99.36
CA ILE D 126 61.36 218.25 -98.38
CA ASN D 127 63.61 220.65 -96.60
CA VAL D 128 66.02 218.03 -95.43
CA ARG D 129 69.57 218.84 -96.32
CA PHE D 130 71.69 216.38 -98.28
CA SER D 131 68.72 214.16 -98.63
CA ASP D 132 67.95 211.31 -100.97
CA LEU D 133 64.35 210.94 -101.98
CA GLU D 134 62.97 207.90 -103.68
CA LEU D 135 59.50 207.77 -105.12
CA VAL D 136 58.02 204.48 -106.19
CA TYR D 137 54.82 203.75 -107.97
CA CYS D 138 52.81 201.36 -105.80
CA ALA D 139 49.97 200.80 -108.20
CA PRO D 140 49.00 201.81 -111.68
CA GLY D 141 45.60 200.17 -112.06
CA ARG D 142 43.90 202.75 -114.22
CA TRP D 143 43.42 205.95 -112.25
CA GLU D 144 45.03 203.86 -109.54
CA TYR D 145 48.34 205.75 -109.93
CA VAL D 146 49.64 205.78 -106.39
CA LYS D 147 53.11 206.66 -105.21
CA ASN D 148 54.91 206.34 -101.92
CA LYS D 149 58.27 207.67 -100.89
CA GLN D 150 61.18 207.42 -98.51
CA ILE D 151 63.72 209.99 -97.40
CA ASP D 152 67.24 209.14 -96.34
CA LYS D 153 70.31 211.18 -95.56
CA ILE D 154 72.98 210.91 -98.19
CA THR D 155 75.73 211.29 -95.66
CA SER D 156 75.78 210.10 -92.15
CA SER D 157 78.25 209.49 -89.50
CA ASP D 158 78.08 205.75 -89.72
CA ILE D 159 74.63 204.33 -89.66
CA SER D 160 76.15 200.89 -89.77
CA LEU D 406 104.34 187.53 -59.20
CA TYR D 407 107.14 185.09 -60.11
CA VAL D 408 110.11 183.73 -58.18
CA SER D 409 113.38 185.46 -59.25
CA GLN D 410 116.34 183.25 -60.20
CA GLY D 411 118.46 185.56 -58.04
CA PRO D 412 122.16 185.81 -58.50
CA GLY D 413 123.62 182.57 -59.39
CA VAL D 414 125.86 180.77 -56.92
CA ASP D 415 129.40 179.49 -57.25
CA ILE D 416 129.23 175.75 -56.51
CA SER D 417 132.82 175.11 -55.53
CA GLY D 418 132.41 172.08 -53.25
CA ASP D 419 130.33 169.59 -55.23
CA VAL D 420 131.32 165.93 -55.55
CA ASN D 421 130.40 163.04 -57.81
CA LEU D 422 130.57 159.32 -57.21
CA THR D 423 132.87 157.19 -59.33
CA ASP D 424 131.33 153.86 -58.18
CA PHE D 425 127.58 153.26 -57.90
CA ASP D 426 127.89 149.66 -56.70
CA LYS D 427 130.09 150.04 -53.64
CA ILE D 428 129.30 153.59 -52.54
CA GLY D 429 131.71 155.95 -50.81
CA TRP D 430 135.29 156.98 -50.40
CA PRO D 431 137.69 156.32 -52.08
CA ASN D 432 135.36 156.40 -55.16
CA VAL D 433 134.32 160.06 -54.87
CA GLU D 434 135.72 162.95 -56.90
CA ALA D 435 135.73 166.69 -56.51
CA VAL D 436 133.85 168.73 -59.17
CA GLN D 437 135.59 171.89 -60.36
CA SER D 438 133.79 175.08 -59.42
CA TYR D 439 130.83 175.94 -61.61
CA GLN D 440 128.07 178.54 -61.61
CA ARG D 441 124.59 177.36 -60.79
CA GLU D 442 121.83 179.53 -62.19
CA PHE D 443 118.29 178.69 -61.05
CA ASN D 444 116.85 178.45 -64.54
CA ALA D 445 114.25 175.84 -63.54
CA VAL D 446 112.97 173.81 -60.64
CA SER D 447 115.55 171.12 -61.36
CA ASN D 448 118.33 173.52 -60.45
CA ILE D 449 116.61 174.36 -57.13
CA PHE D 450 116.31 170.63 -56.43
CA ASP D 451 120.07 170.22 -56.96
CA THR D 452 120.73 172.98 -54.40
CA ILE D 453 118.48 171.31 -51.81
CA TYR D 454 119.45 167.69 -52.45
CA PRO D 455 122.97 167.70 -53.84
CA ILE D 456 124.72 164.42 -54.62
CA GLY D 457 125.39 162.49 -51.42
CA THR D 458 122.34 163.86 -49.58
CA ILE D 459 120.65 161.45 -47.23
CA TYR D 460 116.84 161.43 -47.44
CA GLU D 461 114.51 159.48 -45.19
CA ASN D 462 110.82 158.66 -45.50
CA ALA D 463 108.95 156.76 -42.81
CA VAL D 464 106.31 155.13 -45.02
CA ASN D 465 106.88 155.55 -48.74
CA PRO D 466 108.71 152.40 -49.99
CA ASN D 467 109.26 153.66 -53.53
CA ASN D 468 112.38 155.14 -55.07
CA PRO D 469 112.29 158.91 -54.32
CA VAL D 470 112.51 159.88 -58.03
CA THR D 471 108.96 158.48 -58.42
CA TYR D 472 107.54 160.91 -55.85
CA MET D 473 109.96 163.85 -56.03
CA GLY D 474 110.54 163.96 -59.79
CA PHE D 475 114.31 164.43 -59.71
CA GLY D 476 117.60 162.71 -58.87
CA SER D 477 118.96 159.17 -58.88
CA TRP D 478 118.64 157.46 -55.51
CA LYS D 479 119.82 154.24 -53.81
CA LEU D 480 118.99 152.74 -50.42
CA PHE D 481 121.65 153.73 -47.91
CA GLY D 482 122.77 152.42 -44.53
CA GLN D 483 120.38 149.47 -44.45
CA GLY D 484 120.36 148.02 -40.96
CA LYS D 485 122.45 150.95 -39.68
CA VAL D 486 122.09 154.03 -37.53
CA LEU D 487 123.85 157.15 -38.81
CA VAL D 488 126.61 158.59 -36.61
CA GLY D 489 128.01 162.04 -37.21
CA TRP D 490 131.50 161.88 -38.62
CA ASN D 491 134.02 163.41 -36.28
CA GLU D 492 136.57 166.00 -37.45
CA ASP D 493 138.53 165.03 -34.29
CA ILE D 494 140.82 162.31 -35.55
CA SER D 495 141.30 160.89 -32.09
CA ASP D 496 137.71 159.56 -32.09
CA PRO D 497 138.35 155.79 -32.10
CA ASN D 498 135.06 154.91 -33.82
CA PHE D 499 133.67 157.78 -35.86
CA ALA D 500 136.58 159.62 -37.51
CA LEU D 501 138.54 157.09 -39.54
CA ASN D 502 137.05 155.09 -42.39
CA ASN D 503 137.80 151.35 -42.14
CA ASN D 504 136.29 150.96 -45.62
CA ASP D 505 138.91 153.22 -47.27
CA LEU D 506 142.41 152.09 -46.38
CA ASP D 507 145.66 153.21 -47.93
CA SER D 508 148.43 150.88 -48.99
CA GLY D 509 149.66 150.51 -45.39
CA GLY D 510 146.15 149.58 -44.21
CA ASN D 511 145.55 153.05 -42.69
CA PRO D 512 142.00 154.43 -42.80
CA SER D 513 141.19 157.81 -44.32
CA HIS D 514 139.69 160.64 -42.30
CA THR D 515 136.38 160.51 -44.18
CA ALA D 516 132.78 159.62 -43.52
CA GLY D 517 131.66 156.11 -44.42
CA GLY D 518 133.33 154.15 -41.63
CA THR D 519 131.18 151.28 -40.35
CA GLY D 520 131.12 149.12 -37.24
CA GLY D 521 128.95 148.08 -34.33
CA SER D 522 127.14 144.94 -33.39
CA THR D 523 123.54 143.90 -32.85
CA SER D 524 124.38 141.75 -29.79
CA VAL D 525 127.18 140.86 -27.42
CA THR D 526 128.09 137.48 -25.99
CA LEU D 527 130.00 137.80 -22.74
CA GLU D 528 133.31 136.05 -22.32
CA ASN D 529 135.31 135.40 -19.15
CA THR D 530 137.63 138.30 -19.95
CA ASN D 531 134.65 140.69 -19.60
CA LEU D 532 133.80 139.61 -16.05
CA PRO D 533 135.02 141.51 -12.97
CA ALA D 534 136.53 139.80 -9.97
CA THR D 535 134.05 138.06 -7.72
CA GLU D 536 134.20 135.86 -4.64
CA THR D 537 131.91 133.40 -2.91
CA ASP D 538 129.43 134.84 -0.45
CA GLU D 539 130.66 132.43 2.31
CA GLU D 540 134.05 131.03 3.19
CA VAL D 541 134.95 127.65 1.72
CA LEU D 542 138.00 125.35 2.13
CA ILE D 543 140.64 126.38 -0.36
CA VAL D 544 143.80 124.41 -1.12
CA ASP D 545 146.75 126.40 0.17
CA GLU D 546 150.34 125.28 0.49
CA ASN D 547 150.66 128.17 3.00
CA GLY D 548 147.42 127.16 4.79
CA SER D 549 146.80 126.41 8.49
CA VAL D 550 143.86 124.07 8.19
CA ILE D 551 144.52 120.35 8.02
CA VAL D 552 142.09 118.10 6.27
CA TYR D 566 128.66 109.38 1.93
CA THR D 567 131.01 110.90 -0.64
CA LYS D 568 134.59 111.57 -1.14
CA TYR D 569 135.82 114.91 -2.45
CA ARG D 570 138.20 116.06 -5.05
CA GLU D 571 140.61 118.95 -4.99
CA ALA D 572 139.84 121.09 -8.03
CA LYS D 573 138.78 124.52 -9.21
CA ALA D 574 134.99 124.64 -8.93
CA SER D 575 133.12 125.60 -12.10
CA THR D 576 130.10 127.81 -12.43
CA ASN D 577 127.91 127.68 -15.55
CA SER D 578 130.16 125.06 -17.18
CA THR D 579 127.46 124.30 -19.79
CA HIS D 580 127.29 127.92 -21.03
CA THR D 581 129.32 127.35 -24.14
CA PRO D 582 128.35 129.83 -25.31
CA PRO D 583 126.03 131.77 -23.07
CA THR D 584 122.89 133.54 -24.32
CA SER D 585 123.73 136.76 -26.15
CA ILE D 586 122.43 140.13 -25.00
CA THR D 587 120.91 142.83 -27.20
CA ASN D 588 123.09 145.75 -28.13
CA ILE D 589 120.30 147.70 -29.89
CA GLN D 590 118.82 150.84 -28.31
CA PRO D 591 115.19 151.89 -29.02
CA TYR D 592 114.69 152.33 -32.75
CA ILE D 593 112.22 152.70 -35.55
CA THR D 594 113.16 151.83 -39.14
CA VAL D 595 112.70 154.25 -42.06
CA TYR D 596 113.34 154.11 -45.80
CA ARG D 597 116.75 155.82 -46.11
CA TRP D 598 118.27 156.83 -49.41
CA ILE D 599 121.36 158.53 -50.81
CA ARG D 600 121.25 160.69 -53.94
CA ILE D 601 123.88 159.09 -56.17
CA ALA D 602 123.55 161.30 -59.26
CA MET E 1 83.91 208.90 -123.82
CA LYS E 2 81.03 207.69 -125.89
CA GLN E 3 81.55 207.64 -129.61
CA ASN E 4 78.91 207.40 -132.27
CA ILE E 5 78.88 206.18 -135.83
CA ASN E 6 79.14 208.97 -138.31
CA ILE E 7 76.17 208.21 -140.50
CA GLY E 8 76.79 211.44 -142.33
CA ASN E 9 79.55 209.62 -144.16
CA VAL E 10 79.54 206.15 -145.73
CA VAL E 11 78.38 207.43 -149.05
CA ASP E 12 81.75 209.08 -149.11
CA ASP E 13 83.88 206.32 -147.62
CA GLY E 14 84.14 202.74 -148.82
CA THR E 15 82.90 199.93 -146.64
CA GLY E 16 86.36 198.94 -145.64
CA ASP E 17 87.01 202.15 -143.75
CA TYR E 18 83.56 202.63 -142.27
CA LEU E 19 83.46 199.14 -140.85
CA ARG E 20 86.88 199.54 -139.28
CA LYS E 21 86.12 202.96 -137.91
CA GLY E 22 82.65 201.88 -136.91
CA GLY E 23 83.58 198.56 -135.39
CA ILE E 24 86.20 200.01 -133.12
CA LYS E 25 83.62 202.56 -132.09
CA ILE E 26 81.12 199.87 -131.23
CA ASN E 27 83.71 197.86 -129.38
CA GLU E 28 84.80 200.86 -127.37
CA ASN E 29 81.35 201.87 -126.19
CA PHE E 30 80.24 198.42 -125.18
CA ASP E 31 83.47 197.88 -123.33
CA GLU E 32 82.65 201.03 -121.45
CA LEU E 33 79.24 199.70 -120.51
CA TYR E 34 80.33 196.17 -119.72
CA TYR E 35 83.11 197.28 -117.44
CA GLU E 36 80.81 199.50 -115.46
CA LEU E 37 78.07 196.84 -115.22
CA GLY E 38 80.20 193.75 -114.90
CA ASP E 39 83.24 192.60 -113.04
CA GLY E 40 84.98 192.00 -116.24
CA ASP E 41 81.79 189.91 -116.55
CA VAL E 42 78.33 190.29 -118.16
CA PRO E 43 75.91 193.04 -117.33
CA TYR E 44 74.38 192.84 -113.89
CA SER E 45 71.13 194.62 -113.20
CA ALA E 46 72.14 194.94 -109.61
CA GLY E 47 75.24 196.61 -110.89
CA ALA E 48 78.69 195.47 -110.02
CA TRP E 49 81.50 196.15 -107.58
CA LYS E 50 84.87 195.73 -109.26
CA THR E 51 87.60 193.73 -107.64
CA TYR E 52 90.97 195.36 -108.01
CA ASN E 53 94.46 194.34 -107.02
CA ALA E 54 96.48 196.33 -104.56
CA SER E 55 98.25 197.74 -107.51
CA SER E 56 95.71 199.32 -109.78
CA GLY E 57 95.92 201.30 -112.97
CA GLN E 58 97.05 204.61 -111.66
CA THR E 59 97.03 203.48 -108.08
CA LEU E 60 97.08 207.12 -107.20
CA THR E 61 93.98 207.77 -109.26
CA ALA E 62 90.66 206.07 -108.93
CA GLU E 63 88.18 207.10 -111.56
CA TRP E 64 85.08 208.61 -110.10
CA GLY E 65 81.79 206.84 -110.67
CA LYS E 66 83.49 203.51 -110.08
CA SER E 67 82.46 200.81 -107.62
CA TYR E 68 84.80 198.70 -105.56
CA ALA E 69 84.52 195.48 -103.63
CA ILE E 70 87.38 195.69 -101.22
CA ASN E 71 89.30 192.82 -99.80
CA THR E 72 91.70 193.49 -97.02
CA SER E 73 92.15 189.91 -95.99
CA SER E 74 95.83 189.99 -96.75
CA GLY E 75 96.26 193.47 -95.41
CA ARG E 76 94.81 196.95 -95.23
CA VAL E 77 94.13 198.52 -98.60
CA THR E 78 94.22 202.17 -99.50
CA ILE E 79 92.21 203.68 -102.29
CA ASN E 80 92.60 207.22 -103.60
CA LEU E 81 89.78 209.12 -105.21
CA PRO E 82 90.80 211.86 -107.52
CA LYS E 83 89.47 215.37 -107.87
CA GLY E 84 85.80 215.45 -108.64
CA THR E 85 83.08 217.85 -109.67
CA VAL E 86 79.88 218.70 -107.88
CA ASN E 87 77.72 215.61 -107.73
CA ASP E 88 78.08 215.33 -111.55
CA TYR E 89 78.80 211.93 -111.41
CA ASN E 90 81.01 212.28 -108.48
CA LYS E 91 80.00 209.21 -106.65
CA VAL E 92 82.19 206.32 -105.62
CA ILE E 93 80.82 203.30 -103.86
CA ARG E 94 82.52 200.58 -101.90
CA ALA E 95 81.39 197.31 -100.42
CA ARG E 96 83.03 194.48 -98.55
CA ASP E 97 81.44 191.15 -99.40
CA VAL E 98 84.35 189.20 -97.90
CA PHE E 99 83.90 191.17 -94.66
CA ALA E 100 87.68 191.38 -94.52
CA THR E 101 87.57 194.94 -93.27
CA TRP E 102 88.54 195.17 -89.64
CA ASN E 103 90.66 197.23 -87.29
CA VAL E 104 93.71 195.22 -88.25
CA ASN E 105 93.16 195.57 -91.96
CA PRO E 106 91.02 198.55 -92.52
CA VAL E 107 90.02 200.26 -95.71
CA THR E 108 91.49 203.68 -95.96
CA LEU E 109 90.24 206.09 -98.52
CA VAL E 110 92.75 208.72 -99.67
CA ALA E 111 93.04 211.56 -97.23
CA ALA E 112 89.38 212.27 -97.30
CA SER E 113 89.32 212.02 -101.10
CA GLY E 114 91.51 214.21 -103.25
CA ASP E 115 91.35 217.23 -100.95
CA THR E 116 89.13 216.58 -97.99
CA ILE E 117 85.91 215.19 -96.59
CA LYS E 118 83.73 217.48 -94.55
CA GLY E 119 82.85 216.78 -90.97
CA SER E 120 85.43 214.67 -89.32
CA ALA E 121 87.89 215.19 -92.08
CA VAL E 122 90.65 212.68 -92.07
CA PRO E 123 91.71 209.87 -94.21
CA VAL E 124 88.59 207.82 -94.07
CA GLU E 125 89.40 204.68 -92.24
CA ILE E 126 86.69 202.10 -92.24
CA ASN E 127 86.82 199.47 -89.52
CA VAL E 128 83.32 198.11 -90.02
CA ARG E 129 83.08 194.72 -91.67
CA PHE E 130 80.52 194.11 -94.37
CA SER E 131 80.14 197.80 -94.82
CA ASP E 132 78.96 199.96 -97.69
CA LEU E 133 80.67 203.29 -98.15
CA GLU E 134 79.45 206.00 -100.45
CA LEU E 135 81.35 209.15 -101.24
CA VAL E 136 79.80 212.11 -102.96
CA TYR E 137 81.38 215.30 -104.19
CA CYS E 138 79.55 218.14 -102.48
CA ALA E 139 81.59 221.04 -103.80
CA PRO E 140 83.86 221.58 -106.73
CA GLY E 141 85.29 224.69 -108.26
CA ARG E 142 88.93 225.16 -107.45
CA TRP E 143 90.49 223.66 -104.35
CA GLU E 144 86.95 223.55 -103.01
CA TYR E 145 86.75 219.83 -103.91
CA VAL E 146 84.94 218.55 -100.89
CA LYS E 147 83.38 215.20 -100.36
CA ASN E 148 81.11 213.77 -97.73
CA LYS E 149 80.46 210.14 -97.02
CA GLN E 150 78.02 207.70 -95.46
CA ILE E 151 78.74 204.27 -94.08
CA ASP E 152 76.10 201.61 -93.60
CA LYS E 153 75.92 197.88 -93.07
CA ILE E 154 75.34 195.89 -96.20
CA THR E 155 73.63 193.07 -94.49
CA SER E 156 71.69 191.72 -91.59
CA SER E 157 70.01 195.05 -91.52
CA ASP E 158 66.54 193.97 -90.78
CA ILE E 159 65.92 197.61 -90.62
CA SER E 160 62.46 197.31 -91.99
CA LEU E 406 106.00 179.29 -67.77
CA TYR E 407 107.37 180.64 -64.47
CA VAL E 408 106.97 179.54 -60.86
CA SER E 409 104.50 181.81 -58.97
CA GLN E 410 105.63 183.27 -55.63
CA GLY E 411 102.20 182.24 -54.30
CA PRO E 412 100.74 183.85 -51.27
CA GLY E 413 103.32 184.65 -48.78
CA VAL E 414 103.44 182.74 -45.51
CA ASP E 415 103.35 183.92 -41.93
CA ILE E 416 106.53 182.61 -40.31
CA SER E 417 105.52 182.69 -36.66
CA GLY E 418 107.76 179.96 -35.24
CA ASP E 419 111.27 180.80 -36.42
CA VAL E 420 114.24 180.84 -34.04
CA ASN E 421 117.76 182.23 -34.11
CA LEU E 422 120.85 181.16 -32.22
CA THR E 423 122.46 183.52 -29.75
CA ASP E 424 125.69 181.46 -29.41
CA PHE E 425 127.52 179.95 -32.38
CA ASP E 426 130.31 178.37 -30.31
CA LYS E 427 128.33 176.23 -27.87
CA ILE E 428 125.17 175.50 -29.86
CA GLY E 429 121.71 174.98 -28.39
CA TRP E 430 119.36 175.86 -25.60
CA PRO E 431 119.51 178.06 -23.58
CA ASN E 432 121.12 180.25 -26.32
CA VAL E 433 118.18 180.22 -28.74
CA GLU E 434 115.63 183.00 -29.20
CA ALA E 435 112.20 183.21 -30.71
CA VAL E 436 111.79 185.45 -33.81
CA GLN E 437 108.66 187.58 -33.91
CA SER E 438 106.22 186.65 -36.65
CA TYR E 439 107.15 187.92 -40.08
CA GLN E 440 105.85 187.47 -43.63
CA ARG E 441 107.98 185.45 -46.00
CA GLU E 442 107.43 186.25 -49.66
CA PHE E 443 109.18 183.96 -52.15
CA ASN E 444 110.87 186.77 -54.05
CA ALA E 445 113.89 184.62 -55.00
CA VAL E 446 115.40 181.20 -54.62
CA SER E 447 117.03 182.24 -51.35
CA ASN E 448 113.62 182.62 -49.76
CA ILE E 449 112.62 179.09 -50.91
CA PHE E 450 115.87 177.77 -49.42
CA ASP E 451 114.97 179.36 -46.05
CA THR E 452 111.59 177.59 -46.12
CA ILE E 453 113.22 174.21 -46.80
CA TYR E 454 116.25 174.55 -44.53
CA PRO E 455 115.31 176.95 -41.75
CA ILE E 456 117.80 177.71 -38.98
CA GLY E 457 118.40 174.62 -36.87
CA THR E 458 117.82 172.16 -39.73
CA ILE E 459 119.97 169.06 -39.67
CA TYR E 460 121.45 168.09 -43.06
CA GLU E 461 123.44 164.95 -43.76
CA ASN E 462 125.63 163.98 -46.72
CA ALA E 463 127.29 160.60 -46.94
CA VAL E 464 130.30 161.60 -49.04
CA ASN E 465 130.73 165.34 -49.52
CA PRO E 466 133.17 166.60 -46.83
CA ASN E 467 132.80 170.27 -47.67
CA ASN E 468 130.74 172.91 -45.90
CA PRO E 469 127.21 172.76 -47.45
CA VAL E 470 127.26 176.46 -48.46
CA THR E 471 129.93 175.52 -51.06
CA TYR E 472 127.60 173.05 -52.79
CA MET E 473 124.14 174.40 -51.97
CA GLY E 474 124.84 178.13 -52.33
CA PHE E 475 122.99 179.28 -49.21
CA GLY E 476 123.08 179.24 -45.41
CA SER E 477 125.73 179.12 -42.69
CA TRP E 478 126.47 175.60 -41.51
CA LYS E 479 128.44 173.88 -38.72
CA LEU E 480 129.17 170.21 -38.08
CA PHE E 481 126.64 168.81 -35.62
CA GLY E 482 126.49 165.79 -33.34
CA GLN E 483 129.98 164.53 -34.16
CA GLY E 484 130.36 161.02 -32.79
CA LYS E 485 126.62 160.91 -31.94
CA VAL E 486 123.45 159.25 -33.11
CA LEU E 487 120.36 161.48 -33.19
CA VAL E 488 117.47 160.48 -30.92
CA GLY E 489 114.04 162.00 -31.31
CA TRP E 490 113.26 164.37 -28.47
CA ASN E 491 110.33 163.19 -26.43
CA GLU E 492 107.40 165.47 -25.56
CA ASP E 493 106.70 162.96 -22.73
CA ILE E 494 108.61 164.44 -19.84
CA SER E 495 108.78 161.11 -18.06
CA ASP E 496 111.28 159.80 -20.61
CA PRO E 497 114.41 159.43 -18.45
CA ASN E 498 116.87 159.89 -21.32
CA PHE E 499 115.36 161.83 -24.23
CA ALA E 500 113.09 164.55 -22.82
CA LEU E 501 115.16 166.67 -20.45
CA ASN E 502 118.24 168.58 -21.52
CA ASN E 503 121.24 168.00 -19.19
CA ASN E 504 123.08 170.75 -21.11
CA ASP E 505 120.52 173.45 -20.13
CA LEU E 506 120.00 173.51 -16.38
CA ASP E 507 118.21 176.15 -14.36
CA SER E 508 119.54 177.63 -11.15
CA GLY E 509 118.45 174.58 -9.14
CA GLY E 510 120.27 172.24 -11.57
CA ASN E 511 117.01 171.15 -13.25
CA PRO E 512 117.13 170.39 -16.98
CA SER E 513 114.82 172.07 -19.47
CA HIS E 514 112.31 170.17 -21.57
CA THR E 515 114.16 170.89 -24.82
CA ALA E 516 116.11 169.03 -27.45
CA GLY E 517 119.89 168.98 -27.11
CA GLY E 518 120.27 166.58 -24.20
CA THR E 519 123.27 164.27 -24.58
CA GLY E 520 124.39 161.01 -23.03
CA GLY E 521 125.34 157.44 -23.85
CA SER E 522 128.56 155.52 -23.88
CA THR E 523 130.67 153.75 -26.48
CA SER E 524 131.45 150.80 -24.15
CA VAL E 525 130.58 149.30 -20.80
CA THR E 526 132.85 147.72 -18.24
CA LEU E 527 131.00 145.30 -16.00
CA GLU E 528 131.22 145.65 -12.26
CA ASN E 529 130.21 143.20 -9.53
CA THR E 530 126.99 145.10 -8.93
CA ASN E 531 125.86 144.23 -12.49
CA LEU E 532 126.20 140.47 -11.99
CA PRO E 533 123.24 138.24 -11.08
CA ALA E 534 123.40 135.63 -8.37
CA THR E 535 125.26 132.48 -9.30
CA GLU E 536 126.35 129.30 -7.56
CA THR E 537 128.92 126.59 -8.14
CA ASP E 538 127.90 123.73 -10.40
CA GLU E 539 128.84 121.15 -7.69
CA GLU E 540 128.61 121.15 -3.92
CA VAL E 541 131.66 122.29 -1.99
CA LEU E 542 132.48 122.49 1.75
CA ILE E 543 131.24 125.81 3.09
CA VAL E 544 132.03 127.19 6.54
CA ASP E 545 128.82 127.19 8.54
CA GLU E 546 128.40 127.81 12.24
CA ASN E 547 125.04 126.00 11.82
CA GLY E 548 126.67 123.17 9.80
CA SER E 549 126.57 119.40 10.39
CA VAL E 550 129.82 118.41 8.75
CA ILE E 551 132.92 118.20 10.89
CA VAL E 552 136.30 118.76 9.36
CA TYR E 566 150.20 117.35 0.39
CA THR E 567 148.66 120.73 1.24
CA LYS E 568 146.87 122.39 3.98
CA TYR E 569 143.80 124.51 3.33
CA ARG E 570 142.59 127.88 4.36
CA GLU E 571 139.09 129.00 5.25
CA ALA E 572 138.30 131.95 2.99
CA LYS E 573 135.96 133.25 0.33
CA ALA E 574 137.18 131.84 -2.98
CA SER E 575 137.86 134.39 -5.70
CA THR E 576 137.10 134.11 -9.39
CA ASN E 577 138.86 136.35 -11.92
CA SER E 578 140.80 138.17 -9.18
CA THR E 579 143.16 139.68 -11.78
CA HIS E 580 140.34 141.35 -13.76
CA THR E 581 140.93 144.81 -12.41
CA PRO E 582 139.39 145.98 -14.58
CA PRO E 583 137.92 143.46 -16.96
CA THR E 584 137.85 143.95 -20.74
CA SER E 585 135.16 146.42 -21.79
CA ILE E 586 132.34 145.45 -24.13
CA THR E 587 131.09 147.47 -27.09
CA ASN E 588 127.93 149.47 -26.64
CA ILE E 589 127.69 150.56 -30.30
CA GLN E 590 125.03 149.10 -32.61
CA PRO E 591 125.63 148.82 -36.40
CA TYR E 592 126.42 152.22 -37.84
CA ILE E 593 127.75 154.16 -40.77
CA THR E 594 129.13 157.68 -40.35
CA VAL E 595 127.93 160.65 -42.42
CA TYR E 596 128.83 164.35 -42.61
CA ARG E 597 126.12 165.95 -40.42
CA TRP E 598 125.54 169.67 -40.24
CA ILE E 599 123.26 172.20 -38.56
CA ARG E 600 122.22 175.43 -40.27
CA ILE E 601 123.25 178.09 -37.77
CA ALA E 602 122.23 181.23 -39.67
CA MET F 1 78.74 187.23 -122.52
CA LYS F 2 79.72 190.39 -124.24
CA GLN F 3 80.71 189.98 -127.86
CA ASN F 4 83.00 192.28 -129.78
CA ILE F 5 83.27 192.96 -133.48
CA ASN F 6 86.31 191.35 -135.00
CA ILE F 7 87.89 194.35 -136.69
CA GLY F 8 90.89 192.24 -137.53
CA ASN F 9 88.88 190.74 -140.34
CA VAL F 10 86.70 192.51 -142.88
CA VAL F 11 89.52 192.95 -145.29
CA ASP F 12 89.38 189.20 -145.56
CA ASP F 13 85.65 188.62 -145.52
CA GLY F 14 83.00 190.13 -147.74
CA THR F 15 80.46 192.57 -146.44
CA GLY F 16 77.77 189.96 -146.33
CA ASP F 17 79.46 187.82 -143.68
CA TYR F 18 80.75 190.71 -141.61
CA LEU F 19 77.37 192.36 -141.35
CA ARG F 20 75.58 189.20 -140.36
CA LYS F 21 78.22 188.20 -137.89
CA GLY F 22 78.52 191.72 -136.62
CA GLY F 23 74.83 192.49 -136.46
CA ILE F 24 74.05 189.46 -134.38
CA LYS F 25 76.77 190.55 -132.02
CA ILE F 26 75.33 194.03 -131.72
CA ASN F 27 71.87 192.65 -131.18
CA GLU F 28 73.06 190.30 -128.48
CA ASN F 29 74.93 192.88 -126.45
CA PHE F 30 72.22 195.50 -126.46
CA ASP F 31 69.62 192.93 -125.58
CA GLU F 32 71.72 192.08 -122.59
CA LEU F 33 71.88 195.72 -121.54
CA TYR F 34 68.25 196.56 -122.18
CA TYR F 35 66.98 193.56 -120.31
CA GLU F 36 69.02 194.44 -117.27
CA LEU F 37 68.04 198.13 -117.37
CA GLY F 38 64.46 197.78 -118.51
CA ASP F 39 61.64 195.52 -117.56
CA GLY F 40 61.12 195.00 -121.15
CA ASP F 41 61.00 198.62 -122.12
CA VAL F 42 63.64 201.41 -122.21
CA PRO F 43 66.66 201.97 -120.09
CA TYR F 44 65.90 203.24 -116.61
CA SER F 45 68.42 205.39 -114.81
CA ALA F 46 66.77 204.24 -111.62
CA GLY F 47 67.33 200.76 -112.87
CA ALA F 48 64.57 198.26 -113.11
CA TRP F 49 63.18 195.34 -111.17
CA LYS F 50 62.01 192.56 -113.45
CA THR F 51 58.48 191.31 -113.12
CA TYR F 52 58.17 187.61 -113.78
CA ASN F 53 55.36 185.12 -113.43
CA ALA F 54 55.60 182.30 -110.98
CA SER F 55 56.94 179.70 -113.33
CA SER F 56 60.36 180.29 -114.62
CA GLY F 57 62.50 183.33 -115.02
CA GLN F 58 64.73 183.21 -117.98
CA THR F 59 64.91 179.79 -116.48
CA LEU F 60 64.40 178.30 -113.06
CA THR F 61 67.04 179.29 -110.52
CA ALA F 62 67.19 182.92 -111.50
CA GLU F 63 70.50 184.28 -112.60
CA TRP F 64 72.99 186.11 -110.42
CA GLY F 65 72.86 189.88 -110.76
CA LYS F 66 69.16 190.08 -111.53
CA SER F 67 66.52 192.14 -109.78
CA TYR F 68 62.93 191.25 -109.17
CA ALA F 69 59.74 193.00 -108.20
CA ILE F 70 57.77 190.35 -106.40
CA ASN F 71 54.02 189.99 -106.63
CA THR F 72 52.47 187.60 -104.16
CA SER F 73 48.94 188.90 -104.28
CA SER F 74 47.66 185.67 -105.76
CA GLY F 75 49.78 183.55 -103.52
CA ARG F 76 53.23 183.26 -102.02
CA VAL F 77 56.07 183.04 -104.49
CA THR F 78 59.30 181.11 -104.22
CA ILE F 79 62.47 182.24 -105.89
CA ASN F 80 65.70 180.34 -106.18
CA LEU F 81 69.15 181.63 -106.97
CA PRO F 82 72.03 179.81 -108.42
CA LYS F 83 75.24 179.37 -106.53
CA GLY F 84 77.37 182.43 -106.85
CA THR F 85 80.91 183.60 -106.31
CA VAL F 86 81.98 186.18 -103.81
CA ASN F 87 80.57 189.47 -104.69
CA ASP F 88 81.44 189.02 -108.37
CA TYR F 89 78.02 189.43 -109.03
CA ASN F 90 77.09 188.45 -105.60
CA LYS F 91 74.01 190.57 -105.63
CA VAL F 92 70.41 189.76 -106.35
CA ILE F 93 67.88 192.28 -105.18
CA ARG F 94 64.13 192.22 -104.75
CA ALA F 95 61.50 194.83 -104.03
CA ARG F 96 57.80 194.73 -103.43
CA ASP F 97 56.09 197.60 -105.18
CA VAL F 98 52.68 196.01 -104.88
CA PHE F 99 53.02 195.56 -101.13
CA ALA F 100 51.67 192.07 -101.73
CA THR F 101 53.96 190.37 -99.26
CA TRP F 102 52.34 189.37 -96.04
CA ASN F 103 52.31 186.42 -93.69
CA VAL F 104 49.68 184.78 -95.85
CA ASN F 105 51.56 185.23 -99.09
CA PRO F 106 55.16 185.51 -98.19
CA VAL F 107 58.14 185.62 -100.44
CA THR F 108 60.16 182.55 -99.78
CA LEU F 109 63.58 183.20 -100.89
CA VAL F 110 65.95 180.48 -101.21
CA ALA F 111 66.84 183.53 -103.26
CA ALA F 112 70.50 183.55 -103.56
CA SER F 113 70.50 180.13 -102.01
CA GLY F 114 71.95 177.13 -103.52
CA ASP F 115 73.58 176.40 -100.21
CA THR F 116 72.99 178.47 -97.16
CA ILE F 117 72.11 181.94 -96.02
CA LYS F 118 73.87 183.52 -93.08
CA GLY F 119 72.50 182.68 -89.70
CA SER F 120 70.80 179.40 -89.07
CA ALA F 121 68.56 180.78 -91.77
CA VAL F 122 67.41 178.36 -94.41
CA PRO F 123 65.35 179.73 -97.21
CA VAL F 124 64.36 183.10 -95.91
CA GLU F 125 60.73 183.95 -95.46
CA ILE F 126 59.88 187.57 -96.02
CA ASN F 127 56.71 188.71 -94.28
CA VAL F 128 57.38 192.44 -94.51
CA ARG F 129 55.29 194.32 -97.03
CA PHE F 130 56.92 196.93 -99.25
CA SER F 131 60.31 195.55 -98.38
CA ASP F 132 63.61 195.50 -100.20
CA LEU F 133 65.73 192.42 -99.86
CA GLU F 134 69.32 192.29 -100.97
CA LEU F 135 71.33 189.10 -101.13
CA VAL F 136 75.09 189.10 -101.34
CA TYR F 137 77.52 186.28 -101.83
CA CYS F 138 79.93 186.38 -98.88
CA ALA F 139 82.09 183.39 -99.71
CA PRO F 140 82.50 181.06 -102.65
CA GLY F 141 85.09 178.56 -101.46
CA ARG F 142 83.91 175.42 -103.18
CA TRP F 143 80.80 174.20 -101.34
CA GLU F 144 81.44 177.37 -99.38
CA TYR F 145 78.64 179.26 -101.23
CA VAL F 146 77.40 181.49 -98.47
CA LYS F 147 74.88 184.27 -98.77
CA ASN F 148 74.09 187.17 -96.45
CA LYS F 149 70.97 189.30 -96.55
CA GLN F 150 69.56 192.64 -95.50
CA ILE F 151 65.95 193.74 -95.45
CA ASP F 152 64.78 197.33 -95.44
CA LYS F 153 61.57 199.24 -95.93
CA ILE F 154 61.12 200.77 -99.34
CA THR F 155 59.12 203.60 -97.87
CA SER F 156 60.38 205.29 -94.83
CA SER F 157 58.53 207.97 -93.05
CA ASP F 158 61.43 210.35 -93.24
CA ILE F 159 64.27 208.25 -92.03
CA SER F 160 66.62 211.14 -92.60
CA LEU F 406 115.00 186.59 -64.63
CA TYR F 407 112.42 184.11 -63.30
CA VAL F 408 112.58 180.43 -62.39
CA SER F 409 110.98 178.25 -65.12
CA GLN F 410 108.36 175.68 -64.04
CA GLY F 411 110.18 173.23 -66.30
CA PRO F 412 108.49 170.17 -67.63
CA GLY F 413 106.16 168.76 -65.17
CA VAL F 414 106.95 165.42 -63.53
CA ASP F 415 104.96 162.23 -63.34
CA ILE F 416 104.51 161.46 -59.64
CA SER F 417 103.85 157.75 -59.78
CA GLY F 418 105.07 156.68 -56.33
CA ASP F 419 103.34 159.00 -53.86
CA VAL F 420 101.57 157.69 -50.76
CA ASN F 421 99.04 159.04 -48.30
CA LEU F 422 98.35 158.05 -44.72
CA THR F 423 94.99 156.60 -43.78
CA ASP F 424 95.53 156.96 -40.00
CA PHE F 425 96.99 160.08 -38.38
CA ASP F 426 96.82 158.74 -34.81
CA LYS F 427 98.80 155.52 -35.10
CA ILE F 428 101.15 156.30 -37.98
CA GLY F 429 102.49 153.78 -40.48
CA TRP F 430 101.85 150.57 -42.31
CA PRO F 431 99.29 149.06 -42.69
CA ASN F 432 97.48 152.46 -42.81
CA VAL F 433 99.25 153.82 -45.90
CA GLU F 434 97.84 153.90 -49.43
CA ALA F 435 99.33 154.30 -52.86
CA VAL F 436 98.31 157.43 -54.85
CA GLN F 437 97.59 156.88 -58.53
CA SER F 438 100.06 158.57 -60.85
CA TYR F 439 99.51 162.26 -61.35
CA GLN F 440 101.33 165.13 -63.05
CA ARG F 441 102.97 167.70 -60.83
CA GLU F 442 103.44 171.08 -62.44
CA PHE F 443 105.51 173.62 -60.46
CA ASN F 444 102.88 176.36 -60.60
CA ALA F 445 103.93 177.83 -57.24
CA VAL F 446 106.32 177.42 -54.36
CA SER F 447 103.90 175.02 -52.68
CA ASN F 448 104.42 172.53 -55.49
CA ILE F 449 108.22 172.76 -55.09
CA PHE F 450 107.80 172.15 -51.36
CA ASP F 451 105.82 168.96 -52.09
CA THR F 452 108.67 167.71 -54.31
CA ILE F 453 111.25 168.34 -51.58
CA TYR F 454 109.22 167.19 -48.57
CA PRO F 455 106.70 164.66 -49.83
CA ILE F 456 104.35 162.93 -47.38
CA GLY F 457 106.31 160.67 -45.05
CA THR F 458 109.48 162.80 -45.12
CA ILE F 459 111.43 162.93 -41.90
CA TYR F 460 112.65 166.40 -40.92
CA GLU F 461 114.90 167.20 -37.97
CA ASN F 462 115.72 170.50 -36.29
CA ALA F 463 118.19 170.70 -33.41
CA VAL F 464 116.74 173.75 -31.66
CA ASN F 465 113.39 174.91 -33.01
CA PRO F 466 110.64 173.33 -30.82
CA ASN F 467 107.73 174.57 -32.91
CA ASN F 468 105.67 172.68 -35.46
CA PRO F 469 107.53 173.02 -38.84
CA VAL F 470 104.50 174.56 -40.60
CA THR F 471 105.03 177.67 -38.42
CA TYR F 472 108.56 178.20 -39.76
CA MET F 473 108.42 176.58 -43.20
CA GLY F 474 104.93 177.70 -44.28
CA PHE F 475 103.76 174.38 -45.72
CA GLY F 476 102.75 170.82 -44.80
CA SER F 477 101.15 169.07 -41.84
CA TRP F 478 103.70 167.65 -39.42
CA LYS F 479 103.75 165.38 -36.34
CA LEU F 480 106.57 164.44 -33.98
CA PHE F 481 108.10 161.14 -35.07
CA GLY F 482 110.23 158.48 -33.41
CA GLN F 483 110.28 160.12 -29.98
CA GLY F 484 112.91 158.42 -27.85
CA LYS F 485 114.15 156.46 -30.89
CA VAL F 486 117.11 156.33 -33.21
CA LEU F 487 116.31 155.80 -36.89
CA VAL F 488 117.65 152.61 -38.51
CA GLY F 489 117.67 152.16 -42.25
CA TRP F 490 115.09 149.62 -43.34
CA ASN F 491 116.68 146.62 -44.95
CA GLU F 492 115.50 145.26 -48.32
CA ASP F 493 117.25 141.99 -47.24
CA ILE F 494 114.45 140.10 -45.57
CA SER F 495 116.88 137.96 -43.61
CA ASP F 496 117.80 140.94 -41.40
CA PRO F 497 116.39 139.81 -38.04
CA ASN F 498 115.83 143.33 -36.70
CA PHE F 499 115.44 145.89 -39.49
CA ALA F 500 113.49 144.29 -42.32
CA LEU F 501 110.20 143.03 -40.93
CA ASN F 502 107.64 145.27 -39.27
CA ASN F 503 106.44 143.92 -35.89
CA ASN F 504 103.82 146.70 -35.89
CA ASP F 505 102.10 145.42 -39.07
CA LEU F 506 101.24 141.76 -38.74
CA ASP F 507 99.02 139.71 -41.01
CA SER F 508 96.34 137.33 -39.78
CA GLY F 509 98.93 134.64 -38.98
CA GLY F 510 100.99 137.11 -36.92
CA ASN F 511 103.61 137.52 -39.67
CA PRO F 512 105.24 140.94 -40.05
CA SER F 513 105.26 142.83 -43.33
CA HIS F 514 108.45 143.73 -45.17
CA THR F 515 107.99 147.47 -44.56
CA ALA F 516 109.62 150.25 -42.62
CA GLY F 517 108.18 151.09 -39.22
CA GLY F 518 109.40 148.11 -37.22
CA THR F 519 110.43 149.04 -33.68
CA GLY F 520 112.51 147.42 -30.96
CA GLY F 521 115.55 147.93 -28.77
CA SER F 522 116.08 148.66 -25.13
CA THR F 523 117.57 151.48 -23.08
CA SER F 524 119.28 149.07 -20.62
CA VAL F 525 120.04 145.43 -20.02
CA THR F 526 119.92 143.48 -16.79
CA LEU F 527 122.16 140.44 -16.89
CA GLU F 528 120.76 137.04 -16.03
CA ASN F 529 122.59 133.80 -15.27
CA THR F 530 121.94 132.52 -18.80
CA ASN F 531 124.08 135.39 -20.17
CA LEU F 532 127.17 134.45 -18.15
CA PRO F 533 130.00 132.33 -19.59
CA ALA F 534 131.54 129.44 -17.74
CA THR F 535 133.90 130.41 -14.96
CA GLU F 536 135.86 128.62 -12.26
CA THR F 537 137.48 129.54 -8.97
CA ASP F 538 141.01 130.90 -9.12
CA GLU F 539 142.22 128.25 -6.59
CA GLU F 540 141.30 124.64 -5.99
CA VAL F 541 138.64 123.95 -3.38
CA LEU F 542 137.17 120.71 -1.94
CA ILE F 543 134.32 119.58 -4.16
CA VAL F 544 131.87 116.81 -3.32
CA ASP F 545 132.53 113.93 -5.69
CA GLU F 546 131.14 110.42 -5.54
CA ASN F 547 134.10 109.51 -7.78
CA GLY F 548 136.56 111.47 -5.58
CA SER F 549 139.80 110.32 -3.92
CA VAL F 550 139.91 112.69 -1.00
CA ILE F 551 138.37 111.61 2.28
CA VAL F 552 137.04 114.17 4.65
CA TYR F 566 135.53 126.65 15.51
CA THR F 567 132.87 125.89 12.89
CA LYS F 568 131.32 123.03 11.20
CA TYR F 569 130.75 123.01 7.46
CA ARG F 570 127.93 122.19 5.16
CA GLU F 571 127.99 120.46 1.82
CA ALA F 572 126.27 122.79 -0.64
CA LYS F 573 126.68 124.76 -3.83
CA ALA F 574 128.37 128.04 -2.87
CA SER F 575 126.58 131.21 -3.96
CA THR F 576 128.08 134.38 -5.29
CA ASN F 577 126.12 137.65 -5.27
CA SER F 578 123.06 135.94 -3.76
CA THR F 579 121.53 139.34 -2.90
CA HIS F 580 121.61 140.59 -6.52
CA THR F 581 117.96 140.03 -7.20
CA PRO F 582 118.06 141.79 -9.53
CA PRO F 583 121.49 143.18 -10.24
CA THR F 584 122.10 146.79 -11.34
CA SER F 585 121.16 147.33 -14.97
CA ILE F 586 123.70 148.50 -17.54
CA THR F 587 123.16 151.21 -20.14
CA ASN F 588 122.43 150.13 -23.67
CA ILE F 589 122.52 153.66 -25.16
CA GLN F 590 125.42 154.79 -27.35
CA PRO F 591 126.47 158.47 -27.52
CA TYR F 592 123.52 160.60 -28.61
CA ILE F 593 122.09 164.05 -28.91
CA THR F 594 118.34 164.62 -29.12
CA VAL F 595 116.69 166.66 -31.90
CA TYR F 596 113.13 167.68 -32.75
CA ARG F 597 112.12 165.04 -35.33
CA TRP F 598 108.97 165.27 -37.40
CA ILE F 599 107.12 163.38 -40.12
CA ARG F 600 105.08 165.15 -42.81
CA ILE F 601 101.67 163.54 -42.49
CA ALA F 602 99.76 165.50 -45.14
CA MET G 1 -166.96 117.24 -139.47
CA LYS G 2 -163.83 117.50 -141.51
CA GLN G 3 -164.06 116.20 -145.04
CA ASN G 4 -161.18 114.78 -147.02
CA ILE G 5 -160.71 114.49 -150.76
CA ASN G 6 -161.11 110.96 -151.98
CA ILE G 7 -157.91 110.51 -153.94
CA GLY G 8 -158.87 106.91 -154.45
CA ASN G 9 -161.24 107.94 -157.19
CA VAL G 10 -159.90 110.07 -160.01
CA VAL G 11 -159.44 108.52 -163.38
CA ASP G 12 -162.52 106.54 -162.55
CA ASP G 13 -164.72 109.59 -161.93
CA GLY G 14 -164.98 112.38 -164.45
CA THR G 15 -163.58 115.80 -163.70
CA GLY G 16 -167.00 117.27 -163.34
CA ASP G 17 -167.95 115.12 -160.36
CA TYR G 18 -164.56 115.20 -158.68
CA LEU G 19 -164.39 118.97 -158.72
CA ARG G 20 -167.91 119.41 -157.43
CA LYS G 21 -167.55 116.86 -154.70
CA GLY G 22 -164.06 118.06 -153.93
CA GLY G 23 -164.79 121.75 -154.03
CA ILE G 24 -167.70 121.53 -151.69
CA LYS G 25 -165.51 119.64 -149.29
CA ILE G 26 -162.84 122.31 -149.54
CA ASN G 27 -165.29 125.08 -148.86
CA GLU G 28 -166.92 123.22 -146.00
CA ASN G 29 -163.68 122.73 -144.11
CA PHE G 30 -162.41 126.24 -144.53
CA ASP G 31 -165.71 127.64 -143.46
CA GLU G 32 -165.52 125.67 -140.29
CA LEU G 33 -162.03 127.02 -139.62
CA TYR G 34 -162.84 130.60 -140.52
CA TYR G 35 -165.91 130.72 -138.33
CA GLU G 36 -164.03 129.49 -135.31
CA LEU G 37 -161.08 131.87 -135.91
CA GLY G 38 -162.97 134.88 -137.14
CA ASP G 39 -166.04 136.79 -136.21
CA GLY G 40 -167.54 136.05 -139.48
CA ASP G 41 -164.18 137.60 -140.38
CA VAL G 42 -160.65 136.46 -141.38
CA PRO G 43 -158.44 134.32 -139.21
CA TYR G 44 -157.16 135.89 -136.03
CA SER G 45 -154.14 134.39 -134.34
CA ALA G 46 -155.39 135.65 -131.03
CA GLY G 47 -158.58 133.86 -131.83
CA ALA G 48 -162.02 135.37 -131.82
CA TRP G 49 -164.97 135.90 -129.53
CA LYS G 50 -168.19 135.60 -131.51
CA THR G 51 -170.72 138.33 -131.07
CA TYR G 52 -174.27 137.19 -131.50
CA ASN G 53 -177.67 138.40 -130.50
CA ALA G 54 -180.05 136.96 -127.96
CA SER G 55 -181.94 135.36 -130.79
CA SER G 56 -178.74 133.56 -131.63
CA GLY G 57 -178.51 129.88 -130.95
CA GLN G 58 -178.94 126.89 -133.17
CA THR G 59 -181.07 125.80 -130.30
CA LEU G 60 -181.65 127.30 -126.93
CA THR G 61 -178.29 125.93 -125.94
CA ALA G 62 -175.08 127.01 -127.60
CA GLU G 63 -172.45 124.74 -129.11
CA TRP G 64 -169.47 123.87 -127.04
CA GLY G 65 -166.01 124.99 -128.05
CA LYS G 66 -167.40 128.37 -129.00
CA SER G 67 -166.37 131.76 -127.71
CA TYR G 68 -168.69 134.58 -126.77
CA ALA G 69 -168.23 138.28 -126.53
CA ILE G 70 -171.27 139.31 -124.57
CA ASN G 71 -172.93 142.64 -124.51
CA THR G 72 -175.63 143.12 -122.00
CA SER G 73 -176.06 146.78 -122.70
CA SER G 74 -179.71 146.39 -123.54
CA GLY G 75 -180.35 143.54 -121.16
CA ARG G 76 -178.64 140.87 -119.08
CA VAL G 77 -178.54 138.00 -121.60
CA THR G 78 -178.70 134.35 -120.68
CA ILE G 79 -176.50 131.75 -122.26
CA ASN G 80 -177.13 128.02 -122.11
CA LEU G 81 -174.34 125.54 -122.54
CA PRO G 82 -174.93 122.30 -124.30
CA LYS G 83 -174.29 119.00 -122.64
CA GLY G 84 -170.62 118.43 -122.99
CA THR G 85 -167.87 115.88 -122.84
CA VAL G 86 -164.56 115.92 -120.96
CA ASN G 87 -162.62 119.19 -121.19
CA ASP G 88 -160.59 118.34 -124.22
CA TYR G 89 -164.00 117.98 -125.69
CA ASN G 90 -165.50 120.81 -123.80
CA LYS G 91 -164.34 124.34 -123.19
CA VAL G 92 -166.36 127.50 -123.66
CA ILE G 93 -165.08 131.01 -123.08
CA ARG G 94 -166.74 134.37 -122.65
CA ALA G 95 -165.48 137.94 -122.60
CA ARG G 96 -167.00 141.33 -121.99
CA ASP G 97 -165.18 143.81 -124.24
CA VAL G 98 -168.09 146.26 -124.26
CA PHE G 99 -167.96 146.50 -120.48
CA ALA G 100 -171.71 145.94 -120.41
CA THR G 101 -171.79 143.36 -117.62
CA TRP G 102 -173.05 144.70 -114.34
CA ASN G 103 -175.44 143.88 -111.54
CA VAL G 104 -178.18 145.50 -113.57
CA ASN G 105 -177.40 143.55 -116.70
CA PRO G 106 -175.56 140.47 -115.65
CA VAL G 107 -174.70 137.55 -117.79
CA THR G 108 -176.15 134.34 -116.56
CA LEU G 109 -174.69 131.01 -117.46
CA VAL G 110 -177.42 128.49 -117.99
CA ALA G 111 -178.65 127.19 -114.68
CA ALA G 112 -175.91 124.74 -114.07
CA SER G 113 -175.05 124.52 -117.73
CA GLY G 114 -176.08 121.34 -119.42
CA ASP G 115 -176.63 119.78 -115.98
CA THR G 116 -174.66 121.18 -113.11
CA ILE G 117 -171.65 123.29 -112.28
CA LYS G 118 -169.40 122.26 -109.43
CA GLY G 119 -169.19 124.15 -106.21
CA SER G 120 -172.90 123.46 -106.38
CA ALA G 121 -173.96 126.50 -108.19
CA VAL G 122 -177.33 127.94 -109.02
CA PRO G 123 -177.20 129.63 -112.39
CA VAL G 124 -173.86 131.27 -112.29
CA GLU G 125 -174.47 134.94 -112.39
CA ILE G 126 -171.60 137.14 -113.23
CA ASN G 127 -171.79 140.84 -112.76
CA VAL G 128 -168.08 141.39 -112.95
CA ARG G 129 -167.16 144.01 -115.46
CA PHE G 130 -164.68 143.25 -118.24
CA SER G 131 -164.58 139.69 -117.11
CA ASP G 132 -163.42 136.53 -118.81
CA LEU G 133 -165.32 133.42 -117.92
CA GLU G 134 -164.15 129.95 -118.77
CA LEU G 135 -166.29 126.90 -118.32
CA VAL G 136 -164.77 123.48 -118.57
CA TYR G 137 -166.41 120.11 -118.56
CA CYS G 138 -164.90 118.11 -115.72
CA ALA G 139 -166.67 114.86 -116.41
CA PRO G 140 -169.05 113.45 -118.96
CA GLY G 141 -169.63 109.95 -117.64
CA ARG G 142 -173.23 109.50 -118.66
CA TRP G 143 -175.44 111.85 -116.67
CA GLU G 144 -172.10 112.76 -115.13
CA TYR G 145 -171.99 116.06 -117.07
CA VAL G 146 -170.25 118.34 -114.61
CA LYS G 147 -168.79 121.75 -115.28
CA ASN G 148 -166.58 124.06 -113.30
CA LYS G 149 -165.57 127.61 -114.03
CA GLN G 150 -163.12 130.40 -113.39
CA ILE G 151 -163.49 134.16 -113.64
CA ASP G 152 -160.66 136.51 -114.45
CA LYS G 153 -160.44 140.18 -115.25
CA ILE G 154 -159.62 140.87 -118.86
CA THR G 155 -157.71 143.99 -117.99
CA SER G 156 -155.67 144.65 -114.98
CA SER G 157 -153.09 147.03 -113.89
CA ASP G 158 -150.27 144.54 -114.03
CA ILE G 159 -150.92 141.30 -112.31
CA SER G 160 -147.42 140.25 -113.19
CA LEU G 406 -112.72 163.55 -100.53
CA TYR G 407 -109.60 163.67 -102.73
CA VAL G 408 -106.37 165.66 -102.52
CA SER G 409 -106.36 168.58 -105.03
CA GLN G 410 -103.34 168.94 -107.34
CA GLY G 411 -103.42 172.64 -106.47
CA PRO G 412 -101.81 175.19 -108.68
CA GLY G 413 -98.74 173.91 -110.21
CA VAL G 414 -95.39 175.32 -109.17
CA ASP G 415 -92.62 176.89 -111.21
CA ILE G 416 -89.51 174.81 -110.53
CA SER G 417 -86.82 177.29 -111.44
CA GLY G 418 -83.92 176.04 -109.28
CA ASP G 419 -83.63 172.33 -110.02
CA VAL G 420 -80.30 170.69 -110.83
CA ASN G 421 -79.18 167.42 -112.39
CA LEU G 422 -75.94 165.52 -111.99
CA THR G 423 -73.69 165.02 -114.99
CA ASP G 424 -71.49 162.37 -113.28
CA PHE G 425 -72.89 159.50 -111.19
CA ASP G 426 -69.50 157.99 -110.34
CA LYS G 427 -67.71 160.94 -108.76
CA ILE G 428 -70.63 162.95 -107.36
CA GLY G 429 -70.72 166.73 -107.02
CA TRP G 430 -69.53 170.01 -108.40
CA PRO G 431 -68.27 170.63 -111.04
CA ASN G 432 -70.48 167.88 -112.59
CA VAL G 433 -73.84 169.48 -111.78
CA GLU G 434 -76.04 171.43 -114.20
CA ALA G 435 -78.89 173.83 -113.82
CA VAL G 436 -82.30 172.75 -115.19
CA GLN G 437 -84.28 175.41 -117.04
CA SER G 438 -87.47 176.46 -115.31
CA TYR G 439 -90.36 174.07 -115.76
CA GLN G 440 -93.89 173.72 -114.37
CA ARG G 441 -94.52 170.89 -111.97
CA GLU G 442 -98.13 169.75 -111.80
CA PHE G 443 -98.96 167.21 -109.08
CA ASN G 444 -100.58 164.71 -111.43
CA ALA G 445 -99.56 161.72 -109.31
CA VAL G 446 -97.73 160.71 -106.18
CA SER G 447 -94.45 160.59 -108.10
CA ASN G 448 -94.63 164.34 -108.64
CA ILE G 449 -95.19 164.92 -104.89
CA PHE G 450 -92.16 162.72 -104.18
CA ASP G 451 -90.03 164.89 -106.49
CA THR G 452 -91.10 168.00 -104.55
CA ILE G 453 -90.17 166.42 -101.21
CA TYR G 454 -86.96 164.66 -102.29
CA PRO G 455 -85.57 166.59 -105.23
CA ILE G 456 -82.27 165.52 -106.80
CA GLY G 457 -79.41 166.04 -104.37
CA THR G 458 -81.54 165.46 -101.25
CA ILE G 459 -79.78 163.72 -98.41
CA TYR G 460 -81.84 160.97 -96.72
CA GLU G 461 -80.81 159.03 -93.63
CA ASN G 462 -82.18 155.84 -92.11
CA ALA G 463 -80.82 154.42 -88.87
CA VAL G 464 -81.58 150.75 -89.52
CA ASN G 465 -82.74 149.97 -93.04
CA PRO G 466 -79.67 148.87 -95.07
CA ASN G 467 -81.46 148.64 -98.40
CA ASN G 468 -81.48 151.12 -101.25
CA PRO G 469 -84.30 153.64 -100.52
CA VAL G 470 -86.09 152.95 -103.85
CA THR G 471 -86.94 149.48 -102.46
CA TYR G 472 -88.84 150.94 -99.50
CA MET G 473 -89.96 154.34 -100.80
CA GLY G 474 -90.90 153.37 -104.36
CA PHE G 475 -89.28 156.32 -106.13
CA GLY G 476 -85.93 157.89 -107.03
CA SER G 477 -82.40 156.70 -107.75
CA TRP G 478 -80.18 156.73 -104.68
CA LYS G 479 -76.49 156.25 -103.81
CA LEU G 480 -74.70 156.07 -100.47
CA PHE G 481 -73.32 159.48 -99.57
CA GLY G 482 -70.66 160.77 -97.19
CA GLN G 483 -69.54 157.34 -95.99
CA GLY G 484 -67.33 157.79 -92.95
CA LYS G 485 -68.18 161.52 -92.83
CA VAL G 486 -70.16 163.96 -90.74
CA LEU G 487 -72.12 166.58 -92.68
CA VAL G 488 -71.14 170.22 -92.11
CA GLY G 489 -73.35 173.06 -93.27
CA TRP G 490 -71.82 174.85 -96.21
CA ASN G 491 -71.01 178.44 -95.40
CA GLU G 492 -72.10 181.33 -97.63
CA ASP G 493 -69.32 183.32 -95.85
CA ILE G 494 -66.36 182.79 -98.11
CA SER G 495 -63.91 183.59 -95.34
CA ASP G 496 -64.73 180.29 -93.60
CA PRO G 497 -61.41 178.44 -93.96
CA ASN G 498 -62.95 174.95 -93.86
CA PHE G 499 -66.59 174.94 -94.93
CA ALA G 500 -67.03 177.45 -97.76
CA LEU G 501 -64.61 176.51 -100.53
CA ASN G 502 -64.67 173.16 -102.30
CA ASN G 503 -61.22 171.51 -102.49
CA ASN G 504 -62.77 168.89 -104.80
CA ASP G 505 -63.69 171.47 -107.49
CA LEU G 506 -60.69 173.55 -108.44
CA ASP G 507 -60.36 175.90 -111.38
CA SER G 508 -57.38 176.02 -113.69
CA GLY G 509 -55.35 178.03 -111.16
CA GLY G 510 -56.08 175.47 -108.41
CA ASN G 511 -58.68 177.74 -106.75
CA PRO G 512 -61.67 176.05 -105.09
CA SER G 513 -65.25 176.95 -105.98
CA HIS G 514 -67.67 178.41 -103.46
CA THR G 515 -69.88 175.29 -103.47
CA ALA G 516 -70.85 172.49 -101.14
CA GLY G 517 -68.91 169.25 -101.41
CA GLY G 518 -65.63 170.29 -99.83
CA THR G 519 -64.09 167.55 -97.69
CA GLY G 520 -61.45 167.39 -94.98
CA GLY G 521 -60.86 166.37 -91.39
CA SER G 522 -59.02 163.56 -89.72
CA THR G 523 -59.92 160.62 -87.49
CA SER G 524 -56.82 161.10 -85.26
CA VAL G 525 -53.94 163.42 -84.59
CA THR G 526 -50.34 162.56 -83.82
CA LEU G 527 -48.60 165.33 -81.93
CA GLU G 528 -45.34 166.73 -83.20
CA ASN G 529 -42.81 168.95 -81.43
CA THR G 530 -44.16 172.02 -83.23
CA ASN G 531 -47.52 171.52 -81.43
CA LEU G 532 -46.00 171.63 -77.94
CA PRO G 533 -45.94 174.82 -75.82
CA ALA G 534 -42.88 175.99 -73.98
CA THR G 535 -42.10 174.08 -70.82
CA GLU G 536 -39.33 174.03 -68.23
CA THR G 537 -38.04 171.60 -65.63
CA ASP G 538 -39.73 171.69 -62.25
CA GLU G 539 -36.33 172.16 -60.48
CA GLU G 540 -33.18 174.01 -61.40
CA VAL G 541 -30.47 172.03 -63.16
CA LEU G 542 -26.92 172.91 -64.32
CA ILE G 543 -27.11 174.43 -67.78
CA VAL G 544 -24.13 175.13 -70.01
CA ASP G 545 -23.78 178.89 -70.30
CA GLU G 546 -20.91 180.85 -71.80
CA ASN G 547 -22.28 183.78 -69.73
CA GLY G 548 -22.62 181.60 -66.60
CA SER G 549 -21.22 182.13 -63.08
CA VAL G 550 -20.99 178.56 -61.93
CA ILE G 551 -17.74 176.69 -62.45
CA VAL G 552 -17.75 172.97 -62.81
CA TYR G 566 -19.15 156.64 -60.10
CA THR G 567 -19.93 158.23 -63.48
CA LYS G 568 -18.73 160.93 -65.66
CA TYR G 569 -21.15 163.31 -67.36
CA ARG G 570 -21.61 164.67 -70.79
CA GLU G 571 -22.63 168.13 -71.88
CA ALA G 572 -25.67 167.71 -74.13
CA LYS G 573 -29.31 168.60 -74.59
CA ALA G 574 -31.29 166.13 -72.49
CA SER G 575 -34.00 164.20 -74.33
CA THR G 576 -37.45 163.30 -73.10
CA ASN G 577 -39.44 160.50 -74.75
CA SER G 578 -36.68 159.85 -77.31
CA THR G 579 -38.28 156.52 -78.27
CA HIS G 580 -41.63 158.11 -79.23
CA THR G 581 -41.07 157.98 -82.94
CA PRO G 582 -43.91 158.37 -83.46
CA PRO G 583 -45.98 158.78 -80.34
CA THR G 584 -49.41 157.18 -79.87
CA SER G 585 -52.09 159.01 -81.84
CA ILE G 586 -55.11 160.58 -80.15
CA THR G 587 -58.71 160.32 -81.29
CA ASN G 588 -60.19 163.25 -83.14
CA ILE G 589 -63.74 161.82 -83.29
CA GLN G 590 -66.52 163.28 -81.14
CA PRO G 591 -69.47 161.12 -79.97
CA TYR G 592 -71.23 159.60 -82.97
CA ILE G 593 -73.66 157.03 -84.20
CA THR G 594 -73.58 155.78 -87.79
CA VAL G 595 -76.63 155.81 -90.09
CA TYR G 596 -77.33 154.73 -93.67
CA ARG G 597 -77.00 158.02 -95.58
CA TRP G 598 -78.02 158.43 -99.20
CA ILE G 599 -78.18 161.07 -101.91
CA ARG G 600 -80.92 161.10 -104.56
CA ILE G 601 -78.94 161.11 -107.81
CA ALA G 602 -81.82 161.03 -110.31
CA MET H 1 -160.13 137.42 -146.57
CA LYS H 2 -161.31 133.90 -146.98
CA GLN H 3 -162.13 132.80 -150.48
CA ASN H 4 -164.13 129.78 -151.50
CA ILE H 5 -164.26 127.67 -154.61
CA ASN H 6 -167.10 128.58 -156.86
CA ILE H 7 -168.72 125.20 -157.32
CA GLY H 8 -171.52 126.90 -159.19
CA ASN H 9 -169.18 127.02 -162.15
CA VAL H 10 -166.92 124.30 -163.56
CA VAL H 11 -169.55 123.00 -165.87
CA ASP H 12 -169.12 126.32 -167.55
CA ASP H 13 -165.35 126.71 -167.33
CA GLY H 14 -162.74 124.26 -168.54
CA THR H 15 -160.48 122.53 -166.07
CA GLY H 16 -157.58 124.72 -166.91
CA ASP H 17 -159.22 127.86 -165.54
CA TYR H 18 -160.95 126.30 -162.56
CA LEU H 19 -157.79 124.68 -161.31
CA ARG H 20 -155.84 127.89 -161.61
CA LYS H 21 -158.55 129.96 -160.00
CA GLY H 22 -159.20 127.27 -157.44
CA GLY H 23 -155.61 126.50 -156.62
CA ILE H 24 -154.70 130.07 -155.91
CA LYS H 25 -157.76 130.21 -153.72
CA ILE H 26 -156.66 127.18 -151.77
CA ASN H 27 -153.13 128.47 -151.45
CA GLU H 28 -154.35 131.82 -150.20
CA ASN H 29 -156.60 130.47 -147.47
CA PHE H 30 -154.12 128.00 -146.09
CA ASP H 31 -151.44 130.63 -146.06
CA GLU H 32 -153.80 132.69 -143.98
CA LEU H 33 -154.24 129.87 -141.51
CA TYR H 34 -150.62 128.80 -141.40
CA TYR H 35 -149.36 132.29 -140.76
CA GLU H 36 -151.72 132.78 -137.87
CA LEU H 37 -150.95 129.36 -136.36
CA GLY H 38 -147.29 129.10 -137.16
CA ASP H 39 -144.22 131.23 -137.05
CA GLY H 40 -143.81 130.85 -140.68
CA ASP H 41 -143.91 127.25 -139.43
CA VAL H 42 -146.52 124.45 -139.13
CA PRO H 43 -149.72 124.75 -137.19
CA TYR H 44 -149.31 124.88 -133.45
CA SER H 45 -152.22 123.95 -131.22
CA ALA H 46 -150.84 126.22 -128.58
CA GLY H 47 -150.94 128.90 -131.20
CA ALA H 48 -147.95 130.96 -132.15
CA TRP H 49 -146.29 134.26 -131.39
CA LYS H 50 -144.71 135.71 -134.51
CA THR H 51 -141.19 137.03 -134.46
CA TYR H 52 -140.83 140.22 -136.42
CA ASN H 53 -137.90 142.42 -137.28
CA ALA H 54 -137.68 145.97 -136.10
CA SER H 55 -138.78 146.93 -139.53
CA SER H 56 -142.04 145.25 -140.24
CA GLY H 57 -144.48 145.36 -143.09
CA GLN H 58 -146.13 148.66 -142.47
CA THR H 59 -144.16 149.33 -139.35
CA LEU H 60 -146.76 151.90 -138.56
CA THR H 61 -149.51 149.36 -138.83
CA ALA H 62 -149.80 146.14 -136.94
CA GLU H 63 -152.72 144.03 -138.00
CA TRP H 64 -155.10 143.33 -135.20
CA GLY H 65 -155.59 139.75 -134.09
CA LYS H 66 -151.86 139.15 -134.46
CA SER H 67 -149.51 137.75 -131.85
CA TYR H 68 -145.97 138.88 -131.22
CA ALA H 69 -142.97 137.49 -129.44
CA ILE H 70 -140.91 140.53 -128.74
CA ASN H 71 -137.18 140.67 -128.47
CA THR H 72 -135.62 143.83 -127.23
CA SER H 73 -132.21 142.36 -126.58
CA SER H 74 -130.59 144.68 -129.05
CA GLY H 75 -132.72 147.60 -128.05
CA ARG H 76 -136.20 148.77 -127.15
CA VAL H 77 -138.83 147.96 -129.73
CA THR H 78 -141.96 149.89 -130.52
CA ILE H 79 -145.07 148.32 -131.94
CA ASN H 80 -148.07 150.24 -133.24
CA LEU H 81 -151.56 148.80 -133.23
CA PRO H 82 -153.91 150.29 -135.71
CA LYS H 83 -157.51 151.35 -135.32
CA GLY H 84 -159.71 148.55 -134.19
CA THR H 85 -163.37 147.71 -133.73
CA VAL H 86 -165.17 146.66 -130.58
CA ASN H 87 -163.81 143.35 -129.44
CA ASP H 88 -164.55 141.97 -132.95
CA TYR H 89 -161.42 140.46 -133.21
CA ASN H 90 -159.65 143.34 -131.74
CA LYS H 91 -157.18 141.48 -129.69
CA VAL H 92 -153.42 141.65 -129.90
CA ILE H 93 -151.20 139.54 -127.72
CA ARG H 94 -147.54 139.84 -126.89
CA ALA H 95 -145.08 137.64 -125.08
CA ARG H 96 -141.40 137.78 -124.29
CA ASP H 97 -139.84 134.34 -124.29
CA VAL H 98 -136.32 135.76 -124.44
CA PHE H 99 -137.12 137.88 -121.37
CA ALA H 100 -135.28 140.70 -123.09
CA THR H 101 -137.78 143.27 -121.91
CA TRP H 102 -136.35 145.48 -119.23
CA ASN H 103 -136.17 149.10 -118.19
CA VAL H 104 -133.26 149.63 -120.54
CA ASN H 105 -134.95 148.04 -123.51
CA PRO H 106 -138.62 148.14 -122.91
CA VAL H 107 -141.48 147.25 -125.17
CA THR H 108 -143.51 150.25 -126.07
CA LEU H 109 -146.86 149.86 -127.66
CA VAL H 110 -147.98 152.75 -129.86
CA ALA H 111 -149.36 155.62 -127.85
CA ALA H 112 -151.85 153.46 -126.11
CA SER H 113 -152.85 151.81 -129.38
CA GLY H 114 -154.10 153.84 -132.31
CA ASP H 115 -155.89 156.43 -130.19
CA THR H 116 -155.63 155.64 -126.54
CA ILE H 117 -155.77 153.09 -123.75
CA LYS H 118 -158.12 153.74 -120.88
CA GLY H 119 -156.92 154.07 -117.33
CA SER H 120 -153.41 155.23 -117.19
CA ALA H 121 -153.37 156.20 -120.79
CA VAL H 122 -149.92 156.62 -122.16
CA PRO H 123 -147.78 154.82 -124.58
CA VAL H 124 -147.74 151.47 -122.96
CA GLU H 125 -144.26 150.83 -121.80
CA ILE H 126 -143.63 147.38 -120.50
CA ASN H 127 -140.63 146.92 -118.22
CA VAL H 128 -141.54 143.46 -116.95
CA ARG H 129 -139.47 140.61 -118.31
CA PHE H 130 -141.15 137.42 -119.43
CA SER H 131 -144.42 139.21 -119.58
CA ASP H 132 -147.63 138.59 -121.48
CA LEU H 133 -149.52 141.63 -122.68
CA GLU H 134 -153.02 141.54 -124.05
CA LEU H 135 -154.77 144.47 -125.64
CA VAL H 136 -158.47 144.52 -126.34
CA TYR H 137 -160.56 147.08 -128.15
CA CYS H 138 -163.25 148.18 -125.72
CA ALA H 139 -164.90 150.84 -127.85
CA PRO H 140 -165.04 151.63 -131.50
CA GLY H 141 -167.22 153.93 -133.50
CA ARG H 142 -165.44 157.05 -134.57
CA TRP H 143 -162.49 158.43 -132.66
CA GLU H 144 -163.84 156.41 -129.76
CA TYR H 145 -161.26 153.67 -130.48
CA VAL H 146 -160.27 152.79 -126.97
CA LYS H 147 -158.26 149.88 -125.79
CA ASN H 148 -157.51 148.45 -122.40
CA LYS H 149 -154.74 146.07 -121.52
CA GLN H 150 -153.60 143.49 -118.99
CA ILE H 151 -150.08 142.44 -118.17
CA ASP H 152 -149.19 139.17 -116.49
CA LYS H 153 -146.15 137.00 -115.99
CA ILE H 154 -145.83 134.19 -118.46
CA THR H 155 -143.97 131.94 -116.17
CA SER H 156 -143.01 130.88 -112.69
CA SER H 157 -146.52 131.75 -111.77
CA ASP H 158 -147.26 128.97 -109.44
CA ILE H 159 -150.42 130.80 -108.95
CA SER H 160 -152.40 127.68 -108.45
CA LEU H 406 -107.91 156.42 -108.91
CA TYR H 407 -107.25 159.46 -106.69
CA VAL H 408 -105.49 159.90 -103.36
CA SER H 409 -108.01 160.28 -100.48
CA GLN H 410 -107.57 163.24 -98.10
CA GLY H 411 -108.14 160.74 -95.28
CA PRO H 412 -109.26 161.86 -91.89
CA GLY H 413 -107.78 165.10 -90.99
CA VAL H 414 -105.20 165.26 -88.21
CA ASP H 415 -105.10 167.31 -85.04
CA ILE H 416 -101.89 169.35 -85.20
CA SER H 417 -101.38 170.09 -81.52
CA GLY H 418 -97.59 170.55 -81.41
CA ASP H 419 -96.78 173.05 -84.16
CA VAL H 420 -94.54 176.06 -83.54
CA ASN H 421 -93.83 179.33 -85.30
CA LEU H 422 -90.78 181.56 -85.18
CA THR H 423 -91.07 185.06 -83.79
CA ASP H 424 -87.63 186.19 -85.11
CA PHE H 425 -86.38 185.42 -88.62
CA ASP H 426 -83.03 187.19 -88.19
CA LYS H 427 -81.62 185.46 -85.12
CA ILE H 428 -83.29 182.05 -85.32
CA GLY H 429 -84.25 179.90 -82.35
CA TRP H 430 -85.32 179.85 -78.75
CA PRO H 431 -86.38 182.06 -77.04
CA ASN H 432 -88.12 183.46 -80.19
CA VAL H 433 -90.37 180.46 -80.86
CA GLU H 434 -94.05 180.20 -79.97
CA ALA H 435 -96.49 177.35 -79.61
CA VAL H 436 -99.42 177.23 -82.09
CA GLN H 437 -102.79 176.29 -80.61
CA SER H 438 -104.16 172.98 -81.81
CA TYR H 439 -105.74 173.07 -85.24
CA GLN H 440 -107.14 170.54 -87.70
CA ARG H 441 -105.13 169.90 -90.83
CA GLU H 442 -107.17 168.59 -93.74
CA PHE H 443 -105.19 167.47 -96.80
CA ASN H 444 -107.13 169.62 -99.26
CA ALA H 445 -104.13 170.05 -101.58
CA VAL H 446 -100.50 169.18 -102.03
CA SER H 447 -99.49 172.21 -99.97
CA ASN H 448 -101.08 170.65 -96.91
CA ILE H 449 -99.15 167.39 -97.46
CA PHE H 450 -95.94 169.43 -97.77
CA ASP H 451 -96.65 171.06 -94.38
CA THR H 452 -97.02 167.61 -92.80
CA ILE H 453 -93.69 166.44 -94.24
CA TYR H 454 -91.68 169.62 -93.74
CA PRO H 455 -93.24 171.48 -90.83
CA ILE H 456 -91.70 174.74 -89.63
CA GLY H 457 -88.28 174.10 -88.12
CA THR H 458 -87.49 171.12 -90.36
CA ILE H 459 -83.88 170.76 -91.39
CA TYR H 460 -83.37 169.90 -95.07
CA GLU H 461 -80.05 169.12 -96.71
CA ASN H 462 -79.04 168.92 -100.37
CA ALA H 463 -75.54 167.94 -101.42
CA VAL H 464 -75.40 169.84 -104.71
CA ASN H 465 -78.31 172.21 -105.29
CA PRO H 466 -77.21 175.72 -104.14
CA ASN H 467 -80.57 177.36 -104.64
CA ASN H 468 -83.22 178.20 -102.06
CA PRO H 469 -85.41 175.06 -101.67
CA VAL H 470 -88.65 176.94 -102.54
CA THR H 471 -87.30 177.24 -106.12
CA TYR H 472 -87.07 173.45 -106.52
CA MET H 473 -89.71 172.18 -104.10
CA GLY H 474 -92.42 174.78 -104.70
CA PHE H 475 -93.36 175.38 -101.07
CA GLY H 476 -92.11 176.88 -97.79
CA SER H 477 -89.81 179.70 -96.73
CA TRP H 478 -86.26 178.54 -96.10
CA LYS H 479 -83.00 179.95 -94.66
CA LEU H 480 -79.50 178.49 -94.51
CA PHE H 481 -78.96 176.82 -91.14
CA GLY H 482 -75.94 175.75 -89.11
CA GLN H 483 -73.36 177.11 -91.55
CA GLY H 484 -69.95 175.77 -90.59
CA LYS H 485 -71.57 173.43 -88.02
CA VAL H 486 -72.26 169.76 -87.50
CA LEU H 487 -75.67 168.92 -86.02
CA VAL H 488 -75.70 167.18 -82.64
CA GLY H 489 -78.82 165.56 -81.28
CA TRP H 490 -80.25 167.54 -78.40
CA ASN H 491 -80.21 165.58 -75.20
CA GLU H 492 -83.30 165.25 -72.98
CA ASP H 493 -80.80 164.32 -70.19
CA ILE H 494 -80.10 167.65 -68.59
CA SER H 495 -76.82 166.44 -67.17
CA ASP H 496 -75.25 166.42 -70.64
CA PRO H 497 -72.66 169.20 -70.29
CA ASN H 498 -72.62 170.09 -73.99
CA PHE H 499 -75.83 169.10 -75.76
CA ALA H 500 -78.74 169.71 -73.39
CA LEU H 501 -78.64 173.34 -72.32
CA ASN H 502 -78.87 176.24 -74.73
CA ASN H 503 -76.13 178.86 -74.18
CA ASN H 504 -77.95 181.08 -76.72
CA ASP H 505 -81.12 181.31 -74.58
CA LEU H 506 -80.30 182.42 -71.06
CA ASP H 507 -82.73 183.54 -68.38
CA SER H 508 -82.24 186.60 -66.23
CA GLY H 509 -79.75 184.76 -63.98
CA GLY H 510 -77.68 183.68 -67.01
CA ASN H 511 -79.04 180.10 -66.89
CA PRO H 512 -79.51 178.29 -70.21
CA SER H 513 -82.81 176.75 -71.23
CA HIS H 514 -83.25 173.03 -71.84
CA THR H 515 -83.85 173.51 -75.57
CA ALA H 516 -82.15 172.74 -78.85
CA GLY H 517 -80.03 175.48 -80.40
CA GLY H 518 -77.04 175.40 -78.09
CA THR H 519 -73.75 175.96 -79.92
CA GLY H 520 -70.10 175.36 -79.15
CA GLY H 521 -67.00 173.55 -80.37
CA SER H 522 -63.80 174.61 -82.00
CA THR H 523 -62.08 174.01 -85.32
CA SER H 524 -58.61 173.67 -83.71
CA VAL H 525 -56.86 173.43 -80.38
CA THR H 526 -53.62 175.05 -79.29
CA LEU H 527 -52.00 173.16 -76.46
CA GLU H 528 -51.01 174.96 -73.30
CA ASN H 529 -48.75 173.82 -70.46
CA THR H 530 -51.77 172.94 -68.32
CA ASN H 531 -52.75 170.27 -70.89
CA LEU H 532 -49.43 168.42 -70.66
CA PRO H 533 -48.93 165.36 -68.44
CA ALA H 534 -45.94 164.92 -66.19
CA THR H 535 -42.75 163.96 -67.96
CA GLU H 536 -39.12 163.46 -67.00
CA THR H 537 -35.79 163.39 -68.81
CA ASP H 538 -34.74 160.08 -70.31
CA GLU H 539 -31.36 160.22 -68.44
CA GLU H 540 -30.35 161.50 -65.04
CA VAL H 541 -29.06 165.07 -64.84
CA LEU H 542 -27.66 167.19 -61.98
CA ILE H 543 -30.52 168.85 -60.17
CA VAL H 544 -30.16 171.56 -57.53
CA ASP H 545 -31.22 170.09 -54.22
CA GLU H 546 -30.82 171.59 -50.77
CA ASN H 547 -31.27 168.00 -49.52
CA GLY H 548 -28.77 166.64 -52.10
CA SER H 549 -25.64 164.51 -51.59
CA VAL H 550 -23.65 165.54 -54.62
CA ILE H 551 -21.21 168.41 -54.28
CA VAL H 552 -20.36 170.51 -57.27
CA TYR H 566 -14.70 175.91 -71.91
CA THR H 567 -17.94 177.21 -70.38
CA LYS H 568 -19.36 178.02 -67.10
CA TYR H 569 -22.85 176.91 -66.12
CA ARG H 570 -25.85 178.49 -64.59
CA GLU H 571 -28.30 177.09 -62.10
CA ALA H 572 -31.75 177.45 -63.64
CA LYS H 573 -34.83 175.58 -64.79
CA ALA H 574 -34.07 174.31 -68.29
CA SER H 575 -36.58 175.28 -70.98
CA THR H 576 -37.87 173.17 -73.82
CA ASN H 577 -39.51 174.78 -76.86
CA SER H 578 -39.11 178.28 -75.39
CA THR H 579 -39.86 179.84 -78.81
CA HIS H 580 -43.27 178.13 -79.13
CA THR H 581 -45.31 181.15 -78.19
CA PRO H 582 -47.72 179.96 -79.32
CA PRO H 583 -47.20 176.50 -80.71
CA THR H 584 -48.78 175.28 -83.96
CA SER H 585 -52.47 174.51 -83.53
CA ILE H 586 -53.89 171.05 -84.20
CA THR H 587 -57.05 170.27 -86.13
CA ASN H 588 -60.15 169.45 -84.17
CA ILE H 589 -62.28 168.53 -87.23
CA GLN H 590 -63.20 164.91 -87.96
CA PRO H 591 -63.81 163.70 -91.55
CA TYR H 592 -66.56 165.76 -93.16
CA ILE H 593 -68.30 166.74 -96.34
CA THR H 594 -70.25 169.99 -96.61
CA VAL H 595 -73.87 170.17 -97.79
CA TYR H 596 -76.40 172.95 -98.35
CA ARG H 597 -78.42 172.87 -95.10
CA TRP H 598 -81.63 174.79 -94.61
CA ILE H 599 -84.33 175.37 -92.00
CA ARG H 600 -87.97 175.95 -92.94
CA ILE H 601 -88.78 179.24 -91.23
CA ALA H 602 -92.38 179.70 -92.36
CA MET I 1 -145.19 121.20 -143.16
CA LYS I 2 -147.72 123.15 -145.11
CA GLN I 3 -147.98 122.20 -148.75
CA ASN I 4 -149.20 124.44 -151.52
CA ILE I 5 -150.72 123.62 -154.87
CA ASN I 6 -148.31 124.19 -157.70
CA ILE I 7 -150.39 126.45 -159.91
CA GLY I 8 -147.40 126.95 -162.15
CA ASN I 9 -148.12 123.55 -163.62
CA VAL I 10 -151.45 122.13 -164.74
CA VAL I 11 -151.05 123.44 -168.23
CA ASP I 12 -148.23 120.96 -168.43
CA ASP I 13 -149.71 118.03 -166.58
CA GLY I 14 -152.96 116.25 -167.20
CA THR I 15 -155.84 116.46 -164.79
CA GLY I 16 -155.13 113.04 -163.41
CA ASP I 17 -151.74 113.93 -161.95
CA TYR I 18 -152.73 117.38 -160.75
CA LEU I 19 -155.73 116.13 -158.84
CA ARG I 20 -153.86 113.35 -157.14
CA LYS I 21 -150.91 115.53 -156.29
CA GLY I 22 -153.18 118.36 -155.29
CA GLY I 23 -155.68 116.31 -153.33
CA ILE I 24 -153.05 114.73 -151.18
CA LYS I 25 -151.77 118.19 -150.44
CA ILE I 26 -155.19 119.42 -149.43
CA ASN I 27 -155.74 116.37 -147.28
CA GLU I 28 -152.41 116.81 -145.54
CA ASN I 29 -152.89 120.46 -144.65
CA PHE I 30 -156.39 120.15 -143.30
CA ASP I 31 -155.43 117.12 -141.29
CA GLU I 32 -152.73 119.22 -139.72
CA LEU I 33 -155.23 121.94 -138.84
CA TYR I 34 -158.00 119.68 -137.62
CA TYR I 35 -155.70 117.69 -135.40
CA GLU I 36 -154.42 120.81 -133.74
CA LEU I 37 -157.89 122.32 -133.29
CA GLY I 38 -159.84 119.18 -132.55
CA ASP I 39 -159.22 116.22 -130.36
CA GLY I 40 -160.17 114.15 -133.23
CA ASP I 41 -163.41 115.88 -133.98
CA VAL I 42 -164.28 119.38 -135.31
CA PRO I 43 -162.49 122.63 -134.94
CA TYR I 44 -162.85 124.21 -131.52
CA SER I 45 -162.69 127.96 -131.16
CA ALA I 46 -161.66 127.35 -127.60
CA GLY I 47 -158.98 125.14 -129.00
CA ALA I 48 -158.51 121.61 -127.88
CA TRP I 49 -156.32 119.62 -125.54
CA LYS I 50 -155.42 116.24 -126.99
CA THR I 51 -156.17 113.16 -124.99
CA TYR I 52 -153.60 110.45 -125.46
CA ASN I 53 -152.98 107.12 -123.81
CA ALA I 54 -149.85 106.52 -121.81
CA SER I 55 -147.80 104.97 -124.55
CA SER I 56 -146.87 107.22 -127.35
CA GLY I 57 -148.29 110.40 -128.70
CA GLN I 58 -147.94 110.75 -132.39
CA THR I 59 -144.66 109.38 -131.21
CA LEU I 60 -142.70 109.44 -127.99
CA THR I 61 -141.33 112.85 -127.06
CA ALA I 62 -144.44 114.77 -127.95
CA GLU I 63 -144.13 117.48 -130.51
CA TRP I 64 -143.62 121.15 -129.81
CA GLY I 65 -146.79 123.23 -130.00
CA LYS I 66 -149.12 120.47 -128.85
CA SER I 67 -151.60 120.56 -126.02
CA TYR I 68 -152.60 117.74 -123.73
CA ALA I 69 -155.36 116.96 -121.30
CA ILE I 70 -153.73 114.66 -118.79
CA ASN I 71 -155.47 111.75 -117.16
CA THR I 72 -153.63 110.16 -114.28
CA SER I 73 -156.54 108.44 -112.64
CA SER I 74 -155.10 105.02 -113.34
CA GLY I 75 -151.62 106.09 -112.45
CA ARG I 76 -149.12 108.89 -112.84
CA VAL I 77 -148.22 109.79 -116.38
CA THR I 78 -144.90 110.97 -117.75
CA ILE I 79 -144.65 113.22 -120.75
CA ASN I 80 -141.54 114.22 -122.61
CA LEU I 81 -141.01 117.10 -124.98
CA PRO I 82 -138.49 117.45 -127.67
CA LYS I 83 -135.89 120.14 -127.60
CA GLY I 84 -137.31 123.36 -128.89
CA THR I 85 -136.23 126.74 -130.14
CA VAL I 86 -136.94 130.01 -128.45
CA ASN I 87 -140.58 130.68 -128.49
CA ASP I 88 -140.89 129.61 -132.14
CA TYR I 89 -143.21 127.21 -131.03
CA ASN I 90 -141.87 127.28 -127.59
CA LYS I 91 -145.16 126.41 -126.08
CA VAL I 92 -146.63 123.14 -124.96
CA ILE I 93 -149.61 123.35 -122.67
CA ARG I 94 -151.38 120.87 -120.46
CA ALA I 95 -154.62 120.89 -118.51
CA ARG I 96 -156.29 118.48 -116.17
CA ASP I 97 -160.00 118.35 -116.82
CA VAL I 98 -160.42 115.13 -114.90
CA PHE I 99 -158.76 116.53 -111.81
CA ALA I 100 -156.86 113.24 -111.71
CA THR I 101 -153.55 114.76 -110.70
CA TRP I 102 -152.62 114.27 -107.12
CA ASN I 103 -149.57 113.36 -105.08
CA VAL I 104 -150.30 109.71 -105.70
CA ASN I 105 -150.67 110.05 -109.44
CA PRO I 106 -148.73 113.06 -110.41
CA VAL I 107 -147.96 114.34 -113.84
CA THR I 108 -144.25 114.14 -114.29
CA LEU I 109 -143.31 116.51 -116.93
CA VAL I 110 -140.02 116.39 -118.40
CA ALA I 111 -142.60 118.06 -120.59
CA ALA I 112 -140.79 120.51 -122.65
CA SER I 113 -137.59 119.04 -121.33
CA GLY I 114 -134.90 117.65 -123.39
CA ASP I 115 -132.47 119.62 -121.32
CA THR I 116 -133.50 121.64 -118.35
CA ILE I 117 -136.37 123.55 -116.88
CA LYS I 118 -135.81 126.87 -115.16
CA GLY I 119 -134.82 126.71 -111.56
CA SER I 120 -132.91 123.76 -110.21
CA ALA I 121 -136.00 122.01 -111.45
CA VAL I 122 -135.48 118.73 -113.22
CA PRO I 123 -138.51 117.04 -114.62
CA VAL I 124 -141.31 118.90 -112.97
CA GLU I 125 -143.75 117.05 -110.78
CA ILE I 126 -147.24 118.43 -110.82
CA ASN I 127 -149.28 117.59 -107.73
CA VAL I 128 -151.97 120.22 -108.22
CA ARG I 129 -155.33 118.93 -109.37
CA PHE I 130 -157.23 120.80 -112.07
CA SER I 131 -154.08 122.67 -112.99
CA ASP I 132 -152.88 124.23 -116.19
CA LEU I 133 -149.21 123.98 -116.98
CA GLU I 134 -147.58 125.97 -119.70
CA LEU I 135 -144.04 125.38 -120.86
CA VAL I 136 -142.13 127.92 -122.89
CA TYR I 137 -138.76 127.72 -124.55
CA CYS I 138 -136.69 130.59 -123.16
CA ALA I 139 -133.43 129.98 -124.98
CA PRO I 140 -132.25 127.72 -127.76
CA GLY I 141 -128.55 128.47 -128.02
CA ARG I 142 -127.18 125.08 -128.98
CA TRP I 143 -127.29 122.88 -125.87
CA GLU I 144 -128.87 126.00 -124.44
CA TYR I 145 -132.40 124.49 -124.66
CA VAL I 146 -133.99 126.03 -121.62
CA LYS I 147 -137.61 125.84 -120.61
CA ASN I 148 -139.61 127.93 -118.16
CA LYS I 149 -142.98 127.01 -116.70
CA GLN I 150 -146.06 128.46 -115.05
CA ILE I 151 -148.80 126.62 -113.22
CA ASP I 152 -152.26 127.98 -112.60
CA LYS I 153 -155.63 126.71 -111.42
CA ILE I 154 -158.12 126.01 -114.16
CA THR I 155 -160.96 126.90 -111.87
CA SER I 156 -160.72 129.97 -109.81
CA SER I 157 -163.26 131.00 -107.33
CA ASP I 158 -163.72 134.38 -108.88
CA ILE I 159 -160.19 135.55 -109.25
CA SER I 160 -161.42 138.73 -110.86
CA LEU I 406 -108.05 168.32 -110.50
CA TYR I 407 -107.02 165.53 -108.10
CA VAL I 408 -103.73 163.77 -107.43
CA SER I 409 -103.67 160.28 -109.05
CA GLN I 410 -102.66 157.32 -106.86
CA GLY I 411 -100.45 156.23 -109.76
CA PRO I 412 -99.30 152.69 -110.11
CA GLY I 413 -98.65 151.15 -106.84
CA VAL I 414 -95.09 150.32 -105.85
CA ASP I 415 -93.52 147.07 -104.75
CA ILE I 416 -92.02 147.72 -101.31
CA SER I 417 -89.46 144.95 -101.14
CA GLY I 418 -86.91 146.48 -98.74
CA ASP I 419 -88.91 147.62 -95.72
CA VAL I 420 -87.85 146.79 -92.17
CA ASN I 421 -89.50 146.79 -88.77
CA LEU I 422 -87.98 147.09 -85.32
CA THR I 423 -88.29 144.22 -82.87
CA ASP I 424 -87.14 146.27 -79.84
CA PHE I 425 -88.37 149.80 -79.10
CA ASP I 426 -86.31 150.23 -75.93
CA LYS I 427 -82.79 149.55 -77.19
CA ILE I 428 -83.05 150.57 -80.84
CA GLY I 429 -81.11 149.01 -83.71
CA TRP I 430 -79.45 145.92 -85.02
CA PRO I 431 -79.71 143.07 -84.12
CA ASN I 432 -83.40 143.82 -83.30
CA VAL I 433 -84.51 144.68 -86.84
CA GLU I 434 -86.38 142.40 -89.22
CA ALA I 435 -86.97 142.36 -92.94
CA VAL I 436 -90.59 142.79 -94.14
CA GLN I 437 -91.65 140.55 -97.00
CA SER I 438 -92.42 142.39 -100.22
CA TYR I 439 -95.80 144.05 -100.33
CA GLN I 440 -97.64 146.41 -102.67
CA ARG I 441 -98.15 149.96 -101.51
CA GLU I 442 -101.09 151.72 -103.11
CA PHE I 443 -101.42 155.45 -102.36
CA ASN I 444 -105.02 155.22 -101.17
CA ALA I 445 -104.62 158.14 -98.74
CA VAL I 446 -102.17 160.66 -97.40
CA SER I 447 -101.00 158.17 -94.78
CA ASN I 448 -99.60 155.94 -97.51
CA ILE I 449 -97.68 158.88 -99.02
CA PHE I 450 -96.27 159.66 -95.57
CA ASP I 451 -95.01 156.07 -95.28
CA THR I 452 -93.19 156.43 -98.62
CA ILE I 453 -91.51 159.66 -97.50
CA TYR I 454 -90.74 158.72 -93.90
CA PRO I 455 -90.43 154.94 -93.79
CA ILE I 456 -89.54 153.21 -90.53
CA GLY I 457 -85.99 154.09 -89.49
CA THR I 458 -86.06 157.56 -91.07
CA ILE I 459 -84.16 160.23 -89.22
CA TYR I 460 -85.99 163.56 -88.93
CA GLU I 461 -84.55 166.74 -87.44
CA ASN I 462 -86.22 169.97 -86.34
CA ALA I 463 -84.21 172.92 -85.05
CA VAL I 464 -86.86 174.42 -82.77
CA ASN I 465 -89.95 172.27 -82.29
CA PRO I 466 -89.47 170.24 -79.06
CA ASN I 467 -92.61 168.16 -79.43
CA ASN I 468 -92.96 164.61 -80.68
CA PRO I 469 -93.29 164.80 -84.52
CA VAL I 470 -96.64 162.95 -84.55
CA THR I 471 -98.17 166.04 -82.88
CA TYR I 472 -97.16 168.31 -85.77
CA MET I 473 -96.99 165.89 -88.71
CA GLY I 474 -100.04 163.74 -87.93
CA PHE I 475 -98.44 160.36 -88.66
CA GLY I 476 -95.86 157.86 -87.40
CA SER I 477 -94.41 156.81 -84.05
CA TRP I 478 -91.20 158.66 -83.21
CA LYS I 479 -88.43 158.51 -80.58
CA LEU I 480 -85.48 160.80 -79.91
CA PHE I 481 -82.39 159.45 -81.65
CA GLY I 482 -78.65 159.98 -81.29
CA GLN I 483 -78.89 162.31 -78.30
CA GLY I 484 -75.51 163.93 -77.75
CA LYS I 485 -74.23 162.44 -81.04
CA VAL I 486 -73.27 163.53 -84.51
CA LEU I 487 -74.40 161.23 -87.33
CA VAL I 488 -71.65 159.63 -89.43
CA GLY I 489 -72.42 157.93 -92.71
CA TRP I 490 -72.09 154.18 -92.43
CA ASN I 491 -69.36 152.85 -94.65
CA GLU I 492 -69.92 149.91 -97.02
CA ASP I 493 -66.08 149.56 -96.97
CA ILE I 494 -65.52 147.11 -94.17
CA SER I 495 -61.95 148.27 -93.68
CA ASP I 496 -63.16 151.55 -92.17
CA PRO I 497 -61.98 151.17 -88.56
CA ASN I 498 -64.67 153.43 -87.08
CA PHE I 499 -67.76 153.64 -89.28
CA ALA I 500 -68.38 150.23 -90.82
CA LEU I 501 -68.67 147.70 -88.01
CA ASN I 502 -71.28 147.92 -85.28
CA ASN I 503 -69.81 147.56 -81.76
CA ASN I 504 -73.40 147.41 -80.44
CA ASP I 505 -74.23 144.22 -82.39
CA LEU I 506 -71.67 141.52 -81.71
CA ASP I 507 -71.89 137.87 -82.63
CA SER I 508 -71.03 135.03 -80.28
CA GLY I 509 -67.29 135.52 -80.88
CA GLY I 510 -67.56 139.24 -80.06
CA ASN I 511 -67.35 140.25 -83.74
CA PRO I 512 -69.33 143.32 -84.84
CA SER I 513 -71.83 143.22 -87.68
CA HIS I 514 -71.43 145.28 -90.84
CA THR I 515 -74.46 147.46 -90.04
CA ALA I 516 -75.24 151.02 -89.11
CA GLY I 517 -75.62 151.83 -85.43
CA GLY I 518 -71.99 151.64 -84.32
CA THR I 519 -71.12 154.29 -81.73
CA GLY I 520 -67.91 155.79 -80.40
CA GLY I 521 -66.06 159.06 -79.97
CA SER I 522 -65.25 161.28 -77.05
CA THR I 523 -66.08 164.80 -75.96
CA SER I 524 -62.53 165.48 -74.68
CA VAL I 525 -59.05 164.04 -74.58
CA THR I 526 -56.58 164.02 -71.73
CA LEU I 527 -53.02 163.69 -72.95
CA GLU I 528 -50.78 161.00 -71.56
CA ASN I 529 -47.01 160.61 -71.82
CA THR I 530 -47.41 158.02 -74.59
CA ASN I 531 -48.99 160.73 -76.82
CA LEU I 532 -46.02 163.08 -76.58
CA PRO I 533 -43.29 163.23 -79.24
CA ALA I 534 -39.62 163.26 -78.43
CA THR I 535 -38.30 166.56 -77.14
CA GLU I 536 -35.02 167.88 -75.78
CA THR I 537 -33.91 170.82 -73.69
CA ASP I 538 -33.20 174.05 -75.53
CA GLU I 539 -29.68 174.27 -73.96
CA GLU I 540 -27.11 171.66 -73.02
CA VAL I 541 -27.15 170.39 -69.45
CA LEU I 542 -24.91 167.96 -67.52
CA ILE I 543 -26.18 164.43 -68.07
CA VAL I 544 -24.98 161.38 -66.17
CA ASP I 545 -23.08 159.18 -68.59
CA GLU I 546 -20.96 156.15 -67.82
CA ASN I 547 -19.38 156.80 -71.24
CA GLY I 548 -18.98 160.55 -70.50
CA SER I 549 -15.85 162.75 -70.65
CA VAL I 550 -16.80 165.38 -68.14
CA ILE I 551 -15.75 164.91 -64.54
CA VAL I 552 -17.75 166.44 -61.78
CA TYR I 566 -25.16 177.12 -51.44
CA THR I 567 -26.76 173.80 -52.42
CA LYS I 568 -25.80 170.34 -53.17
CA TYR I 569 -27.23 168.49 -56.15
CA ARG I 570 -28.74 165.15 -56.78
CA GLU I 571 -28.36 162.86 -59.75
CA ALA I 572 -31.87 162.12 -61.02
CA LYS I 573 -34.19 162.38 -63.97
CA ALA I 574 -35.62 165.91 -63.92
CA SER I 575 -39.41 166.16 -63.95
CA THR I 576 -41.55 168.62 -65.82
CA ASN I 577 -45.17 169.24 -64.81
CA SER I 578 -44.96 166.65 -62.00
CA THR I 579 -48.21 167.97 -60.47
CA HIS I 580 -50.26 167.40 -63.64
CA THR I 581 -51.93 164.26 -62.45
CA PRO I 582 -53.98 164.49 -64.51
CA PRO I 583 -53.52 167.45 -66.79
CA THR I 584 -56.41 169.63 -68.00
CA SER I 585 -58.43 167.91 -70.71
CA ILE I 586 -58.83 169.40 -74.18
CA THR I 587 -62.05 169.67 -76.15
CA ASN I 588 -62.66 167.16 -78.88
CA ILE I 589 -65.87 168.79 -80.18
CA GLN I 590 -65.92 170.65 -83.50
CA PRO I 591 -68.35 173.54 -84.12
CA TYR I 592 -71.92 172.36 -83.60
CA ILE I 593 -75.51 173.34 -83.11
CA THR I 594 -78.00 170.98 -81.45
CA VAL I 595 -81.32 170.00 -83.04
CA TYR I 596 -84.26 167.81 -82.03
CA ARG I 597 -83.48 164.53 -83.81
CA TRP I 598 -85.93 161.67 -84.06
CA ILE I 599 -86.23 158.19 -85.55
CA ARG I 600 -89.52 156.81 -86.87
CA ILE I 601 -89.92 153.57 -84.95
CA ALA I 602 -93.29 152.41 -86.29
CA MET J 1 -223.18 -98.97 -38.29
CA LYS J 2 -222.38 -97.42 -41.60
CA GLN J 3 -222.54 -99.71 -44.58
CA ASN J 4 -220.51 -99.32 -47.74
CA ILE J 5 -221.17 -100.61 -51.23
CA ASN J 6 -218.94 -103.49 -52.14
CA ILE J 7 -217.51 -102.28 -55.41
CA GLY J 8 -215.30 -105.34 -55.43
CA ASN J 9 -218.20 -107.41 -56.65
CA VAL J 10 -220.05 -106.27 -59.74
CA VAL J 11 -219.61 -108.19 -62.92
CA ASP J 12 -219.38 -111.20 -60.71
CA ASP J 13 -222.78 -110.66 -59.05
CA GLY J 14 -225.91 -110.12 -61.09
CA THR J 15 -227.66 -106.78 -61.08
CA GLY J 16 -230.52 -108.15 -59.07
CA ASP J 17 -228.39 -108.96 -56.04
CA TYR J 18 -226.18 -105.90 -56.24
CA LEU J 19 -229.09 -103.52 -56.31
CA ARG J 20 -230.90 -105.21 -53.46
CA LYS J 21 -227.84 -105.45 -51.28
CA GLY J 22 -226.73 -102.00 -52.30
CA GLY J 23 -230.09 -100.32 -52.00
CA ILE J 24 -230.71 -101.57 -48.53
CA LYS J 25 -227.35 -100.27 -47.53
CA ILE J 26 -228.14 -96.90 -49.03
CA ASN J 27 -231.42 -96.66 -47.20
CA GLU J 28 -229.91 -97.82 -43.93
CA ASN J 29 -227.26 -95.13 -43.88
CA PHE J 30 -229.50 -92.28 -44.83
CA ASP J 31 -232.03 -93.34 -42.26
CA GLU J 32 -229.39 -93.17 -39.61
CA LEU J 33 -228.44 -89.67 -40.73
CA TYR J 34 -231.99 -88.41 -41.07
CA TYR J 35 -233.03 -89.63 -37.66
CA GLU J 36 -230.14 -87.91 -35.96
CA LEU J 37 -230.67 -84.64 -37.90
CA GLY J 38 -234.42 -84.61 -38.01
CA ASP J 39 -237.26 -85.24 -35.67
CA GLY J 40 -238.46 -87.99 -37.80
CA ASP J 41 -238.22 -85.05 -40.21
CA VAL J 42 -235.77 -83.67 -42.83
CA PRO J 43 -232.25 -82.59 -42.04
CA TYR J 44 -231.86 -79.51 -39.88
CA SER J 45 -228.56 -77.68 -39.91
CA ALA J 46 -229.20 -76.51 -36.40
CA GLY J 47 -229.70 -80.13 -35.54
CA ALA J 48 -232.68 -81.60 -33.84
CA TRP J 49 -233.97 -82.47 -30.39
CA LYS J 50 -236.01 -85.65 -30.53
CA THR J 51 -239.38 -85.59 -28.87
CA TYR J 52 -240.45 -88.92 -27.53
CA ASN J 53 -242.90 -90.18 -24.98
CA ALA J 54 -242.22 -91.73 -21.61
CA SER J 55 -242.79 -95.10 -23.17
CA SER J 56 -239.95 -94.29 -25.50
CA GLY J 57 -236.68 -96.09 -25.06
CA GLN J 58 -235.21 -99.05 -26.81
CA THR J 59 -234.59 -100.10 -23.28
CA LEU J 60 -235.05 -98.29 -20.05
CA THR J 61 -231.90 -96.40 -20.84
CA ALA J 62 -231.59 -94.14 -23.86
CA GLU J 63 -228.87 -94.27 -26.48
CA TRP J 64 -225.99 -91.93 -26.15
CA GLY J 65 -225.37 -89.22 -28.72
CA LYS J 66 -229.08 -88.51 -28.82
CA SER J 67 -230.84 -85.24 -28.17
CA TYR J 68 -234.02 -84.80 -26.17
CA ALA J 69 -236.65 -82.14 -26.15
CA ILE J 70 -238.47 -82.89 -22.94
CA ASN J 71 -241.96 -82.01 -22.03
CA THR J 72 -242.99 -82.64 -18.51
CA SER J 73 -246.33 -80.98 -18.87
CA SER J 74 -248.19 -84.08 -17.81
CA GLY J 75 -245.53 -85.34 -15.46
CA ARG J 76 -241.88 -84.97 -14.52
CA VAL J 77 -240.32 -87.60 -16.80
CA THR J 78 -237.21 -89.56 -15.96
CA ILE J 79 -234.47 -90.22 -18.45
CA ASN J 80 -231.79 -92.87 -18.05
CA LEU J 81 -228.48 -92.59 -19.82
CA PRO J 82 -226.75 -95.62 -21.11
CA LYS J 83 -223.29 -96.55 -20.01
CA GLY J 84 -221.01 -94.46 -22.12
CA THR J 85 -217.51 -94.04 -23.37
CA VAL J 86 -215.23 -90.98 -23.36
CA ASN J 87 -216.88 -87.74 -24.46
CA ASP J 88 -216.07 -88.00 -28.12
CA TYR J 89 -218.02 -91.15 -27.73
CA ASN J 90 -220.49 -89.77 -25.32
CA LYS J 91 -222.50 -86.59 -25.31
CA VAL J 92 -226.22 -86.26 -24.69
CA ILE J 93 -228.16 -83.02 -24.77
CA ARG J 94 -231.57 -81.99 -23.53
CA ALA J 95 -233.74 -78.93 -24.07
CA ARG J 96 -237.05 -77.69 -22.76
CA ASP J 97 -238.76 -75.80 -25.57
CA VAL J 98 -242.23 -76.34 -24.14
CA PHE J 99 -241.19 -74.65 -20.91
CA ALA J 100 -242.69 -77.57 -19.02
CA THR J 101 -239.84 -78.13 -16.57
CA TRP J 102 -240.56 -76.93 -13.09
CA ASN J 103 -240.30 -78.02 -9.48
CA VAL J 104 -243.64 -79.72 -9.89
CA ASN J 105 -242.63 -81.57 -13.02
CA PRO J 106 -238.91 -81.75 -13.04
CA VAL J 107 -236.79 -83.74 -15.36
CA THR J 108 -234.61 -86.22 -13.61
CA LEU J 109 -231.47 -87.56 -15.16
CA VAL J 110 -231.05 -91.20 -14.31
CA ALA J 111 -229.67 -91.57 -10.84
CA ALA J 112 -226.09 -90.91 -11.68
CA SER J 113 -226.59 -91.85 -15.30
CA GLY J 114 -225.11 -95.15 -16.30
CA ASP J 115 -223.10 -95.15 -13.05
CA THR J 116 -222.30 -91.83 -11.50
CA ILE J 117 -222.17 -88.13 -12.23
CA LYS J 118 -219.30 -86.08 -10.86
CA GLY J 119 -219.70 -83.57 -8.13
CA SER J 120 -221.15 -86.63 -6.46
CA ALA J 121 -224.67 -86.22 -7.49
CA VAL J 122 -227.83 -88.02 -6.54
CA PRO J 123 -230.14 -88.20 -9.53
CA VAL J 124 -229.66 -84.85 -11.06
CA GLU J 125 -232.94 -83.08 -10.80
CA ILE J 126 -233.45 -80.08 -12.92
CA ASN J 127 -236.35 -77.79 -12.37
CA VAL J 128 -234.90 -74.95 -14.34
CA ARG J 129 -237.26 -73.67 -16.96
CA PHE J 130 -236.21 -73.47 -20.61
CA SER J 131 -232.99 -75.13 -19.71
CA ASP J 132 -230.39 -76.89 -21.79
CA LEU J 133 -228.63 -79.75 -20.13
CA GLU J 134 -225.52 -81.35 -21.48
CA LEU J 135 -224.07 -84.52 -20.08
CA VAL J 136 -220.62 -85.63 -21.08
CA TYR J 137 -218.81 -88.81 -20.30
CA CYS J 138 -215.54 -87.88 -18.59
CA ALA J 139 -214.10 -91.35 -18.37
CA PRO J 140 -215.00 -94.83 -19.44
CA GLY J 141 -212.12 -96.86 -18.05
CA ARG J 142 -213.95 -100.04 -17.17
CA TRP J 143 -216.38 -99.38 -14.33
CA GLU J 144 -214.88 -95.91 -14.61
CA TYR J 145 -218.04 -94.58 -16.32
CA VAL J 146 -218.20 -91.05 -15.00
CA LYS J 147 -220.35 -88.22 -16.27
CA ASN J 148 -220.43 -84.51 -15.60
CA LYS J 149 -222.95 -81.95 -16.69
CA GLN J 150 -223.70 -78.30 -17.29
CA ILE J 151 -226.96 -76.39 -17.28
CA ASP J 152 -227.60 -73.30 -19.35
CA LYS J 153 -230.64 -71.23 -20.11
CA ILE J 154 -231.86 -71.63 -23.65
CA THR J 155 -233.08 -68.08 -23.79
CA SER J 156 -231.62 -65.10 -22.16
CA SER J 157 -231.82 -61.43 -22.45
CA ASP J 158 -228.42 -61.03 -23.98
CA ILE J 159 -225.66 -62.79 -22.20
CA SER J 160 -223.26 -61.32 -24.70
CA LEU J 406 -219.79 -18.16 -30.40
CA TYR J 407 -218.93 -16.75 -33.85
CA VAL J 408 -218.75 -13.22 -35.22
CA SER J 409 -221.84 -12.41 -37.39
CA GLN J 410 -221.24 -10.97 -40.87
CA GLY J 411 -223.97 -8.45 -40.03
CA PRO J 412 -225.84 -6.64 -42.71
CA GLY J 413 -223.67 -5.87 -45.57
CA VAL J 414 -222.72 -2.27 -46.30
CA ASP J 415 -223.15 -0.17 -49.41
CA ILE J 416 -219.65 1.00 -50.37
CA SER J 417 -220.50 4.03 -52.45
CA GLY J 418 -217.34 6.12 -52.01
CA ASP J 419 -214.45 3.79 -52.83
CA VAL J 420 -211.64 4.80 -55.19
CA ASN J 421 -208.94 3.02 -57.14
CA LEU J 422 -205.61 4.27 -58.40
CA THR J 423 -204.94 4.38 -62.12
CA ASP J 424 -201.17 4.97 -61.74
CA PHE J 425 -198.99 3.06 -59.28
CA ASP J 426 -195.75 4.83 -60.21
CA LYS J 427 -196.68 8.48 -59.67
CA ILE J 428 -199.37 8.20 -57.00
CA GLY J 429 -202.32 10.55 -56.62
CA TRP J 430 -204.73 12.84 -58.36
CA PRO J 431 -205.38 13.08 -61.28
CA ASN J 432 -204.82 9.27 -61.57
CA VAL J 433 -207.61 8.20 -59.20
CA GLU J 434 -211.04 6.93 -60.21
CA ALA J 435 -214.34 6.55 -58.45
CA VAL J 436 -215.67 2.98 -57.98
CA GLN J 437 -219.39 2.50 -58.60
CA SER J 438 -221.37 1.57 -55.51
CA TYR J 439 -221.12 -2.06 -54.51
CA GLN J 440 -222.26 -4.19 -51.58
CA ARG J 441 -219.59 -5.42 -49.21
CA GLU J 442 -220.52 -8.57 -47.31
CA PHE J 443 -218.11 -9.63 -44.56
CA ASN J 444 -217.69 -13.18 -45.84
CA ALA J 445 -214.12 -13.46 -44.53
CA VAL J 446 -211.40 -11.61 -42.71
CA SER J 447 -210.19 -10.12 -46.00
CA ASN J 448 -213.43 -8.20 -46.33
CA ILE J 449 -213.04 -6.78 -42.79
CA PHE J 450 -209.49 -5.74 -43.68
CA ASP J 451 -210.81 -3.82 -46.71
CA THR J 452 -213.25 -1.94 -44.46
CA ILE J 453 -210.48 -0.96 -42.03
CA TYR J 454 -207.74 -0.21 -44.55
CA PRO J 455 -209.44 0.81 -47.78
CA ILE J 456 -207.33 1.85 -50.78
CA GLY J 457 -205.51 5.10 -50.05
CA THR J 458 -205.21 4.46 -46.30
CA ILE J 459 -202.04 5.72 -44.70
CA TYR J 460 -200.42 3.27 -42.26
CA GLU J 461 -197.39 4.01 -40.10
CA ASN J 462 -195.11 1.69 -38.14
CA ALA J 463 -192.27 3.03 -36.00
CA VAL J 464 -189.95 0.03 -36.23
CA ASN J 465 -191.01 -2.61 -38.73
CA PRO J 466 -189.14 -1.91 -42.02
CA ASN J 467 -190.92 -4.58 -44.05
CA ASN J 468 -193.77 -4.18 -46.51
CA PRO J 469 -197.03 -4.35 -44.44
CA VAL J 470 -198.43 -7.28 -46.48
CA THR J 471 -195.69 -9.46 -44.89
CA TYR J 472 -196.96 -8.75 -41.36
CA MET J 473 -200.63 -7.98 -41.91
CA GLY J 474 -201.44 -10.59 -44.56
CA PHE J 475 -203.48 -8.35 -46.86
CA GLY J 476 -203.26 -5.40 -49.27
CA SER J 477 -200.67 -3.95 -51.65
CA TRP J 478 -198.61 -1.19 -50.06
CA LYS J 479 -196.03 1.42 -51.12
CA LEU J 480 -193.92 3.83 -49.08
CA PHE J 481 -195.65 7.21 -48.94
CA GLY J 482 -194.56 10.75 -48.15
CA GLN J 483 -190.88 9.92 -47.70
CA GLY J 484 -189.15 12.90 -46.12
CA LYS J 485 -192.53 14.62 -45.56
CA VAL J 486 -194.87 15.52 -42.74
CA LEU J 487 -198.56 14.99 -43.44
CA VAL J 488 -200.78 18.09 -43.37
CA GLY J 489 -204.54 17.83 -43.27
CA TRP J 490 -206.07 18.85 -46.56
CA ASN J 491 -208.25 21.91 -46.21
CA GLU J 492 -211.80 22.03 -47.59
CA ASP J 493 -211.40 25.87 -47.37
CA ILE J 494 -210.10 26.74 -50.80
CA SER J 495 -208.62 29.99 -49.57
CA ASP J 496 -205.88 28.09 -47.69
CA PRO J 497 -202.79 29.15 -49.66
CA ASN J 498 -200.79 25.99 -48.86
CA PHE J 499 -203.02 23.04 -48.00
CA ALA J 500 -206.10 23.16 -50.23
CA LEU J 501 -204.93 23.22 -53.84
CA ASN J 502 -202.85 20.47 -55.40
CA ASN J 503 -199.79 21.81 -57.27
CA ASN J 504 -199.21 18.26 -58.55
CA ASP J 505 -202.56 18.13 -60.41
CA LEU J 506 -202.94 21.12 -62.69
CA ASP J 507 -205.54 21.65 -65.39
CA SER J 508 -204.78 22.91 -68.86
CA GLY J 509 -204.54 26.52 -67.63
CA GLY J 510 -202.05 25.52 -64.90
CA ASN J 511 -204.71 25.71 -62.15
CA PRO J 512 -204.42 23.25 -59.26
CA SER J 513 -207.28 20.95 -58.27
CA HIS J 514 -208.94 21.12 -54.87
CA THR J 515 -207.62 17.69 -53.84
CA ALA J 516 -205.19 16.20 -51.36
CA GLY J 517 -201.67 15.49 -52.59
CA GLY J 518 -200.31 19.02 -52.80
CA THR J 519 -196.66 19.25 -51.73
CA GLY J 520 -194.33 22.04 -50.66
CA GLY J 521 -192.11 23.21 -47.83
CA SER J 522 -188.41 23.43 -47.31
CA THR J 523 -185.86 21.89 -44.97
CA SER J 524 -183.94 25.18 -44.54
CA VAL J 525 -184.06 28.86 -45.33
CA THR J 526 -181.27 31.14 -46.44
CA LEU J 527 -181.99 34.75 -45.61
CA GLU J 528 -181.79 37.38 -48.30
CA ASN J 529 -181.69 41.18 -47.97
CA THR J 530 -185.39 41.41 -48.85
CA ASN J 531 -186.20 39.46 -45.64
CA LEU J 532 -184.43 41.92 -43.33
CA PRO J 533 -186.29 44.71 -41.49
CA ALA J 534 -185.05 48.25 -41.36
CA THR J 535 -182.16 48.85 -39.01
CA GLU J 536 -179.88 51.75 -38.12
CA THR J 537 -176.49 52.17 -36.51
CA ASP J 538 -176.40 52.35 -32.73
CA GLU J 539 -174.46 55.68 -32.85
CA GLU J 540 -174.56 58.65 -35.18
CA VAL J 541 -172.10 58.67 -38.07
CA LEU J 542 -171.30 61.22 -40.81
CA ILE J 543 -173.67 60.68 -43.71
CA VAL J 544 -173.36 62.33 -47.11
CA ASP J 545 -176.25 64.74 -47.49
CA GLU J 546 -176.77 67.34 -50.18
CA ASN J 547 -179.18 68.96 -47.67
CA GLY J 548 -176.67 68.60 -44.80
CA SER J 549 -175.29 71.26 -42.41
CA VAL J 550 -171.97 69.70 -41.57
CA ILE J 551 -168.95 70.64 -43.64
CA VAL J 552 -166.10 68.23 -43.99
CA TYR J 566 -153.02 58.42 -41.14
CA THR J 567 -155.71 57.54 -43.68
CA LYS J 568 -157.91 59.17 -46.13
CA TYR J 569 -161.58 58.27 -46.40
CA ARG J 570 -163.95 57.45 -49.15
CA GLU J 571 -167.57 58.41 -49.55
CA ALA J 572 -169.52 55.18 -50.03
CA LYS J 573 -172.26 53.00 -48.64
CA ALA J 574 -170.70 50.93 -45.86
CA SER J 575 -171.13 47.17 -46.16
CA THR J 576 -171.85 44.70 -43.42
CA ASN J 577 -171.17 40.97 -43.90
CA SER J 578 -169.99 41.53 -47.49
CA THR J 579 -168.46 38.02 -47.59
CA HIS J 580 -171.77 36.28 -46.76
CA THR J 581 -172.52 35.18 -50.27
CA PRO J 582 -174.45 33.23 -49.32
CA PRO J 583 -174.92 33.23 -45.59
CA THR J 584 -175.30 30.05 -43.51
CA SER J 585 -178.77 28.53 -43.90
CA ILE J 586 -181.07 28.03 -40.93
CA THR J 587 -183.09 24.92 -40.16
CA ASN J 588 -186.76 24.96 -41.01
CA ILE J 589 -187.52 21.56 -39.42
CA GLN J 590 -189.50 21.33 -36.17
CA PRO J 591 -188.96 18.42 -33.73
CA TYR J 592 -189.58 15.11 -35.49
CA ILE J 593 -189.19 11.38 -35.40
CA THR J 594 -189.24 9.32 -38.59
CA VAL J 595 -191.56 6.32 -39.09
CA TYR J 596 -192.15 3.80 -41.88
CA ARG J 597 -195.20 5.29 -43.67
CA TRP J 598 -197.15 3.44 -46.32
CA ILE J 599 -200.18 3.89 -48.57
CA ARG J 600 -202.43 0.99 -49.54
CA ILE J 601 -202.40 1.12 -53.34
CA ALA J 602 -204.60 -1.90 -54.11
CA MET K 1 -237.85 -84.71 -47.60
CA LYS K 2 -235.78 -87.82 -47.42
CA GLN K 3 -236.40 -90.41 -50.07
CA ASN K 4 -235.36 -94.02 -50.02
CA ILE K 5 -234.70 -96.58 -52.69
CA ASN K 6 -237.59 -98.88 -53.24
CA ILE K 7 -235.89 -102.23 -52.89
CA GLY K 8 -239.27 -103.87 -53.13
CA ASN K 9 -239.05 -103.31 -56.85
CA VAL K 10 -236.13 -103.91 -59.22
CA VAL K 11 -237.17 -107.42 -59.96
CA ASP K 12 -240.11 -105.75 -61.61
CA ASP K 13 -238.38 -102.81 -63.25
CA GLY K 14 -235.44 -102.94 -65.61
CA THR K 15 -232.13 -101.46 -64.59
CA GLY K 16 -232.61 -98.43 -66.72
CA ASP K 17 -235.54 -97.16 -64.68
CA TYR K 18 -234.29 -98.16 -61.25
CA LEU K 19 -230.97 -96.45 -61.73
CA ARG K 20 -232.60 -93.26 -62.91
CA LYS K 21 -235.18 -93.28 -60.16
CA GLY K 22 -232.59 -94.38 -57.64
CA GLY K 23 -229.84 -92.02 -58.70
CA ILE K 24 -232.00 -88.96 -58.48
CA LYS K 25 -233.04 -90.17 -55.07
CA ILE K 26 -229.45 -90.49 -53.94
CA ASN K 27 -228.54 -87.13 -55.38
CA GLU K 28 -231.46 -85.46 -53.65
CA ASN K 29 -230.74 -86.80 -50.18
CA PHE K 30 -227.05 -86.04 -50.23
CA ASP K 31 -227.74 -82.57 -51.48
CA GLU K 32 -229.98 -82.17 -48.50
CA LEU K 33 -227.20 -83.23 -46.16
CA TYR K 34 -224.42 -81.32 -47.84
CA TYR K 35 -226.35 -78.08 -47.87
CA GLU K 36 -227.10 -78.31 -44.19
CA LEU K 37 -223.52 -79.28 -43.28
CA GLY K 38 -221.63 -77.19 -45.78
CA ASP K 39 -221.69 -73.71 -47.16
CA GLY K 40 -222.28 -75.06 -50.54
CA ASP K 41 -219.08 -76.82 -49.44
CA VAL K 42 -218.12 -80.21 -47.94
CA PRO K 43 -219.45 -81.53 -44.67
CA TYR K 44 -218.19 -79.72 -41.61
CA SER K 45 -218.30 -81.45 -38.26
CA ALA K 46 -218.58 -78.10 -36.60
CA GLY K 47 -221.57 -77.56 -38.81
CA ALA K 48 -221.93 -74.60 -41.07
CA TRP K 49 -223.46 -71.15 -41.19
CA LYS K 50 -224.73 -70.36 -44.66
CA THR K 51 -223.93 -67.10 -46.33
CA TYR K 52 -226.88 -65.67 -48.17
CA ASN K 53 -227.36 -62.63 -50.33
CA ALA K 54 -229.70 -59.86 -49.37
CA SER K 55 -232.09 -61.36 -51.81
CA SER K 56 -232.68 -64.93 -50.85
CA GLY K 57 -234.91 -67.65 -52.15
CA GLN K 58 -238.22 -66.57 -50.75
CA THR K 59 -236.76 -63.60 -48.99
CA LEU K 60 -239.92 -63.54 -47.00
CA THR K 61 -239.43 -67.11 -45.91
CA ALA K 62 -236.44 -68.54 -44.16
CA GLU K 63 -236.61 -72.26 -43.67
CA TRP K 64 -236.45 -73.26 -40.08
CA GLY K 65 -233.51 -75.35 -38.91
CA LYS K 66 -231.19 -73.25 -41.07
CA SER K 67 -228.04 -71.46 -39.96
CA TYR K 68 -226.92 -68.06 -41.14
CA ALA K 69 -223.68 -66.13 -41.07
CA ILE K 70 -224.81 -62.58 -41.44
CA ASN K 71 -222.89 -59.81 -43.03
CA THR K 72 -224.22 -56.31 -42.68
CA SER K 73 -221.08 -54.58 -43.80
CA SER K 74 -222.82 -52.99 -46.72
CA GLY K 75 -225.96 -52.33 -44.77
CA ARG K 76 -228.43 -53.70 -42.27
CA VAL K 77 -229.94 -57.01 -43.24
CA THR K 78 -233.36 -58.33 -42.36
CA ILE K 79 -234.17 -62.00 -42.09
CA ASN K 80 -237.66 -63.43 -41.73
CA LEU K 81 -238.34 -66.72 -40.04
CA PRO K 82 -241.51 -68.41 -41.03
CA LYS K 83 -244.12 -70.13 -38.91
CA GLY K 84 -242.71 -72.94 -36.88
CA THR K 85 -243.80 -75.81 -34.69
CA VAL K 86 -242.96 -76.48 -31.08
CA ASN K 87 -239.25 -77.11 -30.79
CA ASP K 88 -239.62 -79.81 -33.50
CA TYR K 89 -236.87 -78.64 -35.28
CA ASN K 90 -237.78 -75.10 -34.83
CA LYS K 91 -234.37 -73.71 -34.28
CA VAL K 92 -232.62 -71.07 -36.31
CA ILE K 93 -229.11 -69.97 -35.52
CA ARG K 94 -227.18 -66.91 -36.58
CA ALA K 95 -223.58 -65.84 -36.24
CA ARG K 96 -221.54 -62.87 -37.35
CA ASP K 97 -217.98 -63.87 -38.17
CA VAL K 98 -217.31 -60.62 -40.00
CA PHE K 99 -218.48 -58.72 -36.90
CA ALA K 100 -220.28 -56.38 -39.28
CA THR K 101 -223.28 -56.12 -36.99
CA TRP K 102 -223.47 -52.76 -35.32
CA ASN K 103 -225.94 -50.04 -34.47
CA VAL K 104 -225.56 -48.59 -37.94
CA ASN K 105 -226.09 -51.87 -39.71
CA PRO K 106 -227.90 -54.14 -37.39
CA VAL K 107 -229.38 -57.55 -37.97
CA THR K 108 -233.10 -57.49 -37.72
CA LEU K 109 -235.04 -60.67 -37.47
CA VAL K 110 -238.59 -60.55 -38.81
CA ALA K 111 -240.97 -59.00 -36.34
CA ALA K 112 -240.03 -61.37 -33.62
CA SER K 113 -240.24 -64.33 -36.01
CA GLY K 114 -243.40 -65.08 -37.93
CA ASP K 115 -245.76 -63.96 -35.17
CA THR K 116 -243.87 -62.86 -32.12
CA ILE K 117 -241.07 -63.43 -29.65
CA LYS K 118 -241.93 -63.56 -25.99
CA GLY K 119 -240.49 -61.17 -23.48
CA SER K 120 -239.53 -57.95 -25.07
CA ALA K 121 -241.38 -58.73 -28.22
CA VAL K 122 -240.33 -56.60 -31.10
CA PRO K 123 -238.52 -57.13 -34.28
CA VAL K 124 -235.34 -58.50 -32.93
CA GLU K 125 -232.65 -56.02 -33.63
CA ILE K 126 -229.18 -57.17 -32.84
CA ASN K 127 -226.56 -54.48 -32.33
CA VAL K 128 -223.89 -56.72 -30.83
CA ARG K 129 -220.95 -57.53 -33.06
CA PHE K 130 -219.62 -61.06 -33.24
CA SER K 131 -222.82 -62.32 -31.75
CA ASP K 132 -224.58 -65.65 -31.84
CA LEU K 133 -228.35 -65.60 -31.92
CA GLU K 134 -230.52 -68.62 -31.40
CA LEU K 135 -234.26 -68.67 -31.89
CA VAL K 136 -236.45 -71.49 -30.69
CA TYR K 137 -240.13 -72.09 -31.22
CA CYS K 138 -241.67 -72.37 -27.77
CA ALA K 139 -245.31 -72.71 -28.78
CA PRO K 140 -247.12 -73.74 -31.88
CA GLY K 141 -250.70 -74.65 -32.53
CA ARG K 142 -252.58 -71.92 -34.30
CA TRP K 143 -251.55 -68.29 -34.06
CA GLU K 144 -249.77 -69.35 -30.89
CA TYR K 145 -246.45 -69.49 -32.82
CA VAL K 146 -244.16 -67.99 -30.26
CA LYS K 147 -240.44 -67.89 -30.25
CA ASN K 148 -237.87 -66.93 -27.69
CA LYS K 149 -234.25 -66.10 -28.30
CA GLN K 150 -230.85 -65.89 -26.69
CA ILE K 151 -227.91 -63.76 -27.71
CA ASP K 152 -224.33 -64.47 -26.72
CA LYS K 153 -220.86 -63.49 -27.80
CA ILE K 154 -219.21 -65.90 -30.15
CA THR K 155 -215.75 -65.08 -29.09
CA SER K 156 -213.34 -63.73 -26.54
CA SER K 157 -215.59 -65.29 -24.00
CA ASP K 158 -213.05 -66.60 -21.64
CA ILE K 159 -216.01 -67.51 -19.65
CA SER K 160 -214.41 -70.59 -18.28
CA LEU K 406 -214.15 -22.34 -40.15
CA TYR K 407 -215.55 -19.19 -38.50
CA VAL K 408 -213.96 -16.42 -36.46
CA SER K 409 -214.70 -16.84 -32.71
CA GLN K 410 -216.10 -13.83 -30.82
CA GLY K 411 -213.55 -14.65 -28.11
CA PRO K 412 -214.00 -13.46 -24.60
CA GLY K 413 -215.52 -10.12 -24.49
CA VAL K 414 -213.46 -7.14 -23.34
CA ASP K 415 -214.07 -4.62 -20.60
CA ILE K 416 -214.06 -1.21 -22.28
CA SER K 417 -213.26 1.00 -19.32
CA GLY K 418 -211.61 3.96 -21.08
CA ASP K 419 -214.01 4.99 -23.84
CA VAL K 420 -215.05 8.61 -24.37
CA ASN K 421 -217.82 10.41 -26.21
CA LEU K 422 -217.96 13.93 -27.58
CA THR K 423 -220.48 16.39 -26.18
CA ASP K 424 -219.98 18.96 -29.00
CA PHE K 425 -219.78 18.02 -32.68
CA ASP K 426 -219.30 21.59 -33.93
CA LYS K 427 -216.26 22.70 -31.96
CA ILE K 428 -214.48 19.39 -31.36
CA GLY K 429 -212.35 18.57 -28.33
CA TRP K 430 -211.78 19.17 -24.66
CA PRO K 431 -213.58 20.43 -22.63
CA ASN K 432 -216.56 18.86 -24.50
CA VAL K 433 -215.55 15.21 -24.01
CA GLU K 434 -217.00 12.81 -21.44
CA ALA K 435 -215.89 9.54 -19.97
CA VAL K 436 -218.08 6.48 -20.69
CA GLN K 437 -218.66 4.13 -17.76
CA SER K 438 -217.10 0.70 -18.18
CA TYR K 439 -219.05 -1.65 -20.39
CA GLN K 440 -218.52 -5.11 -21.88
CA ARG K 441 -217.91 -5.31 -25.60
CA GLU K 442 -218.82 -8.64 -27.15
CA PHE K 443 -217.83 -9.11 -30.81
CA ASN K 444 -221.30 -10.10 -31.97
CA ALA K 445 -220.79 -8.64 -35.46
CA VAL K 446 -218.33 -6.81 -37.64
CA SER K 447 -219.58 -3.48 -36.31
CA ASN K 448 -218.25 -4.35 -32.88
CA ILE K 449 -214.81 -5.20 -34.34
CA PHE K 450 -214.85 -1.84 -36.16
CA ASP K 451 -215.48 -0.05 -32.84
CA THR K 452 -212.44 -1.79 -31.32
CA ILE K 453 -210.21 -0.73 -34.22
CA TYR K 454 -211.54 2.78 -34.73
CA PRO K 455 -212.94 3.94 -31.40
CA ILE K 456 -214.37 7.45 -31.07
CA GLY K 457 -211.61 10.04 -31.45
CA THR K 458 -209.51 7.91 -33.82
CA ILE K 459 -207.65 9.81 -36.49
CA TYR K 460 -207.83 8.23 -39.96
CA GLU K 461 -205.96 9.46 -43.03
CA ASN K 462 -206.40 8.64 -46.71
CA ALA K 463 -204.10 10.08 -49.36
CA VAL K 464 -206.56 10.06 -52.27
CA ASN K 465 -210.14 9.25 -51.33
CA PRO K 466 -212.00 12.58 -50.81
CA ASN K 467 -215.23 11.03 -49.58
CA ASN K 468 -216.48 10.69 -46.03
CA PRO K 469 -215.02 7.40 -44.66
CA VAL K 470 -218.46 5.96 -43.80
CA THR K 471 -219.09 5.71 -47.58
CA TYR K 472 -216.08 3.42 -48.09
CA MET K 473 -215.70 1.73 -44.69
CA GLY K 474 -219.38 1.19 -43.86
CA PHE K 475 -219.24 2.30 -40.23
CA GLY K 476 -218.78 5.33 -37.97
CA SER K 477 -219.50 9.05 -38.13
CA TRP K 478 -216.52 11.07 -39.35
CA LYS K 479 -215.49 14.74 -39.67
CA LEU K 480 -212.46 16.36 -41.27
CA PHE K 481 -209.82 17.01 -38.62
CA GLY K 482 -206.77 19.25 -38.35
CA GLN K 483 -207.25 20.94 -41.72
CA GLY K 484 -204.10 22.87 -42.56
CA LYS K 485 -202.30 21.31 -39.56
CA VAL K 486 -199.58 18.81 -38.81
CA LEU K 487 -200.26 16.49 -35.86
CA VAL K 488 -197.85 16.71 -32.92
CA GLY K 489 -197.78 14.08 -30.22
CA TRP K 490 -199.23 15.39 -26.99
CA ASN K 491 -196.67 15.45 -24.24
CA GLU K 492 -197.34 13.96 -20.80
CA ASP K 493 -194.44 16.20 -19.61
CA ILE K 494 -196.24 19.33 -18.52
CA SER K 495 -193.13 21.43 -18.90
CA ASP K 496 -193.34 21.18 -22.69
CA PRO K 497 -194.10 24.80 -23.63
CA ASN K 498 -195.92 23.95 -26.86
CA PHE K 499 -197.35 20.43 -26.84
CA ALA K 500 -198.64 19.67 -23.34
CA LEU K 501 -201.14 22.36 -22.41
CA ASN K 502 -204.31 23.03 -24.37
CA ASN K 503 -204.80 26.73 -25.20
CA ASN K 504 -208.27 25.83 -26.49
CA ASP K 505 -209.47 24.57 -23.07
CA LEU K 506 -208.85 27.18 -20.39
CA ASP K 507 -210.20 27.20 -16.86
CA SER K 508 -211.72 30.22 -15.19
CA GLY K 509 -208.28 31.70 -14.47
CA GLY K 510 -207.26 31.33 -18.13
CA ASN K 511 -205.08 28.25 -17.40
CA PRO K 512 -204.89 25.57 -20.09
CA SER K 513 -205.72 21.93 -19.38
CA HIS K 514 -203.17 19.15 -19.74
CA THR K 515 -205.00 17.58 -22.70
CA ALA K 516 -204.50 17.04 -26.39
CA GLY K 517 -206.04 19.57 -28.75
CA GLY K 518 -203.70 22.51 -28.20
CA THR K 519 -202.99 24.44 -31.40
CA GLY K 520 -200.36 26.92 -32.53
CA GLY K 521 -197.68 27.50 -35.14
CA SER K 522 -197.35 29.75 -38.11
CA THR K 523 -196.98 29.31 -41.86
CA SER K 524 -194.40 32.14 -42.15
CA VAL K 525 -192.28 34.50 -40.12
CA THR K 526 -191.54 38.15 -40.73
CA LEU K 527 -188.32 39.23 -39.09
CA GLU K 528 -188.28 42.22 -36.79
CA ASN K 529 -185.32 44.20 -35.44
CA THR K 530 -185.56 42.39 -32.11
CA ASN K 531 -184.72 39.10 -33.90
CA LEU K 532 -181.45 40.37 -35.35
CA PRO K 533 -178.06 39.73 -33.70
CA ALA K 534 -175.47 42.41 -33.20
CA THR K 535 -173.57 43.38 -36.32
CA GLU K 536 -170.99 45.97 -37.28
CA THR K 537 -169.73 47.56 -40.48
CA ASP K 538 -167.01 45.71 -42.34
CA GLU K 539 -164.78 48.87 -42.37
CA GLU K 540 -164.24 51.65 -39.89
CA VAL K 541 -166.34 54.79 -40.31
CA LEU K 542 -166.42 58.15 -38.47
CA ILE K 543 -168.69 57.84 -35.47
CA VAL K 544 -169.86 60.76 -33.32
CA ASP K 545 -168.23 60.39 -29.92
CA GLU K 546 -168.17 62.91 -27.11
CA ASN K 547 -165.15 60.91 -25.83
CA GLY K 548 -163.55 60.82 -29.32
CA SER K 549 -160.07 61.92 -30.44
CA VAL K 550 -160.78 62.77 -34.04
CA ILE K 551 -161.68 66.34 -34.92
CA VAL K 552 -163.81 67.05 -37.91
CA TYR K 566 -169.63 68.64 -53.38
CA THR K 567 -171.87 67.76 -50.44
CA LYS K 568 -172.26 68.52 -46.87
CA TYR K 569 -172.92 65.79 -44.33
CA ARG K 570 -175.28 65.24 -41.50
CA GLU K 571 -174.67 63.65 -38.15
CA ALA K 572 -177.23 60.86 -37.79
CA LYS K 573 -177.71 57.15 -37.31
CA ALA K 574 -177.38 55.56 -40.75
CA SER K 575 -180.27 53.37 -41.84
CA THR K 576 -180.14 50.10 -43.71
CA ASN K 577 -183.20 48.76 -45.53
CA SER K 578 -185.33 51.73 -44.42
CA THR K 579 -188.01 50.83 -47.00
CA HIS K 580 -188.53 47.30 -45.63
CA THR K 581 -191.71 48.07 -43.78
CA PRO K 582 -192.37 45.24 -43.60
CA PRO K 583 -189.77 42.97 -45.10
CA THR K 584 -190.61 39.88 -47.18
CA SER K 585 -191.80 37.00 -45.00
CA ILE K 586 -190.00 33.67 -44.93
CA THR K 587 -191.62 30.24 -45.07
CA ASN K 588 -192.00 28.33 -41.86
CA ILE K 589 -193.30 25.13 -43.49
CA GLN K 590 -191.14 22.01 -43.71
CA PRO K 591 -191.59 19.47 -46.56
CA TYR K 592 -195.15 18.19 -46.59
CA ILE K 593 -197.81 16.35 -48.50
CA THR K 594 -201.50 16.86 -47.74
CA VAL K 595 -203.89 13.97 -46.98
CA TYR K 596 -207.60 13.69 -46.20
CA ARG K 597 -207.60 13.48 -42.38
CA TRP K 598 -210.66 12.59 -40.36
CA ILE K 599 -211.74 12.07 -36.75
CA ARG K 600 -214.39 9.52 -35.78
CA ILE K 601 -216.91 11.60 -33.86
CA ALA K 602 -219.52 8.93 -33.07
CA MET L 1 -216.08 -82.81 -52.14
CA LYS L 2 -219.54 -84.14 -52.57
CA GLN L 3 -220.03 -86.29 -55.63
CA ASN L 4 -223.31 -86.85 -57.41
CA ILE L 5 -224.48 -89.69 -59.60
CA ASN L 6 -224.52 -88.76 -63.24
CA ILE L 7 -228.08 -89.69 -64.12
CA GLY L 8 -227.60 -88.16 -67.53
CA ASN L 9 -225.72 -91.28 -68.51
CA VAL L 10 -226.68 -94.89 -67.87
CA VAL L 11 -228.57 -95.17 -71.08
CA ASP L 12 -225.19 -94.77 -72.68
CA ASP L 13 -223.05 -96.87 -70.37
CA GLY L 14 -223.53 -100.46 -69.33
CA THR L 15 -224.47 -101.40 -65.82
CA GLY L 16 -220.96 -102.46 -65.00
CA ASP L 17 -219.46 -98.99 -65.38
CA TYR L 18 -222.35 -97.13 -63.81
CA LEU L 19 -222.34 -99.25 -60.69
CA ARG L 20 -218.63 -98.97 -60.16
CA LYS L 21 -218.56 -95.27 -60.84
CA GLY L 22 -221.70 -94.76 -58.82
CA GLY L 23 -220.77 -96.98 -55.92
CA ILE L 24 -217.48 -95.27 -55.35
CA LYS L 25 -219.34 -92.01 -55.29
CA ILE L 26 -221.79 -93.27 -52.71
CA ASN L 27 -219.00 -94.67 -50.61
CA GLU L 28 -217.09 -91.42 -50.72
CA ASN L 29 -219.96 -89.19 -49.67
CA PHE L 30 -221.14 -91.31 -46.78
CA ASP L 31 -217.62 -91.69 -45.54
CA GLU L 32 -217.40 -87.95 -45.46
CA LEU L 33 -220.59 -87.70 -43.44
CA TYR L 34 -219.87 -90.53 -41.05
CA TYR L 35 -216.41 -89.28 -40.26
CA GLU L 36 -217.71 -85.86 -39.41
CA LEU L 37 -220.61 -87.20 -37.30
CA GLY L 38 -218.90 -90.16 -35.73
CA ASP L 39 -215.55 -90.69 -34.16
CA GLY L 40 -215.28 -93.71 -36.22
CA ASP L 41 -218.58 -95.20 -35.27
CA VAL L 42 -222.22 -94.20 -35.96
CA PRO L 43 -223.77 -90.85 -36.48
CA TYR L 44 -224.16 -88.83 -33.30
CA SER L 45 -226.95 -86.31 -33.02
CA ALA L 46 -224.84 -84.59 -30.43
CA GLY L 47 -222.11 -84.60 -32.99
CA ALA L 48 -218.71 -85.98 -32.29
CA TRP L 49 -215.27 -84.76 -31.35
CA LYS L 50 -212.56 -86.73 -33.09
CA THR L 51 -209.87 -88.35 -31.01
CA TYR L 52 -206.51 -88.38 -32.71
CA ASN L 53 -203.04 -89.32 -31.62
CA ALA L 54 -200.32 -86.75 -31.42
CA SER L 55 -198.85 -87.30 -34.83
CA SER L 56 -201.01 -86.37 -37.70
CA GLY L 57 -204.70 -85.96 -38.15
CA GLN L 58 -205.91 -86.91 -41.53
CA THR L 59 -202.74 -85.01 -42.12
CA LEU L 60 -200.79 -82.37 -40.28
CA THR L 61 -202.50 -79.00 -40.10
CA ALA L 62 -205.93 -80.34 -39.32
CA GLU L 63 -208.71 -79.46 -41.68
CA TRP L 64 -211.14 -76.61 -41.27
CA GLY L 65 -214.52 -77.64 -39.86
CA LYS L 66 -213.18 -80.49 -37.75
CA SER L 67 -213.69 -81.09 -34.06
CA TYR L 68 -211.27 -82.61 -31.61
CA ALA L 69 -211.34 -84.07 -28.15
CA ILE L 70 -207.91 -83.36 -26.79
CA ASN L 71 -206.00 -85.71 -24.55
CA THR L 72 -202.90 -84.28 -22.96
CA SER L 73 -202.55 -86.72 -20.12
CA SER L 74 -199.30 -88.06 -21.48
CA GLY L 75 -198.05 -84.64 -22.41
CA ARG L 76 -199.08 -81.35 -23.93
CA VAL L 77 -200.40 -81.55 -27.45
CA THR L 78 -200.03 -79.04 -30.26
CA ILE L 79 -202.61 -78.66 -32.96
CA ASN L 80 -202.34 -76.60 -36.10
CA LEU L 81 -205.08 -75.40 -38.39
CA PRO L 82 -204.86 -74.46 -41.97
CA LYS L 83 -205.62 -70.99 -43.15
CA GLY L 84 -209.32 -70.52 -43.54
CA THR L 85 -211.83 -68.21 -45.12
CA VAL L 86 -214.28 -66.08 -43.26
CA ASN L 87 -216.73 -68.23 -41.50
CA ASP L 88 -217.15 -70.49 -44.54
CA TYR L 89 -216.13 -73.13 -42.47
CA ASN L 90 -214.43 -70.83 -40.13
CA LYS L 91 -215.00 -73.08 -37.20
CA VAL L 92 -212.81 -75.65 -35.54
CA ILE L 93 -213.84 -76.72 -32.09
CA ARG L 94 -212.12 -78.61 -29.31
CA ALA L 95 -213.24 -80.11 -26.04
CA ARG L 96 -211.49 -81.83 -23.21
CA ASP L 97 -213.52 -84.74 -21.95
CA VAL L 98 -210.59 -86.25 -20.11
CA PHE L 99 -209.90 -83.06 -18.22
CA ALA L 100 -206.26 -83.69 -19.10
CA THR L 101 -205.42 -80.07 -19.82
CA TRP L 102 -203.45 -78.35 -17.16
CA ASN L 103 -200.51 -75.99 -16.90
CA VAL L 104 -198.17 -78.94 -17.12
CA ASN L 105 -199.78 -80.44 -20.19
CA PRO L 106 -201.46 -77.63 -21.96
CA VAL L 107 -203.12 -77.63 -25.31
CA THR L 108 -201.16 -75.34 -27.52
CA LEU L 109 -203.36 -74.28 -30.25
CA VAL L 110 -201.98 -72.61 -33.15
CA ALA L 111 -205.34 -74.23 -33.77
CA ALA L 112 -206.97 -72.28 -36.43
CA SER L 113 -203.73 -70.45 -36.86
CA GLY L 114 -201.84 -70.19 -40.00
CA ASP L 115 -201.49 -66.50 -39.36
CA THR L 116 -202.73 -64.87 -36.25
CA ILE L 117 -205.32 -65.14 -33.53
CA LYS L 118 -207.13 -62.08 -32.27
CA GLY L 119 -205.39 -60.11 -29.61
CA SER L 120 -201.65 -60.04 -29.41
CA ALA L 121 -202.24 -63.74 -29.00
CA VAL L 122 -199.90 -66.04 -30.83
CA PRO L 123 -200.56 -69.71 -30.60
CA VAL L 124 -203.01 -69.91 -27.76
CA GLU L 125 -202.14 -71.88 -24.68
CA ILE L 126 -205.08 -73.49 -22.98
CA ASN L 127 -204.53 -74.24 -19.30
CA VAL L 128 -208.18 -74.71 -18.37
CA ARG L 129 -209.27 -78.27 -17.75
CA PHE L 130 -212.57 -79.50 -19.15
CA SER L 131 -212.70 -76.54 -21.46
CA ASP L 132 -214.28 -75.98 -24.83
CA LEU L 133 -212.40 -73.87 -27.31
CA GLU L 134 -213.97 -72.57 -30.46
CA LEU L 135 -211.99 -70.91 -33.22
CA VAL L 136 -213.64 -68.82 -35.89
CA TYR L 137 -212.23 -67.23 -38.99
CA CYS L 138 -213.00 -63.51 -38.76
CA ALA L 139 -211.36 -62.30 -41.95
CA PRO L 140 -209.80 -63.92 -44.99
CA GLY L 141 -208.53 -60.99 -47.02
CA ARG L 142 -205.43 -62.46 -48.56
CA TRP L 143 -202.78 -62.67 -45.83
CA GLU L 144 -205.64 -61.34 -43.76
CA TYR L 145 -206.36 -64.80 -42.25
CA VAL L 146 -207.48 -63.81 -38.80
CA LYS L 147 -208.92 -66.06 -36.14
CA ASN L 148 -210.89 -65.24 -33.01
CA LYS L 149 -211.47 -67.59 -30.09
CA GLN L 150 -213.73 -68.22 -27.13
CA ILE L 151 -213.15 -70.55 -24.21
CA ASP L 152 -215.85 -71.90 -21.95
CA LYS L 153 -216.24 -74.55 -19.30
CA ILE L 154 -217.82 -77.78 -20.47
CA THR L 155 -219.31 -78.33 -17.07
CA SER L 156 -221.01 -75.52 -15.36
CA SER L 157 -222.40 -75.72 -11.93
CA ASP L 158 -225.80 -74.58 -13.02
CA ILE L 159 -224.99 -71.54 -15.07
CA SER L 160 -228.67 -71.12 -15.82
CA LEU L 406 -224.19 -15.85 -41.33
CA TYR L 407 -220.69 -15.90 -39.77
CA VAL L 408 -217.37 -14.41 -40.82
CA SER L 409 -215.05 -17.11 -42.30
CA GLN L 410 -211.49 -17.35 -40.92
CA GLY L 411 -210.36 -17.58 -44.55
CA PRO L 412 -207.05 -19.07 -45.46
CA GLY L 413 -204.49 -18.28 -42.95
CA VAL L 414 -201.65 -15.92 -43.84
CA ASP L 415 -197.91 -16.38 -43.69
CA ILE L 416 -196.60 -13.61 -41.42
CA SER L 417 -193.01 -13.44 -42.56
CA GLY L 418 -192.16 -9.82 -41.71
CA ASP L 419 -193.19 -9.36 -38.08
CA VAL L 420 -190.89 -7.76 -35.52
CA ASN L 421 -190.71 -7.60 -31.74
CA LEU L 422 -189.10 -5.04 -29.48
CA THR L 423 -186.24 -6.05 -27.23
CA ASP L 424 -186.34 -2.84 -25.12
CA PHE L 425 -189.57 -1.28 -23.84
CA ASP L 426 -187.87 1.64 -22.08
CA LYS L 427 -185.87 3.19 -24.90
CA ILE L 428 -187.94 2.21 -27.95
CA GLY L 429 -186.55 1.53 -31.42
CA TRP L 430 -183.63 0.31 -33.41
CA PRO L 431 -181.22 -1.25 -32.53
CA ASN L 432 -183.49 -3.05 -30.00
CA VAL L 433 -185.85 -4.65 -32.54
CA GLU L 434 -185.72 -8.27 -33.71
CA ALA L 435 -187.14 -10.12 -36.66
CA VAL L 436 -189.74 -12.84 -35.93
CA GLN L 437 -189.39 -16.04 -37.93
CA SER L 438 -192.24 -16.69 -40.34
CA TYR L 439 -195.36 -18.09 -38.76
CA GLN L 440 -198.92 -18.85 -39.87
CA ARG L 441 -201.65 -16.61 -38.57
CA GLU L 442 -205.07 -18.21 -38.50
CA PHE L 443 -207.99 -15.89 -37.64
CA ASN L 444 -209.33 -18.08 -34.83
CA ALA L 445 -210.70 -15.10 -32.88
CA VAL L 446 -211.01 -11.36 -32.89
CA SER L 447 -207.62 -11.04 -31.20
CA ASN L 448 -205.95 -12.47 -34.29
CA ILE L 449 -207.74 -9.92 -36.52
CA PHE L 450 -206.58 -7.15 -34.19
CA ASP L 451 -202.96 -8.32 -34.61
CA THR L 452 -203.33 -8.12 -38.40
CA ILE L 453 -204.68 -4.56 -38.21
CA TYR L 454 -202.42 -3.22 -35.46
CA PRO L 455 -199.22 -5.25 -35.57
CA ILE L 456 -196.38 -4.42 -33.17
CA GLY L 457 -194.91 -1.01 -34.00
CA THR L 458 -198.20 0.43 -35.31
CA ILE L 459 -198.75 4.09 -34.59
CA TYR L 460 -202.27 4.94 -33.40
CA GLU L 461 -203.60 8.44 -32.78
CA ASN L 462 -206.70 9.65 -30.96
CA ALA L 463 -207.61 13.32 -30.78
CA VAL L 464 -209.50 13.27 -27.48
CA ASN L 465 -209.25 9.99 -25.57
CA PRO L 466 -206.40 10.34 -23.01
CA ASN L 467 -206.50 6.75 -21.82
CA ASN L 468 -204.23 3.88 -22.78
CA PRO L 469 -205.73 2.29 -25.96
CA VAL L 470 -206.02 -1.18 -24.37
CA THR L 471 -208.77 0.27 -22.13
CA TYR L 472 -210.92 1.23 -25.11
CA MET L 473 -209.82 -1.24 -27.79
CA GLY L 474 -209.46 -4.36 -25.64
CA PHE L 475 -206.16 -5.58 -27.09
CA GLY L 476 -202.43 -4.82 -27.29
CA SER L 477 -199.82 -3.15 -25.11
CA TRP L 478 -199.35 0.53 -25.91
CA LYS L 479 -196.98 3.38 -24.99
CA LEU L 480 -197.06 7.08 -25.83
CA PHE L 481 -194.90 7.75 -28.87
CA GLY L 482 -193.25 10.82 -30.38
CA GLN L 483 -194.32 13.21 -27.64
CA GLY L 484 -193.67 16.76 -28.79
CA LYS L 485 -192.82 15.49 -32.31
CA VAL L 486 -194.26 15.48 -35.79
CA LEU L 487 -193.88 12.22 -37.72
CA VAL L 488 -191.80 12.35 -40.91
CA GLY L 489 -191.85 9.53 -43.41
CA TRP L 490 -188.60 7.60 -43.37
CA ASN L 491 -186.80 7.85 -46.66
CA GLU L 492 -185.47 4.77 -48.49
CA ASP L 493 -183.18 7.25 -50.34
CA ILE L 494 -180.08 7.23 -48.19
CA SER L 495 -178.98 10.60 -49.50
CA ASP L 496 -181.76 12.33 -47.55
CA PRO L 497 -179.74 14.32 -45.00
CA ASN L 498 -182.50 14.37 -42.36
CA PHE L 499 -184.95 11.51 -42.77
CA ALA L 500 -183.02 8.41 -43.84
CA LEU L 501 -180.31 7.77 -41.28
CA ASN L 502 -181.02 7.11 -37.62
CA ASN L 503 -178.88 9.27 -35.27
CA ASN L 504 -180.25 7.20 -32.37
CA ASP L 505 -178.74 3.93 -33.69
CA LEU L 506 -175.05 4.34 -34.40
CA ASP L 507 -172.53 1.63 -35.13
CA SER L 508 -169.11 1.41 -33.53
CA GLY L 509 -167.72 4.08 -35.88
CA GLY L 510 -170.56 6.47 -35.00
CA ASN L 511 -172.39 5.81 -38.30
CA PRO L 512 -176.20 5.86 -38.24
CA SER L 513 -178.30 2.96 -39.49
CA HIS L 514 -180.69 3.28 -42.42
CA THR L 515 -183.76 2.79 -40.21
CA ALA L 516 -186.73 4.77 -38.98
CA GLY L 517 -186.45 6.40 -35.57
CA GLY L 518 -184.06 9.24 -36.39
CA THR L 519 -184.92 12.45 -34.53
CA GLY L 520 -184.04 16.11 -34.92
CA GLY L 521 -185.54 19.55 -35.42
CA SER L 522 -185.98 22.57 -33.25
CA THR L 523 -188.90 24.55 -31.85
CA SER L 524 -187.18 27.92 -32.47
CA VAL L 525 -184.19 29.52 -34.10
CA THR L 526 -182.01 32.32 -32.82
CA LEU L 527 -180.26 34.14 -35.64
CA GLU L 528 -176.52 34.60 -35.56
CA ASN L 529 -174.32 36.89 -37.64
CA THR L 530 -173.31 33.97 -39.89
CA ASN L 531 -176.96 33.66 -41.02
CA LEU L 532 -177.22 37.26 -42.24
CA PRO L 533 -176.72 38.22 -45.90
CA ALA L 534 -174.57 41.11 -46.98
CA THR L 535 -176.12 44.52 -46.48
CA GLU L 536 -175.05 48.12 -46.87
CA THR L 537 -176.16 51.49 -45.57
CA ASP L 538 -178.92 53.24 -47.49
CA GLU L 539 -176.76 56.42 -47.84
CA GLU L 540 -173.07 56.99 -48.31
CA VAL L 541 -171.00 57.57 -45.20
CA LEU L 542 -167.29 58.40 -44.64
CA ILE L 543 -165.32 55.17 -44.54
CA VAL L 544 -161.68 54.88 -43.50
CA ASP L 545 -159.68 53.95 -46.57
CA GLU L 546 -155.92 53.89 -46.97
CA ASN L 547 -156.65 54.07 -50.72
CA GLY L 548 -159.20 56.91 -50.24
CA SER L 549 -159.37 60.35 -51.87
CA VAL L 550 -161.19 62.25 -49.18
CA ILE L 551 -159.16 64.09 -46.57
CA VAL L 552 -160.59 64.67 -43.17
CA TYR L 566 -169.81 69.94 -30.39
CA THR L 567 -168.30 66.45 -30.51
CA LYS L 568 -165.27 64.73 -31.67
CA TYR L 569 -165.46 61.47 -33.59
CA ARG L 570 -163.79 58.15 -33.43
CA GLU L 571 -162.67 55.89 -36.23
CA ALA L 572 -164.30 52.51 -35.63
CA LYS L 573 -166.62 49.91 -37.06
CA ALA L 574 -170.16 51.08 -36.28
CA SER L 575 -172.36 48.57 -34.44
CA THR L 576 -176.01 47.85 -35.00
CA ASN L 577 -178.08 46.09 -32.32
CA SER L 578 -175.05 45.74 -30.01
CA THR L 579 -177.34 44.87 -27.07
CA HIS L 580 -178.92 41.88 -28.84
CA THR L 581 -176.94 39.26 -27.02
CA PRO L 582 -178.81 37.18 -27.80
CA PRO L 583 -181.63 38.42 -29.98
CA THR L 584 -185.25 37.27 -29.60
CA SER L 585 -185.76 33.78 -30.99
CA ILE L 586 -188.22 33.08 -33.80
CA THR L 587 -190.72 30.23 -33.93
CA ASN L 588 -189.86 27.24 -36.04
CA ILE L 589 -193.24 25.49 -35.58
CA GLN L 590 -195.76 25.30 -38.43
CA PRO L 591 -199.53 25.12 -37.74
CA TYR L 592 -200.30 22.12 -35.56
CA ILE L 593 -202.80 20.39 -33.35
CA THR L 594 -201.72 17.88 -30.71
CA VAL L 595 -203.17 14.35 -30.48
CA TYR L 596 -202.64 11.36 -28.18
CA ARG L 597 -200.16 9.23 -30.16
CA TRP L 598 -199.26 5.70 -29.21
CA ILE L 599 -197.09 2.81 -30.41
CA ARG L 600 -198.12 -0.83 -29.96
CA ILE L 601 -195.17 -2.33 -28.12
CA ALA L 602 -196.41 -5.89 -27.66
CA MET M 1 -49.67 -230.21 74.89
CA LYS M 2 -51.49 -229.98 71.63
CA GLN M 3 -50.66 -232.63 69.08
CA ASN M 4 -50.87 -232.20 65.34
CA ILE M 5 -51.26 -234.77 62.60
CA ASN M 6 -48.07 -235.31 60.69
CA ILE M 7 -49.28 -234.84 57.15
CA GLY M 8 -45.72 -235.16 56.01
CA ASN M 9 -45.93 -238.89 56.34
CA VAL M 10 -48.76 -240.69 54.58
CA VAL M 11 -47.97 -242.76 51.56
CA ASP M 12 -44.79 -243.58 53.34
CA ASP M 13 -46.48 -244.98 56.46
CA GLY M 14 -49.18 -247.62 56.22
CA THR M 15 -52.74 -246.81 57.13
CA GLY M 16 -52.54 -248.85 60.26
CA ASP M 17 -49.86 -246.70 61.85
CA TYR M 18 -51.19 -243.39 60.63
CA LEU M 19 -54.63 -244.00 62.03
CA ARG M 20 -53.37 -245.19 65.38
CA LYS M 21 -50.91 -242.37 65.78
CA GLY M 22 -53.39 -239.91 64.38
CA GLY M 23 -56.39 -241.10 66.31
CA ILE M 24 -54.65 -240.97 69.63
CA LYS M 25 -53.62 -237.45 68.86
CA ILE M 26 -57.19 -236.54 67.98
CA ASN M 27 -58.53 -237.98 71.19
CA GLU M 28 -55.82 -236.38 73.28
CA ASN M 29 -56.55 -232.87 72.06
CA PHE M 30 -60.29 -233.08 72.36
CA ASP M 31 -59.99 -234.48 75.83
CA GLU M 32 -57.93 -231.53 76.85
CA LEU M 33 -60.56 -229.18 75.45
CA TYR M 34 -63.53 -231.02 76.91
CA TYR M 35 -62.04 -231.18 80.38
CA GLU M 36 -61.39 -227.47 80.46
CA LEU M 37 -64.86 -226.60 79.07
CA GLY M 38 -66.89 -229.25 80.81
CA ASP M 39 -67.17 -230.71 84.23
CA GLY M 40 -66.24 -234.02 82.94
CA ASP M 41 -69.19 -233.00 80.75
CA VAL M 42 -69.81 -231.46 77.28
CA PRO M 43 -68.59 -228.05 76.26
CA TYR M 44 -70.17 -225.09 77.99
CA SER M 45 -69.92 -221.69 76.36
CA ALA M 46 -70.11 -220.08 79.76
CA GLY M 47 -67.23 -222.29 80.70
CA ALA M 48 -67.10 -224.61 83.64
CA TRP M 49 -66.03 -224.70 87.26
CA LYS M 50 -64.61 -228.12 88.10
CA THR M 51 -65.92 -229.79 91.19
CA TYR M 52 -63.41 -232.03 92.85
CA ASN M 53 -62.91 -233.52 96.26
CA ALA M 54 -60.30 -232.69 98.84
CA SER M 55 -58.38 -235.73 97.72
CA SER M 56 -58.25 -234.15 94.31
CA GLY M 57 -54.98 -232.80 93.07
CA GLN M 58 -52.39 -234.24 90.79
CA THR M 59 -50.15 -233.08 93.54
CA LEU M 60 -50.85 -231.07 96.62
CA THR M 61 -50.95 -228.03 94.39
CA ALA M 62 -53.50 -227.61 91.64
CA GLU M 63 -52.78 -226.80 88.02
CA TRP M 64 -53.04 -223.24 86.92
CA GLY M 65 -55.65 -222.16 84.42
CA LYS M 66 -58.18 -224.35 86.15
CA SER M 67 -61.51 -223.35 87.63
CA TYR M 68 -62.91 -224.53 90.93
CA ALA M 69 -66.39 -224.74 92.27
CA ILE M 70 -65.77 -225.23 95.95
CA ASN M 71 -68.03 -226.78 98.46
CA THR M 72 -66.99 -226.53 102.03
CA SER M 73 -70.16 -228.00 103.38
CA SER M 74 -68.34 -230.77 105.17
CA GLY M 75 -65.23 -228.76 105.90
CA ARG M 76 -63.34 -225.64 104.94
CA VAL M 77 -61.11 -227.02 102.15
CA THR M 78 -57.68 -225.72 101.34
CA ILE M 79 -56.48 -225.16 97.82
CA ASN M 80 -52.85 -224.74 96.82
CA LEU M 81 -51.88 -222.94 93.66
CA PRO M 82 -48.96 -224.08 91.64
CA LYS M 83 -46.07 -221.80 90.90
CA GLY M 84 -47.19 -219.76 87.96
CA THR M 85 -46.08 -217.54 85.17
CA VAL M 86 -47.31 -214.10 84.09
CA ASN M 87 -51.09 -213.71 83.98
CA ASP M 88 -51.57 -214.71 80.40
CA TYR M 89 -49.96 -217.82 81.65
CA ASN M 90 -51.62 -217.78 84.98
CA LYS M 91 -55.20 -217.25 86.01
CA VAL M 92 -57.22 -219.41 88.38
CA ILE M 93 -60.83 -218.83 89.30
CA ARG M 94 -63.07 -220.11 92.06
CA ALA M 95 -66.79 -219.96 92.69
CA ARG M 96 -69.11 -221.04 95.48
CA ASP M 97 -72.37 -222.15 93.88
CA VAL M 98 -73.32 -224.35 96.82
CA PHE M 99 -73.13 -221.37 99.16
CA ALA M 100 -71.02 -223.45 101.50
CA THR M 101 -68.34 -220.86 102.23
CA TRP M 102 -68.60 -219.30 105.63
CA ASN M 103 -66.50 -218.39 108.63
CA VAL M 104 -67.01 -221.91 109.89
CA ASN M 105 -65.98 -223.53 106.65
CA PRO M 106 -63.89 -221.05 104.80
CA VAL M 107 -61.91 -221.67 101.72
CA THR M 108 -58.26 -220.98 102.15
CA LEU M 109 -56.02 -220.20 99.24
CA VAL M 110 -52.65 -221.79 99.74
CA ALA M 111 -50.57 -219.70 102.07
CA ALA M 112 -49.48 -217.15 99.60
CA SER M 113 -50.10 -219.44 96.67
CA GLY M 114 -47.00 -220.79 95.03
CA ASP M 115 -44.97 -218.15 96.88
CA THR M 116 -46.72 -214.99 97.88
CA ILE M 117 -49.80 -212.94 97.23
CA LYS M 118 -49.51 -209.16 97.04
CA GLY M 119 -50.90 -206.88 99.64
CA SER M 120 -48.70 -209.10 101.77
CA ALA M 121 -51.20 -211.71 102.61
CA VAL M 122 -51.12 -214.63 104.96
CA PRO M 123 -53.09 -217.49 103.49
CA VAL M 124 -55.99 -215.72 101.96
CA GLU M 125 -59.03 -216.84 103.82
CA ILE M 126 -62.32 -216.18 102.25
CA ASN M 127 -65.50 -216.61 104.18
CA VAL M 128 -67.61 -214.64 101.78
CA ARG M 129 -70.65 -216.52 100.68
CA PHE M 130 -71.37 -217.07 96.99
CA SER M 131 -68.10 -215.48 96.17
CA ASP M 132 -65.98 -215.53 93.06
CA LEU M 133 -62.26 -215.40 93.61
CA GLU M 134 -59.78 -214.72 90.89
CA LEU M 135 -56.07 -215.10 91.37
CA VAL M 136 -53.69 -213.75 88.79
CA TYR M 137 -49.98 -214.11 88.54
CA CYS M 138 -48.48 -210.61 88.44
CA ALA M 139 -44.91 -211.62 87.89
CA PRO M 140 -42.93 -214.77 87.35
CA GLY M 141 -39.39 -213.45 87.13
CA ARG M 142 -37.56 -216.32 88.75
CA TRP M 143 -38.47 -216.51 92.42
CA GLU M 144 -40.53 -213.48 91.49
CA TYR M 145 -43.77 -215.54 91.57
CA VAL M 146 -46.26 -213.00 92.83
CA LYS M 147 -50.02 -213.27 92.82
CA ASN M 148 -52.81 -210.83 93.49
CA LYS M 149 -56.51 -211.45 93.80
CA GLN M 150 -59.98 -210.00 93.68
CA ILE M 151 -63.20 -211.10 95.31
CA ASP M 152 -66.62 -210.47 93.86
CA LYS M 153 -70.10 -211.64 94.71
CA ILE M 154 -71.50 -214.09 92.22
CA THR M 155 -75.00 -212.84 92.74
CA SER M 156 -76.11 -209.39 93.48
CA SER M 157 -79.22 -207.43 93.38
CA ASP M 158 -78.24 -205.40 90.37
CA ILE M 159 -74.85 -203.85 90.55
CA SER M 160 -75.51 -202.25 87.21
CA LEU M 406 -109.79 -175.89 81.05
CA TYR M 407 -111.51 -175.75 77.64
CA VAL M 408 -114.65 -174.03 76.40
CA SER M 409 -117.57 -176.52 76.04
CA GLN M 410 -119.46 -176.57 72.73
CA GLY M 411 -122.64 -176.62 74.83
CA PRO M 412 -125.88 -177.86 73.43
CA GLY M 413 -126.23 -176.98 69.89
CA VAL M 414 -128.83 -174.42 68.83
CA ASP M 415 -131.66 -174.64 66.35
CA ILE M 416 -131.06 -171.86 63.81
CA SER M 417 -134.55 -171.42 62.45
CA GLY M 418 -134.42 -167.78 61.31
CA ASP M 419 -131.31 -167.50 59.15
CA VAL M 420 -131.37 -165.83 55.73
CA ASN M 421 -129.12 -165.77 52.69
CA LEU M 422 -128.77 -163.18 49.97
CA THR M 423 -129.65 -164.08 46.40
CA ASP M 424 -128.02 -160.94 44.89
CA PHE M 425 -124.60 -159.63 45.95
CA ASP M 426 -124.62 -156.66 43.56
CA LYS M 427 -127.82 -154.89 44.53
CA ILE M 428 -128.21 -155.91 48.17
CA GLY M 429 -131.51 -156.39 49.98
CA TRP M 430 -135.11 -157.37 49.68
CA PRO M 431 -136.53 -158.79 47.45
CA ASN M 432 -133.30 -160.81 46.88
CA VAL M 433 -133.18 -162.49 50.30
CA GLU M 434 -134.27 -166.04 51.08
CA ALA M 435 -135.16 -167.91 54.23
CA VAL M 436 -132.88 -170.81 55.25
CA GLN M 437 -134.63 -173.93 56.53
CA SER M 438 -133.98 -174.68 60.18
CA TYR M 439 -130.65 -176.32 60.89
CA GLN M 440 -128.66 -177.28 63.97
CA ARG M 441 -125.57 -175.26 64.72
CA GLU M 442 -122.98 -177.08 66.79
CA PHE M 443 -120.02 -174.99 67.99
CA ASN M 444 -117.37 -177.34 66.63
CA ALA M 445 -114.87 -174.52 66.02
CA VAL M 446 -114.38 -170.80 66.29
CA SER M 447 -115.92 -170.32 62.86
CA ASN M 448 -119.26 -171.54 64.17
CA ILE M 449 -119.09 -169.06 67.09
CA PHE M 450 -118.34 -166.28 64.58
CA ASP M 451 -121.48 -167.21 62.61
CA THR M 452 -123.57 -166.91 65.79
CA ILE M 453 -122.15 -163.45 66.56
CA TYR M 454 -122.09 -162.05 63.03
CA PRO M 455 -124.77 -163.86 61.06
CA ILE M 456 -125.42 -162.92 57.43
CA GLY M 457 -126.83 -159.41 57.21
CA THR M 458 -125.01 -158.14 60.32
CA ILE M 459 -123.87 -154.55 60.18
CA TYR M 460 -120.33 -153.96 61.47
CA GLU M 461 -118.68 -150.58 61.89
CA ASN M 462 -115.04 -149.63 62.45
CA ALA M 463 -113.97 -146.03 62.94
CA VAL M 464 -110.44 -146.32 61.56
CA ASN M 465 -109.66 -149.61 59.87
CA PRO M 466 -110.23 -149.15 56.09
CA ASN M 467 -109.67 -152.79 55.17
CA ASN M 468 -112.22 -155.48 54.43
CA PRO M 469 -113.16 -157.05 57.82
CA VAL M 470 -112.18 -160.58 56.70
CA THR M 471 -108.54 -159.39 56.72
CA TYR M 472 -108.68 -158.48 60.42
CA MET M 473 -111.39 -160.80 61.75
CA GLY M 474 -110.54 -163.95 59.81
CA PHE M 475 -114.09 -164.90 58.82
CA GLY M 476 -117.05 -163.89 56.66
CA SER M 477 -117.58 -162.12 53.34
CA TRP M 478 -118.20 -158.40 53.75
CA LYS M 479 -119.27 -155.43 51.58
CA LEU M 480 -119.47 -151.71 52.35
CA PHE M 481 -123.01 -150.82 53.37
CA GLY M 482 -125.03 -147.61 53.56
CA GLN M 483 -122.30 -145.37 52.14
CA GLY M 484 -123.28 -141.76 52.70
CA LYS M 485 -126.24 -142.86 54.86
CA VAL M 486 -127.32 -142.86 58.49
CA LEU M 487 -129.05 -146.02 59.68
CA VAL M 488 -132.66 -145.67 60.86
CA GLY M 489 -134.38 -148.41 62.79
CA TRP M 490 -137.00 -150.12 60.68
CA ASN M 491 -140.46 -149.66 62.10
CA GLU M 492 -142.84 -152.58 62.64
CA ASP M 493 -145.61 -149.90 62.68
CA ILE M 494 -146.68 -149.79 59.06
CA SER M 495 -148.11 -146.31 59.44
CA ASP M 496 -144.60 -144.84 59.72
CA PRO M 497 -144.43 -142.79 56.49
CA ASN M 498 -140.63 -143.00 56.18
CA PHE M 499 -139.18 -146.00 57.98
CA ALA M 500 -141.57 -148.94 57.55
CA LEU M 501 -142.11 -149.48 53.83
CA ASN M 502 -139.30 -150.28 51.42
CA ASN M 503 -139.33 -148.07 48.31
CA ASN M 504 -136.60 -150.30 46.86
CA ASP M 505 -138.82 -153.43 46.88
CA LEU M 506 -142.10 -152.76 45.12
CA ASP M 507 -144.69 -155.28 44.05
CA SER M 508 -146.36 -155.32 40.67
CA GLY M 509 -148.73 -152.49 41.67
CA GLY M 510 -145.80 -150.33 42.81
CA ASN M 511 -146.50 -151.01 46.51
CA PRO M 512 -143.51 -151.20 48.86
CA SER M 513 -142.88 -154.19 51.10
CA HIS M 514 -142.83 -153.94 54.88
CA THR M 515 -139.10 -154.70 55.09
CA ALA M 516 -135.90 -152.95 56.03
CA GLY M 517 -133.86 -151.41 53.24
CA GLY M 518 -136.02 -148.40 52.42
CA THR M 519 -133.98 -145.30 51.57
CA GLY M 520 -134.65 -141.58 51.39
CA GLY M 521 -133.56 -138.25 52.79
CA SER M 522 -131.63 -135.33 51.42
CA THR M 523 -128.36 -133.59 52.20
CA SER M 524 -129.84 -130.09 51.68
CA VAL M 525 -133.08 -128.25 51.09
CA THR M 526 -133.77 -125.34 48.77
CA LEU M 527 -136.76 -123.33 49.89
CA GLU M 528 -139.58 -122.64 47.48
CA ASN M 529 -142.44 -120.15 47.77
CA THR M 530 -144.83 -122.92 48.82
CA ASN M 531 -142.72 -123.44 51.99
CA LEU M 532 -143.05 -119.84 53.16
CA PRO M 533 -145.67 -118.73 55.72
CA ALA M 534 -147.82 -115.67 55.26
CA THR M 535 -146.06 -112.39 55.90
CA GLU M 536 -146.90 -108.71 55.59
CA THR M 537 -144.98 -105.47 55.33
CA ASP M 538 -143.92 -103.86 58.59
CA GLU M 539 -145.59 -100.52 57.57
CA GLU M 540 -148.71 -99.69 55.63
CA VAL M 541 -148.32 -99.08 51.91
CA LEU M 542 -150.78 -98.03 49.16
CA ILE M 543 -152.46 -101.12 47.78
CA VAL M 544 -154.66 -101.20 44.68
CA ASP M 545 -158.21 -101.91 45.80
CA GLU M 546 -161.36 -101.72 43.74
CA ASN M 547 -163.15 -101.46 47.12
CA GLY M 548 -160.67 -98.82 48.39
CA SER M 549 -161.33 -95.34 49.83
CA VAL M 550 -158.10 -93.65 48.92
CA ILE M 551 -157.90 -91.76 45.64
CA VAL M 552 -154.60 -91.37 43.91
CA TYR M 566 -139.08 -87.11 39.87
CA THR M 567 -140.56 -90.49 38.96
CA LYS M 568 -143.76 -91.97 37.92
CA TYR M 569 -145.05 -95.18 39.47
CA ARG M 570 -146.47 -98.38 38.24
CA GLU M 571 -149.26 -100.48 39.67
CA ALA M 572 -147.85 -103.98 40.17
CA LYS M 573 -147.13 -106.67 42.70
CA ALA M 574 -143.82 -105.77 44.33
CA SER M 575 -141.14 -108.47 44.25
CA THR M 576 -138.70 -109.41 46.96
CA ASN M 577 -135.54 -111.38 46.15
CA SER M 578 -136.46 -111.59 42.45
CA THR M 579 -132.89 -112.70 41.58
CA HIS M 580 -132.99 -115.74 43.91
CA THR M 581 -133.57 -118.27 41.19
CA PRO M 582 -132.75 -120.44 42.94
CA PRO M 583 -131.85 -119.33 46.43
CA THR M 584 -128.89 -120.72 48.39
CA SER M 585 -129.61 -124.20 49.73
CA ILE M 586 -129.52 -124.98 53.44
CA THR M 587 -127.86 -127.98 55.07
CA ASN M 588 -130.06 -130.84 56.13
CA ILE M 589 -127.27 -132.81 57.85
CA GLN M 590 -127.13 -133.08 61.65
CA PRO M 591 -123.78 -133.53 63.48
CA TYR M 592 -122.03 -136.64 62.21
CA ILE M 593 -118.82 -138.58 62.05
CA THR M 594 -118.17 -141.11 59.27
CA VAL M 595 -117.16 -144.73 59.94
CA TYR M 596 -116.32 -147.74 57.77
CA ARG M 597 -119.64 -149.64 57.71
CA TRP M 598 -119.99 -153.14 56.34
CA ILE M 599 -122.62 -155.84 55.86
CA ARG M 600 -121.79 -159.55 56.10
CA ILE M 601 -123.03 -160.90 52.77
CA ALA M 602 -122.02 -164.56 53.14
CA MET N 1 -71.53 -235.37 74.14
CA LYS N 2 -67.91 -235.74 73.24
CA GLN N 3 -66.99 -238.76 71.20
CA ASN N 4 -63.55 -240.21 70.69
CA ILE N 5 -61.97 -242.32 68.01
CA ASN N 6 -61.84 -245.94 68.92
CA ILE N 7 -58.18 -246.65 68.35
CA GLY N 8 -58.71 -250.09 69.79
CA ASN N 9 -60.18 -251.03 66.44
CA VAL N 10 -58.90 -250.27 62.93
CA VAL N 11 -56.87 -253.40 62.76
CA ASP N 12 -60.23 -255.07 62.79
CA ASP N 13 -62.18 -252.72 60.54
CA GLY N 14 -61.26 -251.65 57.04
CA THR N 15 -60.39 -248.05 56.32
CA GLY N 16 -63.70 -247.37 54.74
CA ASP N 17 -65.62 -247.86 57.97
CA TYR N 18 -63.13 -246.29 60.34
CA LEU N 19 -62.89 -243.12 58.30
CA ARG N 20 -66.65 -242.78 58.11
CA LYS N 21 -67.14 -243.53 61.78
CA GLY N 22 -64.15 -241.42 62.69
CA GLY N 23 -64.90 -238.49 60.45
CA ILE N 24 -68.40 -238.05 61.73
CA LYS N 25 -66.95 -238.20 65.20
CA ILE N 26 -64.47 -235.46 64.42
CA ASN N 27 -67.11 -233.35 62.77
CA GLU N 28 -69.43 -233.71 65.72
CA ASN N 29 -66.93 -232.68 68.37
CA PHE N 30 -65.62 -229.66 66.53
CA ASP N 31 -69.13 -228.52 65.82
CA GLU N 32 -69.71 -228.69 69.52
CA LEU N 33 -66.69 -226.51 70.19
CA TYR N 34 -67.29 -224.06 67.38
CA TYR N 35 -70.87 -223.44 68.34
CA GLU N 36 -69.95 -222.70 71.91
CA LEU N 37 -67.03 -220.43 70.93
CA GLY N 38 -68.47 -218.82 67.85
CA ASP N 39 -71.69 -217.28 66.72
CA GLY N 40 -71.97 -219.81 64.05
CA ASP N 41 -68.55 -218.22 63.42
CA VAL N 42 -64.88 -219.03 64.22
CA PRO N 43 -63.53 -219.49 67.70
CA TYR N 44 -63.39 -216.35 69.78
CA SER N 45 -61.04 -216.19 72.72
CA ALA N 46 -63.35 -213.72 74.35
CA GLY N 47 -66.02 -216.32 73.90
CA ALA N 48 -69.25 -215.65 72.14
CA TRP N 49 -72.83 -214.67 72.83
CA LYS N 50 -75.19 -216.41 70.43
CA THR N 51 -77.87 -214.52 68.63
CA TYR N 52 -81.12 -216.42 68.48
CA ASN N 53 -84.45 -215.74 66.87
CA ALA N 54 -87.59 -215.33 68.89
CA SER N 55 -88.38 -218.84 67.91
CA SER N 56 -85.55 -221.04 69.01
CA GLY N 57 -84.94 -224.76 68.94
CA GLN N 58 -87.11 -225.86 71.78
CA THR N 59 -88.20 -222.37 72.64
CA LEU N 60 -89.28 -223.78 75.93
CA THR N 61 -85.83 -225.18 76.59
CA ALA N 62 -82.61 -223.27 76.63
CA GLU N 63 -79.59 -225.46 77.09
CA TRP N 64 -77.61 -224.58 80.14
CA GLY N 65 -74.07 -223.35 79.69
CA LYS N 66 -75.17 -221.29 76.70
CA SER N 67 -74.62 -217.59 76.14
CA TYR N 68 -77.08 -215.19 74.60
CA ALA N 69 -76.91 -211.75 73.10
CA ILE N 70 -80.44 -210.52 73.37
CA ASN N 71 -82.14 -208.12 71.08
CA THR N 72 -85.49 -206.78 72.07
CA SER N 73 -85.56 -203.99 69.58
CA SER N 74 -88.64 -205.36 67.91
CA GLY N 75 -90.21 -206.39 71.15
CA ARG N 76 -89.65 -207.98 74.53
CA VAL N 77 -88.10 -211.42 74.39
CA THR N 78 -88.57 -214.26 76.81
CA ILE N 79 -86.00 -216.95 77.39
CA ASN N 80 -86.58 -220.11 79.41
CA LEU N 81 -83.79 -221.92 81.18
CA PRO N 82 -84.41 -225.54 81.85
CA LYS N 83 -83.75 -227.58 84.96
CA GLY N 84 -80.16 -227.51 86.00
CA THR N 85 -77.78 -229.18 88.41
CA VAL N 86 -75.70 -227.62 91.13
CA ASN N 87 -73.19 -225.29 89.56
CA ASP N 88 -72.05 -228.23 87.35
CA TYR N 89 -72.08 -226.29 84.46
CA ASN N 90 -75.24 -224.61 85.34
CA LYS N 91 -74.39 -221.18 84.17
CA VAL N 92 -76.20 -219.13 81.57
CA ILE N 93 -75.01 -215.72 80.55
CA ARG N 94 -76.74 -212.93 78.71
CA ALA N 95 -75.62 -209.64 77.26
CA ARG N 96 -77.25 -206.85 75.32
CA ASP N 97 -74.83 -205.28 72.86
CA VAL N 98 -77.63 -203.55 70.97
CA PHE N 99 -78.82 -202.03 74.27
CA ALA N 100 -82.34 -202.79 73.11
CA THR N 101 -83.41 -203.83 76.58
CA TRP N 102 -85.68 -201.29 78.16
CA ASN N 103 -88.88 -201.04 80.15
CA VAL N 104 -90.89 -201.24 76.96
CA ASN N 105 -89.09 -204.26 75.63
CA PRO N 106 -87.53 -206.01 78.52
CA VAL N 107 -85.77 -209.32 78.69
CA THR N 108 -87.69 -211.79 80.74
CA LEU N 109 -86.09 -214.97 81.86
CA VAL N 110 -88.45 -217.89 82.45
CA ALA N 111 -90.19 -217.66 85.78
CA ALA N 112 -86.98 -217.40 87.66
CA SER N 113 -85.46 -220.25 85.65
CA GLY N 114 -87.09 -223.65 85.52
CA ASP N 115 -88.39 -223.55 89.09
CA THR N 116 -87.35 -220.40 90.84
CA ILE N 117 -84.67 -217.85 91.61
CA LYS N 118 -83.90 -217.12 95.22
CA GLY N 119 -84.28 -213.71 96.73
CA SER N 120 -86.83 -211.70 94.90
CA ALA N 121 -88.13 -214.66 93.06
CA VAL N 122 -90.15 -213.75 90.06
CA PRO N 123 -89.77 -214.03 86.40
CA VAL N 124 -86.58 -212.12 86.00
CA GLU N 125 -87.37 -209.01 84.10
CA ILE N 126 -84.40 -206.99 83.07
CA ASN N 127 -85.01 -203.34 82.26
CA VAL N 128 -81.38 -202.26 82.24
CA ARG N 129 -79.88 -201.55 78.84
CA PHE N 130 -76.44 -202.84 77.99
CA SER N 131 -76.65 -205.25 80.84
CA ASP N 132 -74.95 -208.54 81.59
CA LEU N 133 -76.98 -211.16 83.37
CA GLU N 134 -75.56 -214.31 84.85
CA LEU N 135 -77.62 -217.13 86.25
CA VAL N 136 -76.16 -219.90 88.34
CA TYR N 137 -77.76 -223.03 89.67
CA CYS N 138 -77.30 -222.95 93.44
CA ALA N 139 -79.23 -226.09 94.34
CA PRO N 140 -80.31 -229.16 92.50
CA GLY N 141 -81.66 -232.45 93.69
CA ARG N 142 -85.35 -232.80 93.10
CA TRP N 143 -87.62 -229.79 92.85
CA GLU N 144 -84.88 -227.97 94.72
CA TYR N 145 -83.63 -226.49 91.41
CA VAL N 146 -82.85 -223.00 92.54
CA LYS N 147 -80.98 -220.34 90.72
CA ASN N 148 -79.61 -216.97 91.71
CA LYS N 149 -78.56 -214.19 89.42
CA GLN N 150 -76.45 -211.06 89.15
CA ILE N 151 -76.93 -208.13 86.84
CA ASP N 152 -74.19 -205.69 85.94
CA LYS N 153 -73.49 -203.08 83.31
CA ILE N 154 -71.41 -204.29 80.43
CA THR N 155 -69.93 -200.97 79.67
CA SER N 156 -68.98 -197.50 80.72
CA SER N 157 -68.14 -199.05 84.02
CA ASP N 158 -65.05 -197.15 84.81
CA ILE N 159 -65.27 -199.01 88.00
CA SER N 160 -61.56 -199.24 88.37
CA LEU N 406 -106.49 -178.23 69.75
CA TYR N 407 -109.22 -176.67 71.91
CA VAL N 408 -109.98 -173.10 72.94
CA SER N 409 -108.89 -172.43 76.57
CA GLN N 410 -111.44 -170.85 78.93
CA GLY N 411 -108.62 -168.53 80.04
CA PRO N 412 -108.73 -166.77 83.33
CA GLY N 413 -112.15 -165.77 84.21
CA VAL N 414 -113.09 -162.10 84.24
CA ASP N 415 -114.58 -159.93 86.95
CA ILE N 416 -117.80 -158.52 85.52
CA SER N 417 -118.25 -155.48 87.74
CA GLY N 418 -120.27 -153.21 85.43
CA ASP N 419 -123.19 -155.33 84.22
CA VAL N 420 -126.77 -154.06 84.31
CA ASN N 421 -130.21 -155.61 84.08
CA LEU N 422 -133.51 -154.10 83.00
CA THR N 423 -136.35 -153.83 85.48
CA ASP N 424 -139.00 -153.01 82.81
CA PHE N 425 -139.27 -154.85 79.49
CA ASP N 426 -142.25 -152.84 78.21
CA LYS N 427 -140.94 -149.29 78.44
CA ILE N 428 -137.19 -149.82 78.06
CA GLY N 429 -134.49 -147.67 79.65
CA TRP N 430 -133.56 -145.50 82.57
CA PRO N 431 -134.88 -145.21 85.24
CA ASN N 432 -135.76 -148.96 85.05
CA VAL N 433 -132.18 -150.28 84.94
CA GLU N 434 -130.25 -151.75 87.86
CA ALA N 435 -126.62 -152.39 88.56
CA VAL N 436 -125.54 -156.06 88.98
CA GLN N 437 -123.08 -156.75 91.78
CA SER N 438 -119.67 -157.90 90.61
CA TYR N 439 -119.49 -161.54 89.61
CA GLN N 440 -116.91 -163.82 88.01
CA ARG N 441 -117.57 -164.95 84.47
CA GLU N 442 -115.88 -168.20 83.53
CA PHE N 443 -116.09 -169.20 79.85
CA ASN N 444 -117.47 -172.67 80.53
CA ALA N 445 -119.43 -172.76 77.25
CA VAL N 446 -120.27 -170.78 74.17
CA SER N 447 -123.17 -169.12 75.98
CA ASN N 448 -120.73 -167.41 78.31
CA ILE N 449 -118.71 -166.07 75.33
CA PHE N 450 -121.95 -164.77 73.81
CA ASP N 451 -122.69 -162.85 77.03
CA THR N 452 -119.25 -161.21 76.85
CA ILE N 453 -119.82 -160.12 73.24
CA TYR N 454 -123.47 -159.12 73.49
CA PRO N 455 -124.11 -158.12 77.09
CA ILE N 456 -127.56 -156.86 78.11
CA GLY N 457 -128.27 -153.52 76.47
CA THR N 458 -126.20 -154.25 73.35
CA ILE N 459 -127.56 -152.83 70.13
CA TYR N 460 -127.46 -155.24 67.17
CA GLU N 461 -128.39 -154.38 63.60
CA ASN N 462 -129.09 -156.59 60.59
CA ALA N 463 -129.84 -155.14 57.18
CA VAL N 464 -132.00 -157.97 55.84
CA ASN N 465 -132.94 -160.60 58.41
CA PRO N 466 -136.40 -159.68 59.81
CA ASN N 467 -136.48 -162.40 62.44
CA ASN N 468 -135.79 -162.12 66.16
CA PRO N 469 -131.98 -162.56 66.60
CA VAL N 470 -132.38 -165.51 69.01
CA THR N 471 -133.66 -167.55 66.02
CA TYR N 472 -130.42 -167.03 64.08
CA MET N 473 -127.85 -166.48 66.83
CA GLY N 474 -129.08 -169.06 69.36
CA PHE N 475 -128.78 -166.89 72.47
CA GLY N 476 -130.27 -163.88 74.25
CA SER N 477 -133.65 -162.18 74.49
CA TRP N 478 -134.07 -159.35 72.00
CA LYS N 479 -136.55 -156.54 71.27
CA LEU N 480 -136.73 -154.05 68.40
CA PHE N 481 -135.07 -150.80 69.43
CA GLY N 482 -135.18 -147.22 68.20
CA GLN N 483 -137.80 -147.83 65.51
CA GLY N 484 -137.95 -144.79 63.25
CA LYS N 485 -134.86 -143.32 64.97
CA VAL N 486 -131.21 -142.65 64.26
CA LEU N 487 -128.82 -143.39 67.13
CA VAL N 488 -126.84 -140.45 68.51
CA GLY N 489 -123.88 -140.96 70.80
CA TRP N 490 -124.69 -139.93 74.34
CA ASN N 491 -122.56 -137.05 75.49
CA GLU N 492 -120.67 -137.11 78.80
CA ASP N 493 -120.59 -133.27 78.44
CA ILE N 494 -123.69 -132.22 80.31
CA SER N 495 -123.84 -128.92 78.48
CA ASP N 496 -124.91 -130.68 75.27
CA PRO N 497 -128.48 -129.37 74.87
CA ASN N 498 -129.73 -132.39 72.93
CA PHE N 499 -127.67 -135.51 73.61
CA ALA N 500 -126.67 -135.52 77.29
CA LEU N 501 -129.85 -135.29 79.36
CA ASN N 502 -132.62 -137.84 79.21
CA ASN N 503 -136.09 -136.26 78.77
CA ASN N 504 -137.59 -139.73 79.34
CA ASP N 505 -136.17 -140.01 82.89
CA LEU N 506 -137.10 -136.98 84.96
CA ASP N 507 -136.74 -136.54 88.69
CA SER N 508 -139.43 -135.13 90.93
CA GLY N 509 -138.58 -131.56 89.89
CA GLY N 510 -138.87 -132.48 86.19
CA ASN N 511 -135.07 -132.54 85.72
CA PRO N 512 -133.65 -135.08 83.26
CA SER N 513 -130.96 -137.57 84.24
CA HIS N 514 -127.53 -137.63 82.64
CA THR N 515 -128.15 -140.99 80.95
CA ALA N 516 -128.58 -142.38 77.47
CA GLY N 517 -132.13 -142.83 76.20
CA GLY N 518 -133.07 -139.21 75.57
CA THR N 519 -135.20 -138.77 72.45
CA GLY N 520 -136.15 -135.87 70.21
CA GLY N 521 -136.01 -134.65 66.63
CA SER N 522 -138.53 -134.20 63.90
CA THR N 523 -139.14 -135.65 60.45
CA SER N 524 -140.13 -132.25 58.97
CA VAL N 525 -140.28 -128.57 59.73
CA THR N 526 -142.98 -126.07 58.87
CA LEU N 527 -141.66 -122.53 58.73
CA GLU N 528 -143.31 -119.81 60.75
CA ASN N 529 -142.92 -116.04 60.50
CA THR N 530 -140.59 -116.03 63.50
CA ASN N 531 -138.08 -118.12 61.49
CA LEU N 532 -137.83 -115.62 58.64
CA PRO N 533 -135.04 -113.02 58.41
CA ALA N 534 -135.67 -109.40 57.60
CA THR N 535 -136.39 -108.68 53.97
CA GLU N 536 -137.40 -105.68 51.89
CA THR N 537 -138.98 -105.08 48.51
CA ASP N 538 -136.66 -105.01 45.53
CA GLU N 539 -138.01 -101.56 44.45
CA GLU N 540 -139.19 -98.53 46.37
CA VAL N 541 -142.90 -98.27 47.08
CA LEU N 542 -145.07 -95.58 48.76
CA ILE N 543 -145.09 -96.20 52.49
CA VAL N 544 -147.36 -94.42 54.96
CA ASP N 545 -145.19 -92.20 57.12
CA GLU N 546 -146.30 -89.55 59.57
CA ASN N 547 -142.74 -88.17 59.18
CA GLY N 548 -142.91 -88.46 55.36
CA SER N 549 -142.30 -85.79 52.69
CA VAL N 550 -144.44 -87.16 49.91
CA ILE N 551 -148.01 -85.96 49.63
CA VAL N 552 -150.62 -88.16 48.08
CA TYR N 566 -159.63 -97.18 37.46
CA THR N 567 -159.22 -98.16 41.11
CA LYS N 568 -158.94 -96.60 44.43
CA TYR N 569 -156.33 -97.73 46.93
CA ARG N 570 -156.27 -98.62 50.54
CA GLU N 571 -153.65 -97.88 53.15
CA ALA N 572 -152.67 -101.22 54.69
CA LYS N 573 -149.83 -103.61 55.29
CA ALA N 574 -149.43 -105.66 52.12
CA SER N 575 -149.54 -109.42 52.56
CA THR N 576 -147.43 -112.04 50.83
CA ASN N 577 -148.53 -115.68 50.72
CA SER N 578 -151.67 -114.94 52.77
CA THR N 579 -153.14 -118.34 51.83
CA HIS N 580 -150.18 -120.31 53.23
CA THR N 581 -151.90 -121.37 56.42
CA PRO N 582 -149.93 -123.46 56.86
CA PRO N 583 -147.21 -123.60 54.25
CA THR N 584 -145.84 -126.86 52.82
CA SER N 585 -143.51 -128.58 55.26
CA ILE N 586 -139.89 -129.32 54.40
CA THR N 587 -138.06 -132.58 55.03
CA ASN N 588 -135.75 -132.77 58.00
CA ILE N 589 -134.39 -136.25 57.18
CA GLN N 590 -130.83 -136.70 55.88
CA PRO N 591 -129.92 -139.65 53.60
CA TYR N 592 -130.77 -142.92 55.30
CA ILE N 593 -131.28 -146.62 54.92
CA THR N 594 -133.38 -148.60 57.40
CA VAL N 595 -132.11 -151.72 59.19
CA TYR N 596 -133.58 -154.18 61.69
CA ARG N 597 -132.25 -152.84 65.02
CA TRP N 598 -132.53 -154.74 68.27
CA ILE N 599 -131.58 -154.42 71.93
CA ARG N 600 -130.64 -157.43 74.05
CA ILE N 601 -133.02 -157.19 76.98
CA ALA N 602 -132.02 -160.31 78.92
CA MET O 1 -63.04 -220.79 59.53
CA LYS O 2 -63.92 -224.18 60.83
CA GLN O 3 -63.40 -227.00 58.38
CA ASN O 4 -65.21 -230.30 58.43
CA ILE O 5 -64.22 -233.67 57.06
CA ASN O 6 -66.10 -234.55 53.92
CA ILE O 7 -67.50 -237.93 54.89
CA GLY O 8 -69.50 -237.97 51.70
CA ASN O 9 -66.34 -238.93 49.89
CA VAL O 10 -63.76 -241.53 50.87
CA VAL O 11 -65.52 -244.25 49.00
CA ASP O 12 -64.55 -242.27 45.95
CA ASP O 13 -61.06 -241.17 46.89
CA GLY O 14 -58.14 -243.27 47.99
CA THR O 15 -56.80 -243.15 51.50
CA GLY O 16 -53.88 -241.02 50.48
CA ASP O 17 -55.97 -238.03 49.45
CA TYR O 18 -58.48 -238.32 52.26
CA LEU O 19 -55.83 -238.40 54.95
CA ARG O 20 -53.96 -235.43 53.59
CA LYS O 21 -57.07 -233.41 53.02
CA GLY O 22 -58.50 -234.51 56.32
CA GLY O 23 -55.36 -234.09 58.37
CA ILE O 24 -54.83 -230.54 57.27
CA LYS O 25 -58.38 -229.84 58.27
CA ILE O 26 -57.88 -231.33 61.71
CA ASN O 27 -54.66 -229.43 62.16
CA GLU O 28 -56.28 -226.17 61.16
CA ASN O 29 -59.24 -226.42 63.51
CA PHE O 30 -57.29 -227.41 66.57
CA ASP O 31 -54.75 -224.71 65.93
CA GLU O 32 -57.60 -222.26 65.94
CA LEU O 33 -58.85 -223.57 69.27
CA TYR O 34 -55.49 -223.85 70.96
CA TYR O 35 -54.43 -220.38 69.97
CA GLU O 36 -57.58 -218.89 71.38
CA LEU O 37 -57.39 -220.90 74.63
CA GLY O 38 -53.65 -220.90 75.12
CA ASP O 39 -51.00 -218.28 74.84
CA GLY O 40 -49.08 -220.72 72.88
CA ASP O 41 -49.33 -223.55 75.31
CA VAL O 42 -52.25 -225.76 76.50
CA PRO O 43 -55.88 -225.00 76.85
CA TYR O 44 -56.73 -222.84 79.84
CA SER O 45 -60.11 -223.15 81.48
CA ALA O 46 -59.57 -219.63 82.72
CA GLY O 47 -58.92 -218.72 79.15
CA ALA O 48 -55.84 -216.92 78.08
CA TRP O 49 -54.71 -213.42 77.23
CA LYS O 50 -52.26 -213.40 74.35
CA THR O 51 -48.93 -211.71 74.83
CA TYR O 52 -47.68 -210.03 71.70
CA ASN O 53 -44.77 -207.77 70.94
CA ALA O 54 -45.34 -204.23 69.81
CA SER O 55 -45.17 -204.85 66.11
CA SER O 56 -47.91 -206.90 64.68
CA GLY O 57 -50.30 -209.39 66.11
CA GLN O 58 -51.21 -212.11 63.74
CA THR O 59 -51.25 -208.98 61.69
CA LEU O 60 -51.77 -205.31 62.37
CA THR O 61 -55.30 -204.39 63.41
CA ALA O 62 -55.78 -207.30 65.75
CA GLU O 63 -58.65 -209.60 65.07
CA TRP O 64 -62.08 -209.43 66.65
CA GLY O 65 -62.58 -211.86 69.52
CA LYS O 66 -58.97 -211.85 70.67
CA SER O 67 -57.64 -211.14 74.13
CA TYR O 68 -54.42 -209.43 75.06
CA ALA O 69 -52.24 -209.04 78.09
CA ILE O 70 -50.59 -205.69 77.60
CA ASN O 71 -47.04 -204.93 78.59
CA THR O 72 -46.07 -201.29 78.47
CA SER O 73 -43.08 -201.44 80.75
CA SER O 74 -40.73 -200.49 77.95
CA GLY O 75 -43.07 -197.91 76.57
CA ARG O 76 -46.70 -197.23 75.80
CA VAL O 77 -48.31 -199.62 73.37
CA THR O 78 -50.96 -198.93 70.77
CA ILE O 79 -53.45 -201.52 69.68
CA ASN O 80 -55.89 -201.30 66.84
CA LEU O 81 -58.98 -203.35 66.20
CA PRO O 82 -60.70 -204.01 62.99
CA LYS O 83 -64.23 -202.90 62.38
CA GLY O 84 -66.65 -205.34 63.85
CA THR O 85 -70.29 -206.29 63.73
CA VAL O 86 -72.70 -206.01 66.59
CA ASN O 87 -71.74 -208.33 69.29
CA ASP O 88 -71.08 -211.16 66.82
CA TYR O 89 -67.81 -211.24 68.09
CA ASN O 90 -68.05 -207.78 69.33
CA LYS O 91 -65.66 -208.41 72.13
CA VAL O 92 -61.97 -207.81 72.47
CA ILE O 93 -60.60 -207.84 75.98
CA ARG O 94 -57.34 -206.73 77.53
CA ALA O 95 -55.74 -207.15 80.91
CA ARG O 96 -52.59 -205.89 82.50
CA ASP O 97 -50.95 -208.59 84.56
CA VAL O 98 -47.65 -206.76 84.70
CA PHE O 99 -49.26 -203.60 86.05
CA ALA O 100 -47.12 -201.79 83.49
CA THR O 101 -49.78 -199.30 82.50
CA TRP O 102 -49.31 -195.86 83.87
CA ASN O 103 -49.57 -192.28 82.68
CA VAL O 104 -46.06 -192.52 81.31
CA ASN O 105 -46.65 -195.72 79.40
CA PRO O 106 -50.31 -195.88 78.72
CA VAL O 107 -52.20 -198.32 76.62
CA THR O 108 -53.67 -196.42 73.75
CA LEU O 109 -56.50 -198.35 72.46
CA VAL O 110 -57.99 -197.50 69.28
CA ALA O 111 -58.64 -201.05 70.36
CA ALA O 112 -61.86 -202.03 68.88
CA SER O 113 -61.76 -198.82 66.93
CA GLY O 114 -61.92 -198.56 63.28
CA ASP O 115 -64.48 -195.85 63.71
CA THR O 116 -65.49 -194.52 67.04
CA ILE O 117 -65.79 -195.45 70.68
CA LYS O 118 -68.79 -194.38 72.70
CA GLY O 119 -68.63 -190.95 74.18
CA SER O 120 -66.67 -188.22 72.52
CA ALA O 121 -63.92 -190.71 73.13
CA VAL O 122 -61.42 -191.18 70.36
CA PRO O 123 -58.78 -193.77 70.85
CA VAL O 124 -59.02 -194.50 74.52
CA GLU O 125 -56.06 -193.92 76.75
CA ILE O 126 -55.80 -196.28 79.66
CA ASN O 127 -53.80 -194.94 82.59
CA VAL O 128 -55.06 -197.41 85.18
CA ARG O 129 -52.59 -200.09 86.21
CA PHE O 130 -53.77 -203.68 86.60
CA SER O 131 -56.90 -202.85 84.67
CA ASP O 132 -59.20 -204.92 82.53
CA LEU O 133 -60.65 -203.28 79.46
CA GLU O 134 -63.47 -204.80 77.50
CA LEU O 135 -64.60 -203.48 74.15
CA VAL O 136 -67.94 -204.39 72.65
CA TYR O 137 -69.41 -203.63 69.28
CA CYS O 138 -72.71 -201.82 69.90
CA ALA O 139 -73.77 -201.18 66.33
CA PRO O 140 -72.60 -202.23 62.91
CA GLY O 141 -74.89 -200.36 60.55
CA ARG O 142 -72.56 -199.67 57.66
CA TRP O 143 -70.18 -196.90 58.74
CA GLU O 144 -72.12 -197.30 61.97
CA TYR O 145 -69.26 -199.31 63.60
CA VAL O 146 -69.59 -198.17 67.17
CA LYS O 147 -67.74 -199.52 70.15
CA ASN O 148 -68.46 -199.20 73.87
CA LYS O 149 -66.01 -199.90 76.66
CA GLN O 150 -65.78 -200.72 80.34
CA ILE O 151 -62.74 -200.60 82.57
CA ASP O 152 -62.39 -202.44 85.85
CA LYS O 153 -59.67 -203.30 88.32
CA ILE O 154 -58.30 -206.79 88.03
CA THR O 155 -57.59 -206.87 91.73
CA SER O 156 -60.19 -205.69 94.08
CA SER O 157 -59.71 -205.46 97.75
CA ASP O 158 -62.73 -207.56 98.48
CA ILE O 159 -65.35 -205.95 96.34
CA SER O 160 -67.84 -208.54 97.49
CA LEU O 406 -117.27 -181.75 73.71
CA TYR O 407 -114.93 -178.75 73.36
CA VAL O 408 -114.69 -175.93 70.83
CA SER O 409 -111.79 -176.52 68.37
CA GLN O 410 -109.31 -173.66 67.83
CA GLY O 411 -109.63 -174.39 64.11
CA PRO O 412 -107.01 -173.34 61.68
CA GLY O 413 -105.52 -170.12 62.61
CA VAL O 414 -106.19 -167.05 60.48
CA ASP O 415 -103.82 -164.66 58.77
CA ILE O 416 -104.64 -161.20 60.14
CA SER O 417 -103.25 -159.03 57.38
CA GLY O 418 -105.42 -155.92 57.75
CA ASP O 419 -105.22 -154.97 61.43
CA VAL O 420 -104.51 -151.41 62.55
CA ASN O 421 -103.39 -149.74 65.76
CA LEU O 422 -103.89 -146.20 66.97
CA THR O 423 -100.90 -143.95 67.52
CA ASP O 424 -102.87 -141.27 69.44
CA PHE O 425 -105.41 -142.08 72.16
CA ASP O 426 -106.31 -138.45 72.89
CA LYS O 427 -107.37 -137.20 69.47
CA ILE O 428 -108.59 -140.41 67.82
CA GLY O 429 -108.39 -141.19 64.11
CA TRP O 430 -106.49 -140.65 60.92
CA PRO O 431 -103.73 -139.58 60.49
CA ASN O 432 -102.71 -141.28 63.79
CA VAL O 433 -103.44 -144.87 62.71
CA GLU O 434 -100.87 -147.42 61.58
CA ALA O 435 -101.03 -150.67 59.68
CA VAL O 436 -99.99 -153.85 61.57
CA GLN O 437 -97.86 -156.31 59.61
CA SER O 438 -99.58 -159.61 58.90
CA TYR O 439 -99.62 -162.03 61.79
CA GLN O 440 -101.21 -165.39 62.56
CA ARG O 441 -104.03 -165.44 65.06
CA GLU O 442 -104.52 -168.77 66.79
CA PHE O 443 -107.63 -169.07 68.99
CA ASN O 444 -105.74 -170.25 72.06
CA ALA O 445 -108.23 -168.65 74.48
CA VAL O 446 -111.38 -166.60 74.67
CA SER O 447 -109.34 -163.41 74.48
CA ASN O 448 -108.28 -164.29 70.95
CA ILE O 449 -111.92 -164.86 69.91
CA PHE O 450 -112.80 -161.47 71.40
CA ASP O 451 -110.09 -159.82 69.26
CA THR O 452 -111.61 -161.41 66.13
CA ILE O 453 -115.10 -160.12 67.00
CA TYR O 454 -114.14 -156.67 68.31
CA PRO O 455 -110.88 -155.71 66.62
CA ILE O 456 -109.32 -152.31 67.32
CA GLY O 457 -111.52 -149.55 65.93
CA THR O 458 -114.79 -151.46 66.41
CA ILE O 459 -117.77 -149.36 67.36
CA TYR O 460 -119.93 -150.84 70.12
CA GLU O 461 -123.22 -149.41 71.36
CA ASN O 462 -125.24 -150.15 74.49
CA ALA O 463 -128.59 -148.48 75.13
CA VAL O 464 -128.52 -148.57 78.93
CA ASN O 465 -125.21 -149.64 80.43
CA PRO O 466 -123.21 -146.46 81.26
CA ASN O 467 -120.04 -148.25 82.31
CA ASN O 468 -116.86 -148.77 80.33
CA PRO O 469 -117.36 -152.01 78.28
CA VAL O 470 -114.26 -153.70 79.76
CA THR O 471 -116.17 -153.87 83.08
CA TYR O 472 -118.98 -155.94 81.55
CA MET O 473 -117.25 -157.70 78.64
CA GLY O 474 -113.91 -158.51 80.30
CA PHE O 475 -111.66 -157.50 77.40
CA GLY O 476 -110.38 -154.51 75.41
CA SER O 477 -109.68 -150.84 76.06
CA TRP O 478 -112.61 -148.61 75.17
CA LYS O 479 -113.35 -144.87 74.84
CA LEU O 480 -116.59 -143.01 74.20
CA PHE O 481 -116.93 -142.26 70.49
CA GLY O 482 -118.96 -139.84 68.40
CA GLN O 483 -120.59 -138.08 71.35
CA GLY O 484 -123.43 -135.93 70.06
CA LYS O 485 -123.04 -137.45 66.57
CA VAL O 486 -124.85 -139.80 64.24
CA LEU O 487 -122.65 -142.24 62.33
CA VAL O 488 -122.64 -141.94 58.53
CA GLY O 489 -121.18 -144.65 56.35
CA TRP O 490 -117.94 -143.54 54.77
CA ASN O 491 -118.19 -143.39 51.01
CA GLU O 492 -115.61 -145.04 48.74
CA ASP O 493 -116.95 -142.64 46.03
CA ILE O 494 -114.65 -139.67 46.38
CA SER O 495 -117.16 -137.36 44.74
CA ASP O 496 -119.40 -137.51 47.83
CA PRO O 497 -119.14 -133.92 49.09
CA ASN O 498 -119.83 -134.79 52.73
CA PHE O 499 -118.95 -138.40 53.55
CA ALA O 500 -115.81 -139.33 51.63
CA LEU O 501 -113.09 -136.85 52.53
CA ASN O 502 -111.83 -136.33 56.06
CA ASN O 503 -111.72 -132.64 57.08
CA ASN O 504 -109.89 -133.73 60.25
CA ASP O 505 -106.90 -135.16 58.32
CA LEU O 506 -105.51 -132.61 55.91
CA ASP O 507 -102.25 -132.78 54.00
CA SER O 508 -99.81 -129.91 53.71
CA GLY O 509 -101.93 -128.24 51.01
CA GLY O 510 -105.05 -128.43 53.20
CA ASN O 511 -106.49 -131.37 51.22
CA PRO O 512 -108.50 -133.97 53.14
CA SER O 513 -107.68 -137.66 53.03
CA HIS O 514 -110.07 -140.27 51.67
CA THR O 515 -110.61 -141.86 55.09
CA ALA O 516 -113.36 -142.25 57.64
CA GLY O 517 -113.48 -139.76 60.49
CA GLY O 518 -114.74 -136.69 58.65
CA THR O 519 -117.17 -134.63 60.72
CA GLY O 520 -119.74 -131.95 59.99
CA GLY O 521 -123.42 -131.11 60.33
CA SER O 522 -125.39 -128.76 62.48
CA THR O 523 -128.06 -129.06 65.16
CA SER O 524 -130.04 -126.06 63.82
CA VAL O 525 -130.24 -123.63 60.94
CA THR O 526 -130.94 -119.92 61.02
CA LEU O 527 -132.34 -118.68 57.73
CA GLU O 528 -130.72 -115.76 55.97
CA ASN O 529 -132.02 -113.64 53.10
CA THR O 530 -129.87 -115.57 50.62
CA ASN O 531 -131.87 -118.74 51.42
CA LEU O 532 -135.24 -117.20 50.52
CA PRO O 533 -136.85 -117.67 47.10
CA ALA O 534 -138.36 -114.85 45.13
CA THR O 535 -141.73 -113.67 46.38
CA GLU O 536 -144.16 -110.89 45.54
CA THR O 537 -147.02 -109.13 47.27
CA ASP O 538 -150.44 -110.74 46.97
CA GLU O 539 -151.96 -107.44 45.65
CA GLU O 540 -150.63 -104.69 43.43
CA VAL O 541 -149.05 -101.70 45.13
CA LEU O 542 -147.60 -98.41 43.81
CA ILE O 543 -143.97 -98.94 42.89
CA VAL O 544 -141.52 -96.19 42.02
CA ASP O 545 -140.67 -96.53 38.34
CA GLU O 546 -138.77 -94.11 36.15
CA ASN O 547 -140.45 -95.95 33.24
CA GLY O 548 -143.88 -95.82 34.95
CA SER O 549 -147.22 -94.48 33.65
CA VAL O 550 -148.86 -93.56 36.91
CA ILE O 551 -148.47 -90.04 38.21
CA VAL O 552 -148.64 -89.37 41.89
CA TYR O 566 -153.76 -87.70 57.60
CA THR O 567 -150.22 -88.81 56.71
CA LYS O 568 -147.63 -88.18 54.20
CA TYR O 569 -145.71 -91.03 52.58
CA ARG O 570 -142.14 -91.81 51.86
CA GLU O 571 -140.62 -93.47 48.84
CA ALA O 572 -138.60 -96.42 50.13
CA LYS O 573 -138.19 -100.17 49.99
CA ALA O 574 -140.72 -101.63 52.42
CA SER O 575 -139.32 -103.98 55.07
CA THR O 576 -140.82 -107.17 56.37
CA ASN O 577 -139.68 -108.65 59.69
CA SER O 578 -137.13 -105.87 60.21
CA THR O 579 -136.73 -106.85 63.89
CA HIS O 580 -135.72 -110.45 63.09
CA THR O 581 -132.04 -109.94 63.67
CA PRO O 582 -131.61 -112.82 63.89
CA PRO O 583 -134.74 -114.87 63.38
CA THR O 584 -135.59 -117.94 65.48
CA SER O 585 -133.50 -120.95 64.48
CA ILE O 586 -135.09 -124.16 63.22
CA THR O 587 -134.17 -127.68 64.31
CA ASN O 588 -131.99 -129.70 62.00
CA ILE O 589 -132.22 -132.94 64.05
CA GLN O 590 -134.26 -135.91 62.79
CA PRO O 591 -135.87 -138.38 65.24
CA TYR O 592 -133.21 -139.89 67.49
CA ILE O 593 -132.48 -141.84 70.61
CA THR O 594 -129.11 -141.59 72.35
CA VAL O 595 -126.99 -144.65 73.22
CA TYR O 596 -123.65 -145.21 74.93
CA ARG O 597 -121.25 -145.53 71.96
CA TRP O 598 -117.67 -146.67 72.30
CA ILE O 599 -114.61 -147.37 70.17
CA ARG O 600 -112.12 -150.12 71.02
CA ILE O 601 -108.82 -148.26 71.16
CA ALA O 602 -106.49 -151.12 72.14
CA MET P 1 180.07 -145.25 86.89
CA LYS P 2 177.93 -147.63 84.95
CA GLN P 3 179.70 -149.64 82.29
CA ASN P 4 178.10 -150.95 79.13
CA ILE P 5 179.12 -153.84 76.91
CA ASN P 6 180.63 -152.67 73.67
CA ILE P 7 178.54 -154.60 71.19
CA GLY P 8 180.31 -152.73 68.44
CA ASN P 9 183.27 -155.03 68.80
CA VAL P 10 182.68 -158.76 68.62
CA VAL P 11 183.82 -160.62 65.58
CA ASP P 12 186.70 -158.21 65.56
CA ASP P 13 187.86 -159.05 69.09
CA GLY P 14 188.48 -162.61 70.17
CA THR P 15 186.26 -164.27 72.72
CA GLY P 16 188.94 -164.16 75.33
CA ASP P 17 189.12 -160.37 75.43
CA TYR P 18 185.41 -159.76 75.05
CA LEU P 19 184.53 -162.00 77.96
CA ARG P 20 187.15 -160.55 80.23
CA LYS P 21 186.32 -156.97 79.41
CA GLY P 22 182.63 -157.75 79.44
CA GLY P 23 182.60 -159.82 82.58
CA ILE P 24 184.42 -157.26 84.63
CA LYS P 25 181.92 -154.70 83.49
CA ILE P 26 179.06 -156.97 84.48
CA ASN P 27 180.48 -157.55 87.91
CA GLU P 28 181.26 -153.89 88.44
CA ASN P 29 177.72 -152.75 87.77
CA PHE P 30 176.03 -155.37 89.87
CA ASP P 31 178.36 -154.67 92.72
CA GLU P 32 177.39 -151.06 92.63
CA LEU P 33 173.72 -152.00 92.73
CA TYR P 34 174.08 -154.62 95.43
CA TYR P 35 176.04 -152.36 97.73
CA GLU P 36 173.45 -149.63 97.52
CA LEU P 37 170.52 -152.05 98.03
CA GLY P 38 172.10 -154.40 100.51
CA ASP P 39 174.17 -154.16 103.61
CA GLY P 40 176.89 -156.02 101.99
CA ASP P 41 173.86 -158.30 101.54
CA VAL P 42 171.26 -159.13 98.84
CA PRO P 43 168.87 -156.60 97.38
CA TYR P 44 166.21 -155.25 99.70
CA SER P 45 163.15 -153.64 98.21
CA ALA P 46 162.81 -151.50 101.28
CA GLY P 47 166.35 -150.46 100.66
CA ALA P 48 169.17 -150.65 103.13
CA TRP P 49 170.90 -148.57 105.76
CA LYS P 50 174.61 -149.33 105.75
CA THR P 51 176.20 -150.06 109.07
CA TYR P 52 179.81 -149.04 109.26
CA ASN P 53 182.29 -148.28 111.97
CA ALA P 54 183.80 -144.96 112.94
CA SER P 55 186.87 -145.90 111.00
CA SER P 56 184.64 -146.16 107.98
CA GLY P 57 184.90 -143.54 105.31
CA GLN P 58 186.70 -143.48 102.03
CA THR P 59 187.79 -140.16 103.35
CA LEU P 60 186.77 -138.24 106.39
CA THR P 61 183.62 -137.33 104.54
CA ALA P 62 181.11 -139.91 103.40
CA GLU P 63 179.73 -140.31 99.90
CA TRP P 64 176.44 -138.75 99.11
CA GLY P 65 173.44 -140.88 98.22
CA LYS P 66 174.39 -143.31 100.95
CA SER P 67 172.30 -144.45 103.88
CA TYR P 68 173.51 -144.89 107.43
CA ALA P 69 172.28 -146.92 110.31
CA ILE P 70 174.10 -145.37 113.19
CA ASN P 71 174.93 -146.92 116.47
CA THR P 72 176.36 -144.68 119.08
CA SER P 73 176.28 -147.26 121.80
CA SER P 74 179.98 -146.98 122.43
CA GLY P 75 180.24 -143.32 121.57
CA ARG P 76 178.45 -140.47 119.83
CA VAL P 77 179.86 -140.82 116.30
CA THR P 78 180.38 -137.95 113.92
CA ILE P 79 179.48 -138.14 110.27
CA ASN P 80 180.74 -135.73 107.62
CA LEU P 81 178.85 -135.19 104.42
CA PRO P 82 180.68 -134.60 101.22
CA LYS P 83 180.14 -131.50 99.17
CA GLY P 84 177.04 -132.17 97.19
CA THR P 85 175.00 -131.12 94.23
CA VAL P 86 171.29 -130.31 93.95
CA ASN P 87 168.97 -132.76 95.71
CA ASP P 88 168.42 -135.07 92.81
CA TYR P 89 172.13 -135.36 93.07
CA ASN P 90 172.24 -135.20 96.79
CA LYS P 91 170.25 -136.99 99.45
CA VAL P 92 171.64 -138.79 102.47
CA ILE P 93 169.57 -140.61 105.06
CA ARG P 94 170.26 -141.88 108.54
CA ALA P 95 168.39 -144.16 110.92
CA ARG P 96 168.88 -145.34 114.47
CA ASP P 97 167.57 -148.91 114.67
CA VAL P 98 169.73 -149.77 117.67
CA PHE P 99 168.16 -146.94 119.65
CA ALA P 100 171.65 -145.83 120.63
CA THR P 101 171.20 -142.10 119.98
CA TRP P 102 170.86 -140.04 123.10
CA ASN P 103 172.16 -136.87 124.69
CA VAL P 104 175.08 -138.88 126.00
CA ASN P 105 175.91 -140.38 122.65
CA PRO P 106 174.46 -138.13 120.04
CA VAL P 107 175.05 -138.30 116.37
CA THR P 108 176.55 -135.19 114.97
CA LEU P 109 176.21 -134.26 111.35
CA VAL P 110 179.38 -132.69 110.11
CA ALA P 111 179.53 -129.08 111.14
CA ALA P 112 177.30 -127.72 108.48
CA SER P 113 177.92 -130.66 106.22
CA GLY P 114 180.11 -129.95 103.25
CA ASP P 115 179.64 -126.22 103.89
CA THR P 116 176.52 -125.14 105.66
CA ILE P 117 173.06 -126.31 106.63
CA LYS P 118 170.16 -123.89 106.37
CA GLY P 119 168.41 -122.48 109.34
CA SER P 120 171.98 -121.48 110.10
CA ALA P 121 173.01 -124.47 112.02
CA VAL P 122 176.09 -125.28 114.00
CA PRO P 123 176.89 -128.96 113.65
CA VAL P 124 173.49 -130.49 113.76
CA GLU P 125 173.36 -132.57 116.85
CA ILE P 126 170.63 -135.07 117.11
CA ASN P 127 169.90 -136.80 120.34
CA VAL P 128 166.50 -138.00 119.31
CA ARG P 129 166.07 -141.69 119.82
CA PHE P 130 165.00 -143.94 116.95
CA SER P 131 165.19 -141.01 114.64
CA ASP P 132 165.40 -140.75 110.89
CA LEU P 133 167.41 -137.87 109.56
CA GLU P 134 167.34 -136.77 105.97
CA LEU P 135 169.72 -134.23 104.56
CA VAL P 136 169.11 -132.75 101.17
CA TYR P 137 171.26 -130.47 99.13
CA CYS P 138 169.22 -127.36 98.35
CA ALA P 139 171.74 -125.68 96.10
CA PRO P 140 175.11 -126.41 94.63
CA GLY P 141 175.84 -123.23 92.71
CA ARG P 142 179.58 -123.07 93.20
CA TRP P 143 180.38 -122.42 96.84
CA GLU P 144 176.60 -122.38 97.07
CA TYR P 145 176.57 -125.85 98.71
CA VAL P 146 173.63 -125.56 101.06
CA LYS P 147 171.88 -128.35 102.89
CA ASN P 148 168.68 -128.56 104.87
CA LYS P 149 167.33 -131.39 106.95
CA GLN P 150 164.32 -132.97 108.56
CA ILE P 151 164.01 -135.27 111.55
CA ASP P 152 161.28 -137.83 111.97
CA LYS P 153 160.65 -140.63 114.41
CA ILE P 154 161.11 -144.05 112.89
CA THR P 155 158.44 -145.55 115.08
CA SER P 156 155.34 -143.94 116.31
CA SER P 157 152.12 -144.96 117.76
CA ASP P 158 150.11 -144.20 114.68
CA ILE P 159 150.70 -140.83 113.20
CA SER P 160 148.06 -141.61 110.64
CA LEU P 406 107.28 -151.90 122.38
CA TYR P 407 105.23 -154.34 120.26
CA VAL P 408 101.83 -155.95 120.73
CA SER P 409 102.18 -159.63 121.82
CA GLN P 410 100.22 -162.26 119.87
CA GLY P 411 99.23 -163.70 123.25
CA PRO P 412 98.09 -167.24 123.60
CA GLY P 413 96.13 -168.32 120.70
CA VAL P 414 92.42 -168.98 121.08
CA ASP P 415 90.35 -172.04 120.31
CA ILE P 416 87.68 -170.91 117.84
CA SER P 417 85.09 -173.60 118.37
CA GLY P 418 81.91 -171.74 117.35
CA ASP P 419 82.65 -170.23 113.94
CA VAL P 420 80.25 -170.59 111.02
CA ASN P 421 80.45 -170.15 107.26
CA LEU P 422 77.75 -169.38 104.75
CA THR P 423 76.91 -171.91 102.06
CA ASP P 424 74.81 -169.45 99.98
CA PHE P 425 75.87 -165.87 99.24
CA ASP P 426 72.77 -164.99 97.20
CA LYS P 427 69.98 -165.79 99.65
CA ILE P 428 71.71 -165.28 103.00
CA GLY P 429 70.93 -167.17 106.19
CA TRP P 430 69.71 -170.40 107.67
CA PRO P 431 69.42 -173.10 106.42
CA ASN P 432 72.55 -172.29 104.31
CA VAL P 433 74.98 -171.91 107.21
CA GLU P 434 77.49 -174.53 108.39
CA ALA P 435 79.46 -175.05 111.54
CA VAL P 436 83.28 -174.83 111.27
CA GLN P 437 85.24 -177.45 113.21
CA SER P 438 87.29 -176.06 116.07
CA TYR P 439 90.55 -174.46 115.03
CA GLN P 440 93.30 -172.47 116.73
CA ARG P 441 93.54 -168.80 115.89
CA GLU P 442 96.98 -167.30 116.40
CA PHE P 443 97.23 -163.51 116.03
CA ASN P 444 100.06 -163.60 113.51
CA ALA P 445 98.94 -160.40 111.79
CA VAL P 446 96.32 -157.69 111.83
CA SER P 447 94.07 -159.79 109.59
CA ASN P 448 93.71 -162.35 112.36
CA ILE P 449 92.71 -159.61 114.86
CA PHE P 450 90.13 -158.37 112.33
CA ASP P 451 88.62 -161.88 112.14
CA THR P 452 88.26 -161.93 115.94
CA ILE P 453 86.49 -158.56 115.97
CA TYR P 454 84.33 -159.02 112.87
CA PRO P 455 83.77 -162.74 112.45
CA ILE P 456 81.57 -164.02 109.61
CA GLY P 457 77.97 -162.96 110.15
CA THR P 458 78.86 -159.74 111.99
CA ILE P 459 76.56 -156.82 111.35
CA TYR P 460 78.34 -153.50 110.75
CA GLU P 461 76.64 -150.13 110.33
CA ASN P 462 77.96 -146.81 109.06
CA ALA P 463 75.80 -143.70 109.00
CA VAL P 464 77.45 -141.94 106.07
CA ASN P 465 79.96 -144.04 104.17
CA PRO P 466 78.15 -145.62 101.17
CA ASN P 467 81.05 -147.77 100.03
CA ASN P 468 81.63 -151.46 100.61
CA PRO P 469 83.43 -151.78 104.02
CA VAL P 470 86.42 -153.66 102.52
CA THR P 471 87.37 -150.39 100.75
CA TYR P 472 87.70 -148.51 104.06
CA MET P 473 88.54 -151.29 106.52
CA GLY P 474 90.89 -153.36 104.38
CA PHE P 475 89.50 -156.79 105.25
CA GLY P 476 86.48 -159.07 104.82
CA SER P 477 83.78 -159.64 102.22
CA TRP P 478 80.62 -157.67 102.91
CA LYS P 479 77.05 -157.44 101.59
CA LEU P 480 74.22 -155.04 102.40
CA PHE P 481 71.96 -156.57 105.03
CA GLY P 482 68.41 -155.96 106.22
CA GLN P 483 67.62 -153.25 103.68
CA GLY P 484 64.40 -151.54 104.69
CA LYS P 485 64.40 -153.43 108.02
CA VAL P 486 64.94 -152.80 111.70
CA LEU P 487 66.92 -155.46 113.56
CA VAL P 488 65.10 -157.30 116.36
CA GLY P 489 66.97 -159.43 118.85
CA TRP P 490 66.32 -163.10 118.28
CA ASN P 491 64.58 -164.68 121.22
CA GLU P 492 65.82 -167.91 122.82
CA ASP P 493 62.25 -168.20 124.24
CA ILE P 494 60.50 -170.26 121.62
CA SER P 495 57.10 -169.01 122.69
CA ASP P 496 57.84 -165.57 121.23
CA PRO P 497 55.33 -165.45 118.35
CA ASN P 498 57.38 -163.04 116.22
CA PHE P 499 61.08 -163.16 117.04
CA ALA P 500 62.03 -166.77 117.81
CA LEU P 501 61.04 -168.89 114.82
CA ASN P 502 62.42 -168.35 111.33
CA ASN P 503 59.68 -168.23 108.66
CA ASN P 504 62.47 -168.23 106.04
CA ASP P 505 63.79 -171.67 107.11
CA LEU P 506 61.01 -174.22 107.18
CA ASP P 507 61.33 -177.97 107.50
CA SER P 508 59.45 -180.46 105.36
CA GLY P 509 56.28 -180.01 107.43
CA GLY P 510 56.42 -176.22 107.01
CA ASN P 511 57.73 -175.70 110.58
CA PRO P 512 60.16 -172.82 111.16
CA SER P 513 63.56 -173.34 112.77
CA HIS P 514 64.54 -171.70 116.04
CA THR P 515 67.16 -169.48 114.38
CA ALA P 516 67.73 -165.82 113.65
CA GLY P 517 66.71 -164.54 110.24
CA GLY P 518 62.94 -164.54 110.62
CA THR P 519 61.29 -161.57 108.91
CA GLY P 520 57.92 -159.85 109.13
CA GLY P 521 56.26 -156.53 109.85
CA SER P 522 54.53 -153.95 107.75
CA THR P 523 55.09 -150.31 106.84
CA SER P 524 51.37 -149.43 107.15
CA VAL P 525 48.04 -150.81 108.25
CA THR P 526 44.66 -150.42 106.61
CA LEU P 527 41.83 -150.86 109.08
CA GLU P 528 39.07 -153.32 108.36
CA ASN P 529 35.68 -153.71 110.05
CA THR P 530 36.96 -156.64 112.10
CA ASN P 531 39.44 -154.27 113.82
CA LEU P 532 36.75 -151.86 115.05
CA PRO P 533 35.28 -152.04 118.57
CA ALA P 534 31.59 -151.87 119.26
CA THR P 535 30.09 -148.41 119.00
CA GLU P 536 26.63 -146.88 119.19
CA THR P 537 24.98 -143.67 118.05
CA ASP P 538 25.24 -140.71 120.39
CA GLU P 539 21.40 -140.25 120.36
CA GLU P 540 18.52 -142.67 120.21
CA VAL P 541 17.10 -143.46 116.79
CA LEU P 542 14.13 -145.59 115.60
CA ILE P 543 15.29 -149.16 115.20
CA VAL P 544 13.27 -151.93 113.57
CA ASP P 545 12.32 -154.40 116.27
CA GLU P 546 9.88 -157.28 116.03
CA ASN P 547 9.78 -157.07 119.86
CA GLY P 548 9.37 -153.27 119.78
CA SER P 549 6.68 -151.06 121.40
CA VAL P 550 6.76 -148.13 119.04
CA ILE P 551 4.36 -148.10 116.11
CA VAL P 552 5.24 -146.23 112.99
CA TYR P 566 8.73 -134.37 101.90
CA THR P 567 10.37 -137.82 101.80
CA LYS P 568 9.56 -141.33 102.44
CA TYR P 569 11.92 -143.58 104.39
CA ARG P 570 13.34 -147.00 103.98
CA GLU P 571 13.98 -149.65 106.56
CA ALA P 572 17.66 -150.59 106.26
CA LYS P 573 20.96 -150.75 108.09
CA ALA P 574 22.47 -147.27 107.89
CA SER P 575 25.99 -147.07 106.47
CA THR P 576 28.84 -144.91 107.63
CA ASN P 577 31.81 -144.20 105.35
CA SER P 578 30.38 -146.39 102.58
CA THR P 579 32.85 -144.91 100.06
CA HIS P 580 35.93 -145.93 102.10
CA THR P 581 36.82 -148.90 99.98
CA PRO P 582 39.52 -148.97 101.09
CA PRO P 583 40.16 -146.33 103.69
CA THR P 584 43.41 -144.36 103.93
CA SER P 585 46.22 -146.45 105.42
CA ILE P 586 48.02 -145.43 108.60
CA THR P 587 51.76 -145.47 109.17
CA ASN P 588 53.21 -148.34 111.14
CA ILE P 589 56.77 -146.92 111.25
CA GLN P 590 58.21 -145.52 114.48
CA PRO P 591 60.88 -142.76 114.43
CA TYR P 592 63.89 -143.91 112.42
CA ILE P 593 67.06 -142.92 110.69
CA THR P 594 68.56 -145.05 107.92
CA VAL P 595 72.18 -146.29 107.96
CA TYR P 596 74.35 -148.36 105.63
CA ARG P 597 74.11 -151.84 107.18
CA TRP P 598 76.29 -154.74 106.12
CA ILE P 599 76.92 -158.38 106.95
CA ARG P 600 80.38 -159.95 106.71
CA ILE P 601 79.79 -162.92 104.41
CA ALA P 602 83.34 -164.29 104.19
CA MET Q 1 172.52 -163.90 96.89
CA LYS Q 2 174.43 -161.95 94.33
CA GLN Q 3 176.69 -163.92 92.07
CA ASN Q 4 179.48 -162.59 89.92
CA ILE Q 5 181.16 -163.80 86.79
CA ASN Q 6 184.40 -165.55 87.47
CA ILE Q 7 186.71 -163.64 85.17
CA GLY Q 8 189.60 -165.55 86.65
CA ASN Q 9 188.56 -168.42 84.43
CA VAL Q 10 187.56 -168.42 80.76
CA VAL Q 11 191.06 -168.97 79.58
CA ASP Q 12 190.63 -172.31 81.24
CA ASP Q 13 187.06 -173.10 80.26
CA GLY Q 14 185.62 -173.17 76.76
CA THR Q 15 183.00 -170.65 75.76
CA GLY Q 16 180.24 -173.15 76.01
CA ASP Q 17 180.60 -173.56 79.76
CA TYR Q 18 181.38 -169.96 80.62
CA LEU Q 19 178.37 -168.65 78.77
CA ARG Q 20 176.07 -171.14 80.45
CA LYS Q 21 177.52 -170.52 83.87
CA GLY Q 22 177.70 -166.81 83.23
CA GLY Q 23 174.29 -166.42 81.68
CA ILE Q 24 172.50 -168.10 84.52
CA LYS Q 25 174.43 -165.85 86.83
CA ILE Q 26 173.31 -162.77 84.97
CA ASN Q 27 169.74 -163.96 84.84
CA GLU Q 28 169.71 -164.67 88.55
CA ASN Q 29 171.01 -161.28 89.64
CA PHE Q 30 168.74 -159.25 87.44
CA ASP Q 31 165.77 -161.27 88.54
CA GLU Q 32 166.74 -160.36 92.06
CA LEU Q 33 166.78 -156.68 91.19
CA TYR Q 34 163.67 -156.69 89.06
CA TYR Q 35 161.60 -158.45 91.66
CA GLU Q 36 162.58 -155.99 94.33
CA LEU Q 37 161.99 -152.96 92.07
CA GLY Q 38 159.02 -154.16 90.11
CA ASP Q 39 155.76 -155.91 90.72
CA GLY Q 40 156.82 -158.65 88.50
CA ASP Q 41 157.16 -155.56 86.30
CA VAL Q 42 159.96 -153.19 85.19
CA PRO Q 43 162.09 -151.19 87.56
CA TYR Q 44 160.31 -148.39 89.33
CA SER Q 45 162.31 -145.51 90.75
CA ALA Q 46 159.63 -145.01 93.32
CA GLY Q 47 160.16 -148.62 94.21
CA ALA Q 48 157.40 -151.14 94.27
CA TRP Q 49 154.96 -152.78 96.64
CA LYS Q 50 154.38 -156.40 95.68
CA THR Q 51 150.92 -157.82 95.45
CA TYR Q 52 150.69 -161.28 96.89
CA ASN Q 53 147.91 -163.81 97.13
CA ALA Q 54 146.57 -164.98 100.43
CA SER Q 55 148.65 -168.03 99.93
CA SER Q 56 152.21 -166.97 99.46
CA GLY Q 57 155.45 -168.82 99.06
CA GLN Q 58 156.07 -169.91 102.60
CA THR Q 59 152.99 -168.22 103.91
CA LEU Q 60 154.55 -168.57 107.29
CA THR Q 61 157.66 -166.76 106.16
CA ALA Q 62 157.85 -163.34 104.64
CA GLU Q 63 161.31 -162.39 103.54
CA TRP Q 64 162.57 -159.30 105.23
CA GLY Q 65 163.31 -156.26 103.11
CA LYS Q 66 160.18 -156.94 101.08
CA SER Q 67 157.36 -154.52 100.36
CA TYR Q 68 153.69 -155.38 100.26
CA ALA Q 69 150.58 -153.75 98.91
CA ILE Q 70 147.85 -155.37 100.89
CA ASN Q 71 144.34 -155.97 99.75
CA THR Q 72 141.84 -157.12 102.28
CA SER Q 73 138.80 -156.44 100.17
CA SER Q 74 137.78 -160.05 100.21
CA GLY Q 75 138.77 -160.53 103.79
CA ARG Q 76 141.36 -159.80 106.44
CA VAL Q 77 144.86 -160.86 105.52
CA THR Q 78 147.62 -161.97 107.83
CA ILE Q 79 151.28 -161.59 107.05
CA ASN Q 80 154.10 -163.12 109.05
CA LEU Q 81 157.55 -161.60 109.20
CA PRO Q 82 160.31 -163.96 110.04
CA LYS Q 83 163.22 -163.55 112.41
CA GLY Q 84 165.36 -160.61 111.56
CA THR Q 85 168.67 -159.03 112.47
CA VAL Q 86 169.35 -155.58 113.84
CA ASN Q 87 168.34 -153.03 111.27
CA ASP Q 88 170.58 -154.87 108.74
CA TYR Q 89 168.14 -154.82 106.27
CA ASN Q 90 165.42 -155.67 108.60
CA LYS Q 91 162.78 -153.46 107.21
CA VAL Q 92 159.42 -154.47 105.85
CA ILE Q 93 157.01 -151.96 104.42
CA ARG Q 94 153.32 -152.20 103.70
CA ALA Q 95 150.86 -149.97 101.93
CA ARG Q 96 147.19 -150.16 101.06
CA ASP Q 97 146.45 -148.48 97.76
CA VAL Q 98 143.03 -150.11 97.51
CA PHE Q 99 142.21 -148.75 100.97
CA ALA Q 100 140.61 -152.11 101.68
CA THR Q 101 141.94 -152.16 105.22
CA TRP Q 102 139.21 -151.60 107.74
CA ASN Q 103 137.95 -152.90 111.05
CA VAL Q 104 136.07 -155.65 109.25
CA ASN Q 105 139.02 -156.74 107.18
CA PRO Q 106 142.11 -155.60 108.90
CA VAL Q 107 145.72 -156.32 108.16
CA THR Q 108 147.30 -158.36 110.85
CA LEU Q 109 151.01 -158.74 111.01
CA VAL Q 110 152.28 -161.93 112.64
CA ALA Q 111 152.21 -161.72 116.40
CA ALA Q 112 154.26 -158.60 116.47
CA SER Q 113 156.70 -160.05 113.94
CA GLY Q 114 158.51 -163.29 114.58
CA ASP Q 115 158.85 -162.75 118.33
CA THR Q 116 157.42 -159.46 119.38
CA ILE Q 117 157.01 -155.74 118.76
CA LYS Q 118 157.95 -153.38 121.55
CA GLY Q 119 155.49 -151.01 123.09
CA SER Q 120 152.01 -152.26 122.77
CA ALA Q 121 153.12 -155.68 121.77
CA VAL Q 122 150.41 -157.68 120.16
CA PRO Q 123 149.73 -158.98 116.77
CA VAL Q 124 149.75 -155.77 114.89
CA GLU Q 125 146.29 -155.16 113.66
CA ILE Q 126 145.92 -152.26 111.33
CA ASN Q 127 142.44 -150.79 110.96
CA VAL Q 128 143.48 -147.61 109.18
CA ARG Q 129 142.66 -147.44 105.49
CA PHE Q 130 145.24 -146.15 103.05
CA SER Q 131 147.91 -146.66 105.60
CA ASP Q 132 151.65 -147.17 105.38
CA LEU Q 133 153.21 -149.50 107.90
CA GLU Q 134 156.91 -149.85 108.45
CA LEU Q 135 158.51 -152.45 110.65
CA VAL Q 136 162.12 -152.31 111.72
CA TYR Q 137 164.17 -154.81 113.64
CA CYS Q 138 165.50 -152.99 116.69
CA ALA Q 139 167.26 -155.89 118.38
CA PRO Q 140 168.58 -159.21 117.28
CA GLY Q 141 170.85 -161.69 118.93
CA ARG Q 142 169.02 -164.70 120.23
CA TRP Q 143 165.36 -164.56 121.16
CA GLU Q 144 165.91 -160.83 121.47
CA TYR Q 145 164.38 -160.33 117.98
CA VAL Q 146 162.35 -157.23 118.63
CA LYS Q 147 160.67 -155.01 116.15
CA ASN Q 148 159.01 -151.65 116.39
CA LYS Q 149 156.64 -150.12 113.91
CA GLN Q 150 155.17 -146.85 112.68
CA ILE Q 151 151.88 -146.30 110.93
CA ASP Q 152 151.10 -143.25 108.83
CA LYS Q 153 148.59 -142.20 106.23
CA ILE Q 154 149.76 -142.59 102.69
CA THR Q 155 147.66 -139.84 101.34
CA SER Q 156 145.72 -136.67 101.83
CA SER Q 157 148.39 -135.74 104.27
CA ASP Q 158 148.75 -132.14 103.47
CA ILE Q 159 151.07 -132.20 106.33
CA SER Q 160 153.31 -129.61 104.83
CA LEU Q 406 107.42 -155.36 110.89
CA TYR Q 407 105.40 -155.50 114.13
CA VAL Q 408 102.48 -153.46 115.44
CA SER Q 409 103.62 -150.90 118.07
CA GLN Q 410 101.76 -150.82 121.40
CA GLY Q 411 101.72 -147.03 121.01
CA PRO Q 412 101.27 -144.77 123.96
CA GLY Q 413 98.95 -146.23 126.41
CA VAL Q 414 95.54 -144.63 126.94
CA ASP Q 415 93.87 -143.32 130.06
CA ILE Q 416 90.62 -145.26 130.41
CA SER Q 417 88.65 -142.88 132.60
CA GLY Q 418 85.08 -143.80 131.61
CA ASP Q 419 84.87 -147.59 131.96
CA VAL Q 420 82.01 -149.27 133.80
CA ASN Q 421 81.37 -152.70 135.28
CA LEU Q 422 78.12 -154.50 135.97
CA THR Q 423 77.18 -155.37 139.53
CA ASP Q 424 74.32 -157.74 138.51
CA PHE Q 425 74.63 -160.32 135.73
CA ASP Q 426 71.09 -161.67 136.09
CA LYS Q 427 69.02 -158.51 135.70
CA ILE Q 428 71.27 -156.37 133.52
CA GLY Q 429 71.47 -152.58 133.61
CA TRP Q 430 71.12 -149.50 135.72
CA PRO Q 431 71.01 -149.21 138.70
CA ASN Q 432 73.48 -152.17 138.92
CA VAL Q 433 76.36 -150.52 137.05
CA GLU Q 434 79.43 -148.94 138.63
CA ALA Q 435 82.07 -146.52 137.46
CA VAL Q 436 85.67 -147.84 137.25
CA GLN Q 437 88.37 -145.46 138.47
CA SER Q 438 90.71 -144.23 135.77
CA TYR Q 439 93.39 -146.68 134.76
CA GLN Q 440 96.07 -146.89 132.08
CA ARG Q 441 95.54 -149.40 129.31
CA GLU Q 442 98.72 -150.54 127.61
CA PHE Q 443 98.28 -152.71 124.50
CA ASN Q 444 100.53 -155.52 125.73
CA ALA Q 445 98.58 -158.20 123.83
CA VAL Q 446 95.62 -158.77 121.58
CA SER Q 447 93.35 -159.08 124.60
CA ASN Q 448 93.96 -155.45 125.45
CA ILE Q 449 93.06 -154.38 121.89
CA PHE Q 450 89.86 -156.43 122.16
CA ASP Q 451 88.93 -154.55 125.36
CA THR Q 452 89.36 -151.23 123.53
CA ILE Q 453 87.10 -152.35 120.68
CA TYR Q 454 84.46 -154.19 122.70
CA PRO Q 455 84.43 -152.65 126.16
CA ILE Q 456 81.95 -153.90 128.76
CA GLY Q 457 78.41 -153.01 127.71
CA THR Q 458 79.11 -153.21 123.97
CA ILE Q 459 76.29 -154.53 121.85
CA TYR Q 460 77.36 -157.05 119.19
CA GLU Q 461 75.10 -158.55 116.55
CA ASN Q 462 75.59 -161.53 114.24
CA ALA Q 463 72.99 -162.49 111.66
CA VAL Q 464 73.70 -166.22 111.51
CA ASN Q 465 76.09 -167.48 114.18
CA PRO Q 466 73.98 -168.80 117.11
CA ASN Q 467 76.89 -169.49 119.41
CA ASN Q 468 78.17 -167.41 122.31
CA PRO Q 469 80.64 -164.86 120.82
CA VAL Q 470 83.52 -165.99 123.09
CA THR Q 471 83.57 -169.27 121.08
CA TYR Q 472 84.25 -167.43 117.81
CA MET Q 473 86.00 -164.26 118.95
CA GLY Q 474 88.18 -165.70 121.73
CA PHE Q 475 87.56 -163.00 124.32
CA GLY Q 476 84.93 -161.52 126.63
CA SER Q 477 81.88 -162.76 128.53
CA TRP Q 478 78.66 -162.29 126.60
CA LYS Q 479 74.89 -162.61 127.21
CA LEU Q 480 71.94 -162.33 124.83
CA PHE Q 481 70.54 -158.81 124.94
CA GLY Q 482 67.26 -157.18 123.97
CA GLN Q 483 65.55 -160.41 122.90
CA GLY Q 484 62.36 -159.54 121.04
CA LYS Q 485 63.33 -155.84 121.04
CA VAL Q 486 64.50 -153.16 118.65
CA LEU Q 487 67.21 -150.84 119.96
CA VAL Q 488 66.33 -147.15 120.24
CA GLY Q 489 68.98 -144.52 120.77
CA TRP Q 490 68.82 -143.11 124.27
CA ASN Q 491 67.98 -139.44 124.25
CA GLU Q 492 70.03 -136.89 126.21
CA ASP Q 493 66.91 -134.64 125.91
CA ILE Q 494 65.02 -135.43 129.06
CA SER Q 495 61.76 -134.25 127.58
CA ASP Q 496 61.62 -137.29 125.30
CA PRO Q 497 58.59 -139.14 126.71
CA ASN Q 498 59.75 -142.59 125.60
CA PHE Q 499 63.52 -142.78 125.15
CA ALA Q 500 65.17 -140.69 127.86
CA LEU Q 501 63.96 -141.96 131.22
CA ASN Q 502 64.49 -145.50 132.43
CA ASN Q 503 61.28 -147.12 133.76
CA ASN Q 504 63.43 -150.05 134.95
CA ASP Q 505 65.48 -147.87 137.35
CA LEU Q 506 63.21 -145.89 139.64
CA ASP Q 507 64.20 -143.93 142.71
CA SER Q 508 62.35 -144.09 146.01
CA GLY Q 509 59.63 -141.74 144.72
CA GLY Q 510 59.08 -143.92 141.63
CA ASN Q 511 60.98 -141.49 139.36
CA PRO Q 512 62.99 -142.98 136.49
CA SER Q 513 66.67 -142.24 135.99
CA HIS Q 514 68.02 -140.49 132.91
CA THR Q 515 69.85 -143.61 131.70
CA ALA Q 516 69.68 -146.09 128.87
CA GLY Q 517 67.79 -149.32 129.50
CA GLY Q 518 64.23 -148.04 129.46
CA THR Q 519 61.82 -150.45 127.78
CA GLY Q 520 58.34 -150.22 126.33
CA GLY Q 521 56.34 -150.75 123.16
CA SER Q 522 53.82 -153.28 122.02
CA THR Q 523 53.61 -155.91 119.30
CA SER Q 524 49.93 -155.12 118.53
CA VAL Q 525 47.16 -152.70 119.31
CA THR Q 526 43.50 -153.41 119.92
CA LEU Q 527 41.34 -150.39 119.19
CA GLU Q 528 38.92 -149.13 121.79
CA ASN Q 529 36.04 -146.66 121.43
CA THR Q 530 38.17 -143.87 122.89
CA ASN Q 531 40.54 -144.16 119.89
CA LEU Q 532 37.81 -143.57 117.31
CA PRO Q 533 37.13 -140.14 115.78
CA ALA Q 534 33.67 -138.69 115.42
CA THR Q 535 31.61 -140.17 112.62
CA GLU Q 536 28.07 -139.84 111.34
CA THR Q 537 25.73 -141.88 109.18
CA ASP Q 538 25.98 -141.36 105.44
CA GLU Q 539 22.19 -140.63 105.20
CA GLU Q 540 19.76 -138.88 107.50
CA VAL Q 541 17.82 -141.04 109.94
CA LEU Q 542 15.07 -140.28 112.49
CA ILE Q 543 16.66 -139.24 115.74
CA VAL Q 544 14.83 -138.79 119.03
CA ASP Q 545 14.86 -135.10 119.88
CA GLU Q 546 12.92 -133.33 122.59
CA ASN Q 547 13.57 -130.17 120.52
CA GLY Q 548 12.53 -131.92 117.26
CA SER Q 549 9.92 -130.90 114.66
CA VAL Q 550 9.03 -134.29 113.28
CA ILE Q 551 6.12 -136.17 114.81
CA VAL Q 552 6.05 -139.91 114.70
CA TYR Q 566 5.26 -155.74 109.77
CA THR Q 567 7.38 -154.64 112.74
CA LYS Q 568 7.29 -152.23 115.50
CA TYR Q 569 10.32 -150.13 116.39
CA ARG Q 570 12.16 -149.24 119.50
CA GLU Q 571 13.74 -145.97 120.50
CA ALA Q 572 17.37 -146.72 121.32
CA LYS Q 573 20.96 -145.95 120.42
CA ALA Q 574 21.82 -148.12 117.43
CA SER Q 575 24.90 -150.32 117.83
CA THR Q 576 27.54 -151.09 115.26
CA ASN Q 577 29.83 -154.11 115.66
CA SER Q 578 28.24 -155.05 118.99
CA THR Q 579 29.88 -158.51 118.85
CA HIS Q 580 33.43 -157.10 118.60
CA THR Q 581 34.34 -157.71 122.20
CA PRO Q 582 37.18 -157.43 121.60
CA PRO Q 583 37.91 -156.63 117.99
CA THR Q 584 40.79 -158.19 116.04
CA SER Q 585 44.13 -156.67 117.00
CA ILE Q 586 46.34 -154.92 114.47
CA THR Q 587 50.09 -155.38 114.07
CA ASN Q 588 52.34 -152.74 115.53
CA ILE Q 589 55.58 -154.22 114.10
CA GLN Q 590 57.40 -152.52 111.23
CA PRO Q 591 59.53 -154.54 108.75
CA TYR Q 592 62.21 -156.46 110.62
CA ILE Q 593 64.77 -159.20 110.49
CA THR Q 594 66.00 -160.91 113.66
CA VAL Q 595 69.69 -161.23 114.56
CA TYR Q 596 71.65 -162.79 117.43
CA ARG Q 597 72.29 -159.76 119.69
CA TRP Q 598 74.64 -159.86 122.64
CA ILE Q 599 76.01 -157.59 125.37
CA ARG Q 600 79.55 -157.95 126.72
CA ILE Q 601 79.00 -158.34 130.45
CA ALA Q 602 82.60 -158.79 131.61
CA MET R 1 160.89 -154.76 80.17
CA LYS R 2 163.53 -156.93 81.70
CA GLN R 3 165.29 -159.21 79.27
CA ASN R 4 166.99 -162.46 80.16
CA ILE R 5 169.77 -164.34 78.44
CA ASN R 6 168.52 -167.39 76.63
CA ILE R 7 170.78 -170.03 78.11
CA GLY R 8 168.80 -172.68 76.31
CA ASN R 9 170.67 -171.74 73.17
CA VAL R 10 174.38 -171.15 72.74
CA VAL R 11 175.06 -174.74 71.93
CA ASP R 12 173.06 -174.03 68.83
CA ASP R 13 174.29 -170.58 67.95
CA GLY R 14 177.83 -169.39 67.45
CA THR R 15 179.50 -167.04 69.85
CA GLY R 16 179.02 -164.11 67.56
CA ASP R 17 175.23 -164.14 67.72
CA TYR R 18 175.00 -164.99 71.39
CA LEU R 19 177.27 -162.16 72.44
CA ARG R 20 175.49 -159.58 70.37
CA LYS R 21 172.07 -160.75 71.42
CA GLY R 22 173.20 -161.14 74.99
CA GLY R 23 175.14 -157.92 75.24
CA ILE R 24 172.27 -155.82 74.06
CA LYS R 25 170.15 -157.48 76.69
CA ILE R 26 172.64 -156.72 79.42
CA ASN R 27 172.95 -153.14 78.25
CA GLU R 28 169.20 -152.68 78.22
CA ASN R 29 168.58 -154.00 81.71
CA PHE R 30 171.32 -152.06 83.41
CA ASP R 31 170.30 -148.90 81.64
CA GLU R 32 166.86 -149.40 83.07
CA LEU R 33 168.26 -149.79 86.57
CA TYR R 34 170.76 -146.97 86.40
CA TYR R 35 168.25 -144.51 85.06
CA GLU R 36 165.86 -145.26 87.85
CA LEU R 37 168.55 -145.09 90.56
CA GLY R 38 170.66 -142.30 89.15
CA ASP R 39 169.87 -138.98 87.64
CA GLY R 40 172.21 -139.86 84.96
CA ASP R 41 175.07 -140.82 87.17
CA VAL R 42 175.67 -143.73 89.61
CA PRO R 43 173.27 -145.67 91.70
CA TYR R 44 172.01 -143.81 94.75
CA SER R 45 171.00 -145.72 97.83
CA ALA R 46 168.86 -142.75 98.70
CA GLY R 47 167.39 -143.10 95.28
CA ALA R 48 167.24 -140.27 92.85
CA TRP R 49 164.78 -137.70 91.60
CA LYS R 50 165.17 -137.08 87.89
CA THR R 51 165.72 -133.56 86.70
CA TYR R 52 164.09 -132.87 83.38
CA ASN R 53 163.57 -129.76 81.31
CA ALA R 54 160.12 -128.45 80.64
CA SER R 55 159.57 -130.13 77.33
CA SER R 56 159.32 -133.83 77.41
CA GLY R 57 160.49 -136.46 79.79
CA GLN R 58 161.46 -139.65 78.15
CA THR R 59 158.31 -138.57 76.42
CA LEU R 60 155.34 -136.45 77.31
CA THR R 61 153.08 -137.95 79.95
CA ALA R 62 155.85 -139.15 82.19
CA GLU R 63 155.98 -142.81 82.98
CA TRP R 64 154.53 -144.48 86.04
CA GLY R 65 157.07 -145.20 88.76
CA LYS R 66 159.30 -142.24 88.00
CA SER R 67 160.49 -139.55 90.37
CA TYR R 68 161.11 -135.92 89.61
CA ALA R 69 162.86 -132.99 91.20
CA ILE R 70 160.91 -130.00 90.00
CA ASN R 71 162.46 -126.68 89.13
CA THR R 72 160.03 -123.85 88.59
CA SER R 73 162.41 -120.98 89.10
CA SER R 74 162.04 -119.84 85.53
CA GLY R 75 158.34 -120.45 85.51
CA ARG R 76 155.65 -122.86 86.61
CA VAL R 77 155.98 -126.37 85.27
CA THR R 78 153.24 -128.79 84.31
CA ILE R 79 153.68 -132.51 84.54
CA ASN R 80 151.35 -135.18 83.27
CA LEU R 81 151.17 -138.82 84.21
CA PRO R 82 149.82 -141.65 82.24
CA LYS R 83 146.90 -143.66 83.45
CA GLY R 84 148.03 -146.27 85.90
CA THR R 85 146.84 -149.43 87.56
CA VAL R 86 146.22 -149.84 91.23
CA ASN R 87 149.41 -149.53 93.09
CA ASP R 88 151.25 -151.74 90.59
CA TYR R 89 153.41 -149.03 90.09
CA ASN R 90 150.92 -146.61 91.32
CA LYS R 91 153.51 -144.26 92.58
CA VAL R 92 155.07 -141.18 91.08
CA ILE R 93 156.89 -138.91 93.46
CA ARG R 94 158.17 -135.37 93.23
CA ALA R 95 160.39 -133.20 95.39
CA ARG R 96 161.51 -129.63 95.24
CA ASP R 97 165.14 -129.34 96.20
CA VAL R 98 165.45 -125.88 94.73
CA PHE R 99 162.52 -124.57 96.73
CA ALA R 100 161.41 -122.96 93.47
CA THR R 101 157.73 -123.69 93.94
CA TRP R 102 155.66 -120.75 94.94
CA ASN R 103 152.31 -119.22 94.08
CA VAL R 104 153.93 -117.45 91.17
CA ASN R 105 155.58 -120.54 89.75
CA PRO R 106 153.58 -123.43 90.95
CA VAL R 107 153.90 -127.04 90.01
CA THR R 108 150.74 -128.01 88.26
CA LEU R 109 150.40 -131.66 88.50
CA VAL R 110 147.98 -133.40 86.47
CA ALA R 111 150.80 -135.59 87.69
CA ALA R 112 149.43 -138.99 87.96
CA SER R 113 146.34 -137.73 86.25
CA GLY R 114 144.93 -139.09 83.15
CA ASP R 115 141.56 -139.06 84.82
CA THR R 116 141.00 -137.68 88.24
CA ILE R 117 142.68 -137.06 91.53
CA LYS R 118 140.89 -137.73 94.79
CA GLY R 119 138.69 -134.98 96.04
CA SER R 120 137.04 -132.58 93.66
CA ALA R 121 140.64 -131.94 92.81
CA VAL R 122 141.48 -131.54 89.17
CA PRO R 123 145.08 -131.08 88.26
CA VAL R 124 146.65 -130.30 91.58
CA GLU R 125 148.41 -127.01 92.08
CA ILE R 126 151.32 -127.15 94.46
CA ASN R 127 152.19 -123.82 96.04
CA VAL R 128 154.29 -125.20 98.89
CA ARG R 129 158.02 -124.70 98.55
CA PHE R 130 160.38 -127.55 99.42
CA SER R 131 157.50 -129.97 99.28
CA ASP R 132 157.28 -133.65 98.52
CA LEU R 133 154.29 -134.85 96.58
CA GLU R 134 153.43 -138.48 96.23
CA LEU R 135 150.76 -139.75 93.88
CA VAL R 136 149.28 -143.21 94.21
CA TYR R 137 146.87 -145.07 92.00
CA CYS R 138 143.91 -146.04 94.18
CA ALA R 139 141.75 -147.76 91.60
CA PRO R 140 142.15 -148.90 88.02
CA GLY R 141 138.74 -150.27 87.11
CA ARG R 142 138.53 -149.33 83.46
CA TRP R 143 137.91 -145.58 83.27
CA GLU R 144 138.20 -145.94 87.03
CA TYR R 145 141.78 -144.54 87.02
CA VAL R 146 141.79 -142.71 90.31
CA LYS R 147 144.74 -141.09 91.99
CA ASN R 148 145.24 -139.97 95.58
CA LYS R 149 147.94 -137.61 96.81
CA GLN R 150 149.83 -136.53 99.89
CA ILE R 151 152.01 -133.48 100.34
CA ASP R 152 154.65 -133.09 103.01
CA LYS R 153 157.52 -130.77 103.82
CA ILE R 154 160.94 -132.04 102.85
CA THR R 155 162.49 -130.17 105.73
CA SER R 156 160.91 -130.37 109.07
CA SER R 157 162.09 -128.49 112.03
CA ASP R 158 162.41 -131.59 114.12
CA ILE R 159 159.11 -133.25 113.56
CA SER R 160 160.20 -136.12 115.75
CA LEU R 406 105.79 -163.48 119.58
CA TYR R 407 104.51 -160.17 118.16
CA VAL R 408 101.63 -159.27 115.87
CA SER R 409 102.86 -158.55 112.30
CA GLN R 410 101.71 -155.30 110.65
CA GLY R 411 101.00 -157.40 107.56
CA PRO R 412 100.79 -155.86 104.16
CA GLY R 413 99.29 -152.51 104.29
CA VAL R 414 95.85 -151.94 102.79
CA ASP R 415 94.66 -149.50 100.17
CA ILE R 416 91.89 -147.45 101.80
CA SER R 417 90.05 -146.23 98.74
CA GLY R 418 86.55 -145.72 100.17
CA ASP R 419 87.02 -143.59 103.29
CA VAL R 420 84.91 -140.51 103.96
CA ASN R 421 85.14 -137.49 106.23
CA LEU R 422 82.43 -135.23 107.58
CA THR R 423 82.37 -131.57 106.61
CA ASP R 424 79.80 -130.59 109.28
CA PHE R 425 79.95 -131.80 112.89
CA ASP R 426 76.81 -129.95 114.01
CA LYS R 427 74.22 -131.24 111.56
CA ILE R 428 75.62 -134.67 110.68
CA GLY R 429 75.21 -136.42 107.34
CA TRP R 430 74.81 -136.01 103.64
CA PRO R 431 75.27 -133.59 101.92
CA ASN R 432 78.17 -132.65 104.28
CA VAL R 433 80.32 -135.73 103.65
CA GLU R 434 83.35 -135.92 101.37
CA ALA R 435 85.27 -138.73 99.76
CA VAL R 436 88.91 -139.21 100.86
CA GLN R 437 91.38 -139.97 98.08
CA SER R 438 92.90 -143.43 98.27
CA TYR R 439 95.69 -143.82 100.78
CA GLN R 440 97.76 -146.66 102.18
CA ARG R 441 97.09 -147.70 105.75
CA GLU R 442 100.00 -149.41 107.45
CA PHE R 443 99.30 -150.90 110.89
CA ASN R 444 102.16 -149.12 112.63
CA ALA R 445 100.33 -148.96 115.97
CA VAL R 446 97.10 -149.84 117.70
CA SER R 447 95.57 -146.55 116.58
CA ASN R 448 95.75 -147.71 112.97
CA ILE R 449 93.98 -150.98 113.85
CA PHE R 450 91.28 -148.98 115.62
CA ASP R 451 90.73 -146.92 112.45
CA THR R 452 90.24 -150.13 110.44
CA ILE R 453 87.66 -151.45 112.92
CA TYR R 454 85.82 -148.20 113.63
CA PRO R 455 86.25 -145.99 110.58
CA ILE R 456 84.56 -142.58 110.47
CA GLY R 457 80.79 -142.97 110.36
CA THR R 458 80.75 -146.22 112.36
CA ILE R 459 77.81 -146.67 114.67
CA TYR R 460 78.71 -148.00 118.13
CA GLU R 461 76.23 -148.95 120.83
CA ASN R 462 76.70 -149.62 124.54
CA ALA R 463 73.81 -150.69 126.76
CA VAL R 464 75.08 -149.24 130.04
CA ASN R 465 78.13 -147.00 129.71
CA PRO R 466 76.89 -143.37 129.50
CA ASN R 467 80.29 -141.84 128.84
CA ASN R 468 81.77 -140.70 125.55
CA PRO R 469 83.45 -143.79 123.96
CA VAL R 470 86.88 -142.08 123.71
CA THR R 471 87.04 -142.24 127.54
CA TYR R 472 86.75 -146.05 127.56
CA MET R 473 88.16 -147.01 124.15
CA GLY R 474 91.06 -144.55 123.96
CA PHE R 475 90.55 -143.48 120.34
CA GLY R 476 88.23 -141.55 118.01
CA SER R 477 85.88 -138.58 118.27
CA TRP R 478 82.29 -139.61 118.96
CA LYS R 479 78.83 -137.99 119.09
CA LEU R 480 75.45 -139.37 120.13
CA PHE R 481 73.56 -140.58 117.07
CA GLY R 482 69.93 -141.33 116.28
CA GLN R 483 68.58 -140.27 119.67
CA GLY R 484 64.99 -141.44 119.97
CA LYS R 485 65.33 -143.43 116.72
CA VAL R 486 65.54 -147.00 115.54
CA LEU R 487 68.06 -147.68 112.77
CA VAL R 488 66.66 -148.96 109.46
CA GLY R 489 68.91 -150.42 106.81
CA TRP R 490 69.24 -148.09 103.85
CA ASN R 491 67.85 -149.62 100.71
CA GLU R 492 69.82 -149.69 97.44
CA ASP R 493 66.38 -150.21 95.76
CA ILE R 494 65.32 -146.68 94.97
CA SER R 495 61.67 -147.66 94.81
CA ASP R 496 61.56 -148.13 98.59
CA PRO R 497 59.23 -145.29 99.61
CA ASN R 498 60.68 -144.89 103.11
CA PHE R 499 64.25 -146.15 103.35
CA ALA R 500 66.06 -145.27 100.13
CA LEU R 501 65.78 -141.52 99.61
CA ASN R 502 67.10 -138.97 102.07
CA ASN R 503 64.53 -136.27 102.95
CA ASN R 504 67.33 -134.43 104.80
CA ASP R 505 69.43 -133.96 101.64
CA LEU R 506 67.39 -132.37 98.88
CA ASP R 507 68.65 -130.94 95.63
CA SER R 508 67.56 -127.61 94.20
CA GLY R 509 64.29 -129.11 92.91
CA GLY R 510 63.50 -130.56 96.35
CA ASN R 511 64.47 -134.10 95.29
CA PRO R 512 66.07 -136.35 97.92
CA SER R 513 69.41 -138.05 97.39
CA HIS R 514 69.81 -141.82 97.33
CA THR R 515 71.84 -141.85 100.57
CA ALA R 516 71.50 -143.02 104.13
CA GLY R 517 70.32 -140.50 106.70
CA GLY R 518 66.65 -140.22 105.74
CA THR R 519 64.38 -139.88 108.77
CA GLY R 520 60.68 -140.33 109.43
CA GLY R 521 58.19 -142.24 111.53
CA SER R 522 55.93 -141.38 114.41
CA THR R 523 55.60 -142.38 118.04
CA SER R 524 51.76 -142.46 117.88
CA VAL R 525 48.85 -142.24 115.50
CA THR R 526 45.56 -140.46 115.96
CA LEU R 527 42.84 -141.94 113.78
CA GLU R 528 40.82 -139.72 111.50
CA ASN R 529 37.58 -140.45 109.66
CA THR R 530 39.48 -141.07 106.41
CA ASN R 531 41.20 -144.08 108.07
CA LEU R 532 37.95 -145.84 108.95
CA PRO R 533 36.43 -148.57 106.75
CA ALA R 534 32.79 -148.67 105.82
CA THR R 535 30.47 -149.82 108.56
CA GLU R 536 26.73 -150.15 109.06
CA THR R 537 24.36 -150.41 111.99
CA ASP R 538 23.76 -153.88 113.38
CA GLU R 539 19.94 -153.46 113.02
CA GLU R 540 17.77 -151.71 110.46
CA VAL R 541 16.74 -148.15 111.20
CA LEU R 542 14.47 -145.65 109.39
CA ILE R 543 16.52 -143.80 106.80
CA VAL R 544 15.34 -140.76 104.86
CA ASP R 545 14.95 -141.79 101.24
CA GLU R 546 13.33 -139.84 98.43
CA ASN R 547 13.03 -143.23 96.70
CA GLY R 548 11.66 -144.90 99.88
CA SER R 549 8.44 -146.91 100.39
CA VAL R 550 7.85 -146.25 104.04
CA ILE R 551 5.65 -143.34 105.03
CA VAL R 552 6.15 -141.65 108.32
CA TYR R 566 6.94 -138.17 124.54
CA THR R 567 9.40 -136.72 122.03
CA LYS R 568 9.49 -135.49 118.57
CA TYR R 569 12.26 -136.50 116.19
CA ARG R 570 14.53 -134.76 113.80
CA GLU R 571 15.73 -135.87 110.41
CA ALA R 572 19.53 -135.76 110.51
CA LYS R 573 22.68 -137.78 110.13
CA ALA R 574 23.27 -139.50 113.48
CA SER R 575 26.67 -138.93 115.06
CA THR R 576 28.82 -141.41 116.90
CA ASN R 577 31.61 -140.25 119.23
CA SER R 578 30.89 -136.57 118.46
CA THR R 579 33.00 -135.48 121.45
CA HIS R 580 36.16 -137.26 120.22
CA THR R 581 37.86 -134.17 118.93
CA PRO R 582 40.43 -135.52 118.87
CA PRO R 583 40.27 -139.14 119.94
CA THR R 584 42.91 -140.79 122.15
CA SER R 585 46.09 -141.54 120.22
CA ILE R 586 47.44 -145.07 119.86
CA THR R 587 51.05 -146.14 120.31
CA ASN R 588 53.10 -146.74 117.22
CA ILE R 589 56.17 -148.07 119.07
CA GLN R 590 57.08 -151.77 118.94
CA PRO R 591 58.95 -153.45 121.83
CA TYR R 592 62.23 -151.65 122.47
CA ILE R 593 65.12 -151.12 124.81
CA THR R 594 67.22 -147.95 124.68
CA VAL R 595 71.02 -147.99 124.36
CA TYR R 596 73.75 -145.34 124.21
CA ARG R 597 74.35 -145.01 120.44
CA TRP R 598 77.23 -143.07 118.97
CA ILE R 599 78.74 -142.18 115.60
CA ARG R 600 82.49 -141.77 115.09
CA ILE R 601 82.77 -138.30 113.61
CA ALA R 602 86.56 -138.02 113.28
#